data_1NPI
# 
_entry.id   1NPI 
# 
_audit_conform.dict_name       mmcif_pdbx.dic 
_audit_conform.dict_version    5.397 
_audit_conform.dict_location   http://mmcif.pdb.org/dictionaries/ascii/mmcif_pdbx.dic 
# 
loop_
_database_2.database_id 
_database_2.database_code 
_database_2.pdbx_database_accession 
_database_2.pdbx_DOI 
PDB   1NPI         pdb_00001npi 10.2210/pdb1npi/pdb 
RCSB  RCSB018083   ?            ?                   
WWPDB D_1000018083 ?            ?                   
# 
loop_
_pdbx_audit_revision_history.ordinal 
_pdbx_audit_revision_history.data_content_type 
_pdbx_audit_revision_history.major_revision 
_pdbx_audit_revision_history.minor_revision 
_pdbx_audit_revision_history.revision_date 
1 'Structure model' 1 0 2003-02-25 
2 'Structure model' 1 1 2008-04-29 
3 'Structure model' 1 2 2011-07-13 
4 'Structure model' 1 3 2023-08-16 
5 'Structure model' 1 4 2024-10-30 
# 
_pdbx_audit_revision_details.ordinal             1 
_pdbx_audit_revision_details.revision_ordinal    1 
_pdbx_audit_revision_details.data_content_type   'Structure model' 
_pdbx_audit_revision_details.provider            repository 
_pdbx_audit_revision_details.type                'Initial release' 
_pdbx_audit_revision_details.description         ? 
_pdbx_audit_revision_details.details             ? 
# 
loop_
_pdbx_audit_revision_group.ordinal 
_pdbx_audit_revision_group.revision_ordinal 
_pdbx_audit_revision_group.data_content_type 
_pdbx_audit_revision_group.group 
1 2 'Structure model' 'Version format compliance' 
2 3 'Structure model' 'Atomic model'              
3 3 'Structure model' 'Version format compliance' 
4 4 'Structure model' 'Data collection'           
5 4 'Structure model' 'Database references'       
6 4 'Structure model' 'Derived calculations'      
7 4 'Structure model' 'Refinement description'    
8 5 'Structure model' 'Structure summary'         
# 
loop_
_pdbx_audit_revision_category.ordinal 
_pdbx_audit_revision_category.revision_ordinal 
_pdbx_audit_revision_category.data_content_type 
_pdbx_audit_revision_category.category 
1 4 'Structure model' chem_comp_atom                
2 4 'Structure model' chem_comp_bond                
3 4 'Structure model' database_2                    
4 4 'Structure model' pdbx_initial_refinement_model 
5 4 'Structure model' struct_site                   
6 5 'Structure model' pdbx_entry_details            
7 5 'Structure model' pdbx_modification_feature     
# 
loop_
_pdbx_audit_revision_item.ordinal 
_pdbx_audit_revision_item.revision_ordinal 
_pdbx_audit_revision_item.data_content_type 
_pdbx_audit_revision_item.item 
1 4 'Structure model' '_database_2.pdbx_DOI'                
2 4 'Structure model' '_database_2.pdbx_database_accession' 
3 4 'Structure model' '_struct_site.pdbx_auth_asym_id'      
4 4 'Structure model' '_struct_site.pdbx_auth_comp_id'      
5 4 'Structure model' '_struct_site.pdbx_auth_seq_id'       
# 
_pdbx_database_status.status_code                     REL 
_pdbx_database_status.entry_id                        1NPI 
_pdbx_database_status.recvd_initial_deposition_date   2003-01-17 
_pdbx_database_status.deposit_site                    RCSB 
_pdbx_database_status.process_site                    RCSB 
_pdbx_database_status.status_code_sf                  REL 
_pdbx_database_status.SG_entry                        . 
_pdbx_database_status.pdb_format_compatible           Y 
_pdbx_database_status.status_code_mr                  ? 
_pdbx_database_status.status_code_cs                  ? 
_pdbx_database_status.status_code_nmr_data            ? 
_pdbx_database_status.methods_development_category    ? 
# 
loop_
_audit_author.name 
_audit_author.pdbx_ordinal 
'Pinheiro, C.B.' 1 
'Marangoni, S.'  2 
'Toyama, M.H.'   3 
'Polikarpov, I.' 4 
# 
loop_
_citation.id 
_citation.title 
_citation.journal_abbrev 
_citation.journal_volume 
_citation.page_first 
_citation.page_last 
_citation.year 
_citation.journal_id_ASTM 
_citation.country 
_citation.journal_id_ISSN 
_citation.journal_id_CSD 
_citation.book_publisher 
_citation.pdbx_database_id_PubMed 
_citation.pdbx_database_id_DOI 
primary 
'Structural analysis of Tityus serrulatus Ts1 neurotoxin at atomic resolution: insights into interactions with Na+ channels.' 
'Acta Crystallogr.,Sect.D' 59 405  415  2003 ABCRE6 DK 0907-4449 0766 ? 12595696 10.1107/S090744490202111X 
1       
;Crystallization and preliminary diffraction data of neurotoxin Ts-c from the venom of the scorpion Tityus    
serrulatus
;
'Acta Crystallogr.,Sect.D' 54 1440 1441 1998 ABCRE6 DK 0907-4449 0766 ? ?        10.1107/S0907444998007197 
# 
loop_
_citation_author.citation_id 
_citation_author.name 
_citation_author.ordinal 
_citation_author.identifier_ORCID 
primary 'Pinheiro, C.B.' 1  ? 
primary 'Marangoni, S.'  2  ? 
primary 'Toyama, M.H.'   3  ? 
primary 'Polikarpov, I.' 4  ? 
1       'Golubev, A.M.'  5  ? 
1       'Lee, W.H.'      6  ? 
1       'Marangoni, S.'  7  ? 
1       'Novello, J.C.'  8  ? 
1       'Oliveira, B.'   9  ? 
1       'Toyama, M.H.'   10 ? 
1       'Polikarpov, I.' 11 ? 
# 
loop_
_entity.id 
_entity.type 
_entity.src_method 
_entity.pdbx_description 
_entity.formula_weight 
_entity.pdbx_number_of_molecules 
_entity.pdbx_ec 
_entity.pdbx_mutation 
_entity.pdbx_fragment 
_entity.details 
1 polymer     nat 'Toxin VII'     6901.012 1   ? ? ? ? 
2 non-polymer syn 'PHOSPHATE ION' 94.971   2   ? ? ? ? 
3 water       nat water           18.015   114 ? ? ? ? 
# 
_entity_name_com.entity_id   1 
_entity_name_com.name        TsTX-VII 
# 
_entity_poly.entity_id                      1 
_entity_poly.type                           'polypeptide(L)' 
_entity_poly.nstd_linkage                   no 
_entity_poly.nstd_monomer                   no 
_entity_poly.pdbx_seq_one_letter_code       KEGYLMDHEGCKLSCFIRPSGYCGRECGIKKGSSGYCAWPACYCYGLPNWVKVWDRATNKC 
_entity_poly.pdbx_seq_one_letter_code_can   KEGYLMDHEGCKLSCFIRPSGYCGRECGIKKGSSGYCAWPACYCYGLPNWVKVWDRATNKC 
_entity_poly.pdbx_strand_id                 A 
_entity_poly.pdbx_target_identifier         ? 
# 
loop_
_pdbx_entity_nonpoly.entity_id 
_pdbx_entity_nonpoly.name 
_pdbx_entity_nonpoly.comp_id 
2 'PHOSPHATE ION' PO4 
3 water           HOH 
# 
loop_
_entity_poly_seq.entity_id 
_entity_poly_seq.num 
_entity_poly_seq.mon_id 
_entity_poly_seq.hetero 
1 1  LYS n 
1 2  GLU n 
1 3  GLY n 
1 4  TYR n 
1 5  LEU n 
1 6  MET n 
1 7  ASP n 
1 8  HIS n 
1 9  GLU n 
1 10 GLY n 
1 11 CYS n 
1 12 LYS n 
1 13 LEU n 
1 14 SER n 
1 15 CYS n 
1 16 PHE n 
1 17 ILE n 
1 18 ARG n 
1 19 PRO n 
1 20 SER n 
1 21 GLY n 
1 22 TYR n 
1 23 CYS n 
1 24 GLY n 
1 25 ARG n 
1 26 GLU n 
1 27 CYS n 
1 28 GLY n 
1 29 ILE n 
1 30 LYS n 
1 31 LYS n 
1 32 GLY n 
1 33 SER n 
1 34 SER n 
1 35 GLY n 
1 36 TYR n 
1 37 CYS n 
1 38 ALA n 
1 39 TRP n 
1 40 PRO n 
1 41 ALA n 
1 42 CYS n 
1 43 TYR n 
1 44 CYS n 
1 45 TYR n 
1 46 GLY n 
1 47 LEU n 
1 48 PRO n 
1 49 ASN n 
1 50 TRP n 
1 51 VAL n 
1 52 LYS n 
1 53 VAL n 
1 54 TRP n 
1 55 ASP n 
1 56 ARG n 
1 57 ALA n 
1 58 THR n 
1 59 ASN n 
1 60 LYS n 
1 61 CYS n 
# 
_entity_src_nat.entity_id                  1 
_entity_src_nat.pdbx_src_id                1 
_entity_src_nat.pdbx_alt_source_flag       sample 
_entity_src_nat.pdbx_beg_seq_num           ? 
_entity_src_nat.pdbx_end_seq_num           ? 
_entity_src_nat.common_name                'Brazilian scorpion' 
_entity_src_nat.pdbx_organism_scientific   'Tityus serrulatus' 
_entity_src_nat.pdbx_ncbi_taxonomy_id      6887 
_entity_src_nat.genus                      Tityus 
_entity_src_nat.species                    ? 
_entity_src_nat.strain                     ? 
_entity_src_nat.tissue                     ? 
_entity_src_nat.tissue_fraction            ? 
_entity_src_nat.pdbx_secretion             ? 
_entity_src_nat.pdbx_fragment              ? 
_entity_src_nat.pdbx_variant               ? 
_entity_src_nat.pdbx_cell_line             ? 
_entity_src_nat.pdbx_atcc                  ? 
_entity_src_nat.pdbx_cellular_location     ? 
_entity_src_nat.pdbx_organ                 ? 
_entity_src_nat.pdbx_organelle             ? 
_entity_src_nat.pdbx_cell                  ? 
_entity_src_nat.pdbx_plasmid_name          ? 
_entity_src_nat.pdbx_plasmid_details       ? 
_entity_src_nat.details                    ? 
# 
loop_
_chem_comp.id 
_chem_comp.type 
_chem_comp.mon_nstd_flag 
_chem_comp.name 
_chem_comp.pdbx_synonyms 
_chem_comp.formula 
_chem_comp.formula_weight 
ALA 'L-peptide linking' y ALANINE         ? 'C3 H7 N O2'     89.093  
ARG 'L-peptide linking' y ARGININE        ? 'C6 H15 N4 O2 1' 175.209 
ASN 'L-peptide linking' y ASPARAGINE      ? 'C4 H8 N2 O3'    132.118 
ASP 'L-peptide linking' y 'ASPARTIC ACID' ? 'C4 H7 N O4'     133.103 
CYS 'L-peptide linking' y CYSTEINE        ? 'C3 H7 N O2 S'   121.158 
GLU 'L-peptide linking' y 'GLUTAMIC ACID' ? 'C5 H9 N O4'     147.129 
GLY 'peptide linking'   y GLYCINE         ? 'C2 H5 N O2'     75.067  
HIS 'L-peptide linking' y HISTIDINE       ? 'C6 H10 N3 O2 1' 156.162 
HOH non-polymer         . WATER           ? 'H2 O'           18.015  
ILE 'L-peptide linking' y ISOLEUCINE      ? 'C6 H13 N O2'    131.173 
LEU 'L-peptide linking' y LEUCINE         ? 'C6 H13 N O2'    131.173 
LYS 'L-peptide linking' y LYSINE          ? 'C6 H15 N2 O2 1' 147.195 
MET 'L-peptide linking' y METHIONINE      ? 'C5 H11 N O2 S'  149.211 
PHE 'L-peptide linking' y PHENYLALANINE   ? 'C9 H11 N O2'    165.189 
PO4 non-polymer         . 'PHOSPHATE ION' ? 'O4 P -3'        94.971  
PRO 'L-peptide linking' y PROLINE         ? 'C5 H9 N O2'     115.130 
SER 'L-peptide linking' y SERINE          ? 'C3 H7 N O3'     105.093 
THR 'L-peptide linking' y THREONINE       ? 'C4 H9 N O3'     119.119 
TRP 'L-peptide linking' y TRYPTOPHAN      ? 'C11 H12 N2 O2'  204.225 
TYR 'L-peptide linking' y TYROSINE        ? 'C9 H11 N O3'    181.189 
VAL 'L-peptide linking' y VALINE          ? 'C5 H11 N O2'    117.146 
# 
loop_
_pdbx_poly_seq_scheme.asym_id 
_pdbx_poly_seq_scheme.entity_id 
_pdbx_poly_seq_scheme.seq_id 
_pdbx_poly_seq_scheme.mon_id 
_pdbx_poly_seq_scheme.ndb_seq_num 
_pdbx_poly_seq_scheme.pdb_seq_num 
_pdbx_poly_seq_scheme.auth_seq_num 
_pdbx_poly_seq_scheme.pdb_mon_id 
_pdbx_poly_seq_scheme.auth_mon_id 
_pdbx_poly_seq_scheme.pdb_strand_id 
_pdbx_poly_seq_scheme.pdb_ins_code 
_pdbx_poly_seq_scheme.hetero 
A 1 1  LYS 1  1  1  LYS LYS A . n 
A 1 2  GLU 2  2  2  GLU GLU A . n 
A 1 3  GLY 3  3  3  GLY GLY A . n 
A 1 4  TYR 4  4  4  TYR TYR A . n 
A 1 5  LEU 5  5  5  LEU LEU A . n 
A 1 6  MET 6  6  6  MET MET A . n 
A 1 7  ASP 7  7  7  ASP ASP A . n 
A 1 8  HIS 8  8  8  HIS HIS A . n 
A 1 9  GLU 9  9  9  GLU GLU A . n 
A 1 10 GLY 10 10 10 GLY GLY A . n 
A 1 11 CYS 11 11 11 CYS CYS A . n 
A 1 12 LYS 12 12 12 LYS LYS A . n 
A 1 13 LEU 13 13 13 LEU LEU A . n 
A 1 14 SER 14 14 14 SER SER A . n 
A 1 15 CYS 15 15 15 CYS CYS A . n 
A 1 16 PHE 16 16 16 PHE PHE A . n 
A 1 17 ILE 17 17 17 ILE ILE A . n 
A 1 18 ARG 18 18 18 ARG ARG A . n 
A 1 19 PRO 19 19 19 PRO PRO A . n 
A 1 20 SER 20 20 20 SER SER A . n 
A 1 21 GLY 21 21 21 GLY GLY A . n 
A 1 22 TYR 22 22 22 TYR TYR A . n 
A 1 23 CYS 23 23 23 CYS CYS A . n 
A 1 24 GLY 24 24 24 GLY GLY A . n 
A 1 25 ARG 25 25 25 ARG ARG A . n 
A 1 26 GLU 26 26 26 GLU GLU A . n 
A 1 27 CYS 27 27 27 CYS CYS A . n 
A 1 28 GLY 28 28 28 GLY GLY A . n 
A 1 29 ILE 29 29 29 ILE ILE A . n 
A 1 30 LYS 30 30 30 LYS LYS A . n 
A 1 31 LYS 31 31 31 LYS LYS A . n 
A 1 32 GLY 32 32 32 GLY GLY A . n 
A 1 33 SER 33 33 33 SER SER A . n 
A 1 34 SER 34 34 34 SER SER A . n 
A 1 35 GLY 35 35 35 GLY GLY A . n 
A 1 36 TYR 36 36 36 TYR TYR A . n 
A 1 37 CYS 37 37 37 CYS CYS A . n 
A 1 38 ALA 38 38 38 ALA ALA A . n 
A 1 39 TRP 39 39 39 TRP TRP A . n 
A 1 40 PRO 40 40 40 PRO PRO A . n 
A 1 41 ALA 41 41 41 ALA ALA A . n 
A 1 42 CYS 42 42 42 CYS CYS A . n 
A 1 43 TYR 43 43 43 TYR TYR A . n 
A 1 44 CYS 44 44 44 CYS CYS A . n 
A 1 45 TYR 45 45 45 TYR TYR A . n 
A 1 46 GLY 46 46 46 GLY GLY A . n 
A 1 47 LEU 47 47 47 LEU LEU A . n 
A 1 48 PRO 48 48 48 PRO PRO A . n 
A 1 49 ASN 49 49 49 ASN ASN A . n 
A 1 50 TRP 50 50 50 TRP TRP A . n 
A 1 51 VAL 51 51 51 VAL VAL A . n 
A 1 52 LYS 52 52 52 LYS LYS A . n 
A 1 53 VAL 53 53 53 VAL VAL A . n 
A 1 54 TRP 54 54 54 TRP TRP A . n 
A 1 55 ASP 55 55 55 ASP ASP A . n 
A 1 56 ARG 56 56 56 ARG ARG A . n 
A 1 57 ALA 57 57 57 ALA ALA A . n 
A 1 58 THR 58 58 58 THR THR A . n 
A 1 59 ASN 59 59 59 ASN ASN A . n 
A 1 60 LYS 60 60 60 LYS LYS A . n 
A 1 61 CYS 61 61 61 CYS CYS A . n 
# 
loop_
_pdbx_nonpoly_scheme.asym_id 
_pdbx_nonpoly_scheme.entity_id 
_pdbx_nonpoly_scheme.mon_id 
_pdbx_nonpoly_scheme.ndb_seq_num 
_pdbx_nonpoly_scheme.pdb_seq_num 
_pdbx_nonpoly_scheme.auth_seq_num 
_pdbx_nonpoly_scheme.pdb_mon_id 
_pdbx_nonpoly_scheme.auth_mon_id 
_pdbx_nonpoly_scheme.pdb_strand_id 
_pdbx_nonpoly_scheme.pdb_ins_code 
B 2 PO4 1   201 201 PO4 PO4 A . 
C 2 PO4 1   202 202 PO4 PO4 A . 
D 3 HOH 1   203 1   HOH HOH A . 
D 3 HOH 2   204 2   HOH HOH A . 
D 3 HOH 3   205 3   HOH HOH A . 
D 3 HOH 4   206 4   HOH HOH A . 
D 3 HOH 5   207 5   HOH HOH A . 
D 3 HOH 6   208 6   HOH HOH A . 
D 3 HOH 7   209 7   HOH HOH A . 
D 3 HOH 8   210 8   HOH HOH A . 
D 3 HOH 9   211 9   HOH HOH A . 
D 3 HOH 10  212 10  HOH HOH A . 
D 3 HOH 11  213 11  HOH HOH A . 
D 3 HOH 12  214 12  HOH HOH A . 
D 3 HOH 13  215 13  HOH HOH A . 
D 3 HOH 14  216 14  HOH HOH A . 
D 3 HOH 15  217 15  HOH HOH A . 
D 3 HOH 16  218 16  HOH HOH A . 
D 3 HOH 17  219 17  HOH HOH A . 
D 3 HOH 18  220 18  HOH HOH A . 
D 3 HOH 19  221 19  HOH HOH A . 
D 3 HOH 20  222 20  HOH HOH A . 
D 3 HOH 21  223 21  HOH HOH A . 
D 3 HOH 22  224 22  HOH HOH A . 
D 3 HOH 23  225 23  HOH HOH A . 
D 3 HOH 24  226 24  HOH HOH A . 
D 3 HOH 25  227 25  HOH HOH A . 
D 3 HOH 26  228 26  HOH HOH A . 
D 3 HOH 27  229 27  HOH HOH A . 
D 3 HOH 28  230 28  HOH HOH A . 
D 3 HOH 29  231 29  HOH HOH A . 
D 3 HOH 30  232 30  HOH HOH A . 
D 3 HOH 31  233 31  HOH HOH A . 
D 3 HOH 32  234 32  HOH HOH A . 
D 3 HOH 33  235 33  HOH HOH A . 
D 3 HOH 34  236 34  HOH HOH A . 
D 3 HOH 35  237 35  HOH HOH A . 
D 3 HOH 36  238 36  HOH HOH A . 
D 3 HOH 37  239 37  HOH HOH A . 
D 3 HOH 38  240 38  HOH HOH A . 
D 3 HOH 39  241 39  HOH HOH A . 
D 3 HOH 40  242 40  HOH HOH A . 
D 3 HOH 41  243 41  HOH HOH A . 
D 3 HOH 42  244 42  HOH HOH A . 
D 3 HOH 43  245 43  HOH HOH A . 
D 3 HOH 44  246 44  HOH HOH A . 
D 3 HOH 45  247 45  HOH HOH A . 
D 3 HOH 46  248 46  HOH HOH A . 
D 3 HOH 47  249 47  HOH HOH A . 
D 3 HOH 48  250 48  HOH HOH A . 
D 3 HOH 49  251 49  HOH HOH A . 
D 3 HOH 50  252 50  HOH HOH A . 
D 3 HOH 51  253 51  HOH HOH A . 
D 3 HOH 52  254 52  HOH HOH A . 
D 3 HOH 53  255 53  HOH HOH A . 
D 3 HOH 54  256 54  HOH HOH A . 
D 3 HOH 55  257 55  HOH HOH A . 
D 3 HOH 56  258 56  HOH HOH A . 
D 3 HOH 57  259 57  HOH HOH A . 
D 3 HOH 58  260 58  HOH HOH A . 
D 3 HOH 59  261 59  HOH HOH A . 
D 3 HOH 60  262 60  HOH HOH A . 
D 3 HOH 61  263 61  HOH HOH A . 
D 3 HOH 62  264 62  HOH HOH A . 
D 3 HOH 63  265 63  HOH HOH A . 
D 3 HOH 64  266 64  HOH HOH A . 
D 3 HOH 65  267 65  HOH HOH A . 
D 3 HOH 66  268 66  HOH HOH A . 
D 3 HOH 67  269 67  HOH HOH A . 
D 3 HOH 68  270 68  HOH HOH A . 
D 3 HOH 69  271 69  HOH HOH A . 
D 3 HOH 70  272 70  HOH HOH A . 
D 3 HOH 71  273 71  HOH HOH A . 
D 3 HOH 72  274 72  HOH HOH A . 
D 3 HOH 73  275 73  HOH HOH A . 
D 3 HOH 74  276 74  HOH HOH A . 
D 3 HOH 75  277 75  HOH HOH A . 
D 3 HOH 76  278 76  HOH HOH A . 
D 3 HOH 77  279 77  HOH HOH A . 
D 3 HOH 78  280 78  HOH HOH A . 
D 3 HOH 79  281 79  HOH HOH A . 
D 3 HOH 80  282 80  HOH HOH A . 
D 3 HOH 81  283 81  HOH HOH A . 
D 3 HOH 82  284 82  HOH HOH A . 
D 3 HOH 83  285 83  HOH HOH A . 
D 3 HOH 84  286 84  HOH HOH A . 
D 3 HOH 85  287 85  HOH HOH A . 
D 3 HOH 86  288 86  HOH HOH A . 
D 3 HOH 87  289 87  HOH HOH A . 
D 3 HOH 88  290 88  HOH HOH A . 
D 3 HOH 89  291 89  HOH HOH A . 
D 3 HOH 90  292 90  HOH HOH A . 
D 3 HOH 91  293 91  HOH HOH A . 
D 3 HOH 92  294 92  HOH HOH A . 
D 3 HOH 93  295 93  HOH HOH A . 
D 3 HOH 94  296 94  HOH HOH A . 
D 3 HOH 95  297 95  HOH HOH A . 
D 3 HOH 96  298 96  HOH HOH A . 
D 3 HOH 97  299 97  HOH HOH A . 
D 3 HOH 98  300 98  HOH HOH A . 
D 3 HOH 99  301 99  HOH HOH A . 
D 3 HOH 100 302 100 HOH HOH A . 
D 3 HOH 101 303 101 HOH HOH A . 
D 3 HOH 102 304 102 HOH HOH A . 
D 3 HOH 103 305 103 HOH HOH A . 
D 3 HOH 104 306 104 HOH HOH A . 
D 3 HOH 105 307 105 HOH HOH A . 
D 3 HOH 106 308 106 HOH HOH A . 
D 3 HOH 107 309 107 HOH HOH A . 
D 3 HOH 108 310 108 HOH HOH A . 
D 3 HOH 109 311 109 HOH HOH A . 
D 3 HOH 110 312 110 HOH HOH A . 
D 3 HOH 111 313 111 HOH HOH A . 
D 3 HOH 112 314 112 HOH HOH A . 
D 3 HOH 113 315 113 HOH HOH A . 
D 3 HOH 114 316 114 HOH HOH A . 
# 
loop_
_software.name 
_software.classification 
_software.version 
_software.citation_id 
_software.pdbx_ordinal 
DENZO     'data reduction' .    ? 1 
SCALE     'data reduction' PACK ? 2 
SHELX     'model building' .    ? 3 
SHELXL-97 refinement       .    ? 4 
SCALEPACK 'data scaling'   .    ? 5 
AMoRE     phasing          .    ? 6 
# 
_cell.entry_id           1NPI 
_cell.length_a           23.250 
_cell.length_b           36.610 
_cell.length_c           31.100 
_cell.angle_alpha        90.00 
_cell.angle_beta         105.58 
_cell.angle_gamma        90.00 
_cell.Z_PDB              2 
_cell.pdbx_unique_axis   ? 
# 
_symmetry.entry_id                         1NPI 
_symmetry.space_group_name_H-M             'P 1 21 1' 
_symmetry.pdbx_full_space_group_name_H-M   ? 
_symmetry.cell_setting                     ? 
_symmetry.Int_Tables_number                4 
# 
_exptl.entry_id          1NPI 
_exptl.method            'X-RAY DIFFRACTION' 
_exptl.crystals_number   1 
# 
_exptl_crystal.id                    1 
_exptl_crystal.density_meas          ? 
_exptl_crystal.density_Matthews      1.54 
_exptl_crystal.density_percent_sol   13.83 
_exptl_crystal.description           ? 
# 
_exptl_crystal_grow.crystal_id      1 
_exptl_crystal_grow.method          'VAPOR DIFFUSION, HANGING DROP' 
_exptl_crystal_grow.temp            298 
_exptl_crystal_grow.temp_details    ? 
_exptl_crystal_grow.pH              6.0 
_exptl_crystal_grow.pdbx_details    'PEG 6000, potassium phosphate, pH 6.0, VAPOR DIFFUSION, HANGING DROP, temperature 298K' 
_exptl_crystal_grow.pdbx_pH_range   ? 
# 
_diffrn.id                     1 
_diffrn.ambient_temp           298 
_diffrn.ambient_temp_details   ? 
_diffrn.crystal_id             1 
# 
_diffrn_detector.diffrn_id              1 
_diffrn_detector.detector               'IMAGE PLATE' 
_diffrn_detector.type                   MARRESEARCH 
_diffrn_detector.pdbx_collection_date   1999-08-01 
_diffrn_detector.details                ? 
# 
_diffrn_radiation.diffrn_id                        1 
_diffrn_radiation.wavelength_id                    1 
_diffrn_radiation.pdbx_monochromatic_or_laue_m_l   M 
_diffrn_radiation.monochromator                    ? 
_diffrn_radiation.pdbx_diffrn_protocol             'SINGLE WAVELENGTH' 
_diffrn_radiation.pdbx_scattering_type             x-ray 
# 
loop_
_diffrn_radiation_wavelength.id 
_diffrn_radiation_wavelength.wavelength 
_diffrn_radiation_wavelength.wt 
1 1.28 1.0 
2 1.38 1.0 
# 
_diffrn_source.diffrn_id                   1 
_diffrn_source.source                      SYNCHROTRON 
_diffrn_source.type                        'LNLS BEAMLINE D03B-MX1' 
_diffrn_source.pdbx_synchrotron_site       LNLS 
_diffrn_source.pdbx_synchrotron_beamline   D03B-MX1 
_diffrn_source.pdbx_wavelength             ? 
_diffrn_source.pdbx_wavelength_list        '1.28, 1.38' 
# 
_reflns.entry_id                     1NPI 
_reflns.observed_criterion_sigma_I   2 
_reflns.observed_criterion_sigma_F   4 
_reflns.d_resolution_low             12.50 
_reflns.d_resolution_high            1.16 
_reflns.number_obs                   11943 
_reflns.number_all                   16095 
_reflns.percent_possible_obs         92 
_reflns.pdbx_Rmerge_I_obs            ? 
_reflns.pdbx_Rsym_value              0.078 
_reflns.pdbx_netI_over_sigmaI        12 
_reflns.B_iso_Wilson_estimate        ? 
_reflns.pdbx_redundancy              3 
_reflns.R_free_details               ? 
_reflns.limit_h_max                  ? 
_reflns.limit_h_min                  ? 
_reflns.limit_k_max                  ? 
_reflns.limit_k_min                  ? 
_reflns.limit_l_max                  ? 
_reflns.limit_l_min                  ? 
_reflns.observed_criterion_F_max     ? 
_reflns.observed_criterion_F_min     ? 
_reflns.pdbx_ordinal                 1 
_reflns.pdbx_diffrn_id               1 
# 
_reflns_shell.d_res_high             1.16 
_reflns_shell.d_res_low              1.19 
_reflns_shell.percent_possible_all   52 
_reflns_shell.Rmerge_I_obs           ? 
_reflns_shell.pdbx_Rsym_value        ? 
_reflns_shell.meanI_over_sigI_obs    ? 
_reflns_shell.pdbx_redundancy        ? 
_reflns_shell.percent_possible_obs   ? 
_reflns_shell.number_unique_all      ? 
_reflns_shell.pdbx_ordinal           1 
_reflns_shell.pdbx_diffrn_id         1 
# 
_refine.entry_id                                 1NPI 
_refine.ls_number_reflns_obs                     12566 
_refine.ls_number_reflns_all                     16095 
_refine.pdbx_ls_sigma_I                          2 
_refine.pdbx_ls_sigma_F                          4 
_refine.pdbx_data_cutoff_high_absF               ? 
_refine.pdbx_data_cutoff_low_absF                ? 
_refine.ls_d_res_low                             12.50 
_refine.ls_d_res_high                            1.16 
_refine.ls_percent_reflns_obs                    78 
_refine.ls_R_factor_obs                          0.0878 
_refine.ls_R_factor_all                          0.1033 
_refine.ls_R_factor_R_work                       0.0821 
_refine.ls_R_factor_R_free                       0.1391 
_refine.ls_R_factor_R_free_error                 ? 
_refine.ls_R_factor_R_free_error_details         ? 
_refine.ls_percent_reflns_R_free                 4.9 
_refine.ls_number_reflns_R_free                  623 
_refine.ls_number_parameters                     5797 
_refine.ls_number_restraints                     5711 
_refine.occupancy_min                            ? 
_refine.occupancy_max                            ? 
_refine.correlation_coeff_Fo_to_Fc               ? 
_refine.correlation_coeff_Fo_to_Fc_free          ? 
_refine.B_iso_mean                               ? 
_refine.aniso_B[1][1]                            ? 
_refine.aniso_B[2][2]                            ? 
_refine.aniso_B[3][3]                            ? 
_refine.aniso_B[1][2]                            ? 
_refine.aniso_B[1][3]                            ? 
_refine.aniso_B[2][3]                            ? 
_refine.solvent_model_details                    ? 
_refine.solvent_model_param_ksol                 ? 
_refine.solvent_model_param_bsol                 ? 
_refine.pdbx_solvent_vdw_probe_radii             ? 
_refine.pdbx_solvent_ion_probe_radii             ? 
_refine.pdbx_solvent_shrinkage_radii             ? 
_refine.pdbx_ls_cross_valid_method               'FREE R' 
_refine.details                                  ? 
_refine.pdbx_starting_model                      1B7D 
_refine.pdbx_method_to_determine_struct          'MOLECULAR REPLACEMENT' 
_refine.pdbx_isotropic_thermal_model             ? 
_refine.pdbx_stereochemistry_target_values       ? 
_refine.pdbx_stereochem_target_val_spec_case     ? 
_refine.pdbx_R_Free_selection_details            RANDOM 
_refine.pdbx_overall_ESU_R_Free                  ? 
_refine.overall_SU_B                             ? 
_refine.ls_redundancy_reflns_obs                 ? 
_refine.B_iso_min                                ? 
_refine.B_iso_max                                ? 
_refine.overall_SU_R_Cruickshank_DPI             ? 
_refine.overall_SU_R_free                        ? 
_refine.overall_SU_ML                            ? 
_refine.pdbx_overall_ESU_R                       ? 
_refine.pdbx_data_cutoff_high_rms_absF           ? 
_refine.pdbx_refine_id                           'X-RAY DIFFRACTION' 
_refine.pdbx_diffrn_id                           1 
_refine.pdbx_TLS_residual_ADP_flag               ? 
_refine.pdbx_overall_phase_error                 ? 
_refine.pdbx_overall_SU_R_free_Cruickshank_DPI   ? 
_refine.pdbx_overall_SU_R_Blow_DPI               ? 
_refine.pdbx_overall_SU_R_free_Blow_DPI          ? 
# 
_refine_analyze.entry_id                        1NPI 
_refine_analyze.Luzzati_coordinate_error_obs    ? 
_refine_analyze.Luzzati_sigma_a_obs             ? 
_refine_analyze.Luzzati_d_res_low_obs           ? 
_refine_analyze.Luzzati_coordinate_error_free   ? 
_refine_analyze.Luzzati_sigma_a_free            ? 
_refine_analyze.Luzzati_d_res_low_free          ? 
_refine_analyze.number_disordered_residues      7 
_refine_analyze.occupancy_sum_hydrogen          442.78 
_refine_analyze.occupancy_sum_non_hydrogen      574.50 
_refine_analyze.pdbx_Luzzati_d_res_high_obs     ? 
_refine_analyze.pdbx_refine_id                  'X-RAY DIFFRACTION' 
# 
_refine_hist.pdbx_refine_id                   'X-RAY DIFFRACTION' 
_refine_hist.cycle_id                         LAST 
_refine_hist.pdbx_number_atoms_protein        478 
_refine_hist.pdbx_number_atoms_nucleic_acid   0 
_refine_hist.pdbx_number_atoms_ligand         10 
_refine_hist.number_atoms_solvent             114 
_refine_hist.number_atoms_total               602 
_refine_hist.d_res_high                       1.16 
_refine_hist.d_res_low                        12.50 
# 
loop_
_refine_ls_restr.type 
_refine_ls_restr.dev_ideal 
_refine_ls_restr.dev_ideal_target 
_refine_ls_restr.weight 
_refine_ls_restr.number 
_refine_ls_restr.pdbx_refine_id 
_refine_ls_restr.pdbx_restraint_function 
s_bond_d               0.000  ? ? ? 'X-RAY DIFFRACTION' ? 
s_angle_d              0.000  ? ? ? 'X-RAY DIFFRACTION' ? 
s_similar_dist         0.000  ? ? ? 'X-RAY DIFFRACTION' ? 
s_from_restr_planes    0.0301 ? ? ? 'X-RAY DIFFRACTION' ? 
s_zero_chiral_vol      0.000  ? ? ? 'X-RAY DIFFRACTION' ? 
s_non_zero_chiral_vol  0.000  ? ? ? 'X-RAY DIFFRACTION' ? 
s_anti_bump_dis_restr  0.056  ? ? ? 'X-RAY DIFFRACTION' ? 
s_rigid_bond_adp_cmpnt 0.005  ? ? ? 'X-RAY DIFFRACTION' ? 
s_similar_adp_cmpnt    0.059  ? ? ? 'X-RAY DIFFRACTION' ? 
s_approx_iso_adps      0.093  ? ? ? 'X-RAY DIFFRACTION' ? 
# 
_pdbx_refine.entry_id                                    1NPI 
_pdbx_refine.R_factor_all_no_cutoff                      0.1033 
_pdbx_refine.R_factor_obs_no_cutoff                      0.0974 
_pdbx_refine.free_R_factor_no_cutoff                     0.1587 
_pdbx_refine.free_R_val_test_set_size_perc_no_cutoff     4.9 
_pdbx_refine.free_R_val_test_set_ct_no_cutoff            785 
_pdbx_refine.R_factor_all_4sig_cutoff                    0.0878 
_pdbx_refine.R_factor_obs_4sig_cutoff                    0.0821 
_pdbx_refine.free_R_factor_4sig_cutoff                   0.1391 
_pdbx_refine.free_R_val_test_set_size_perc_4sig_cutoff   5.0 
_pdbx_refine.free_R_val_test_set_ct_4sig_cutoff          623 
_pdbx_refine.number_reflns_obs_4sig_cutoff               12566 
_pdbx_refine.number_reflns_obs_no_cutoff                 ? 
_pdbx_refine.pdbx_refine_id                              'X-RAY DIFFRACTION' 
_pdbx_refine.free_R_error_no_cutoff                      ? 
# 
_struct.entry_id                  1NPI 
_struct.title                     'Tityus Serrulatus Neurotoxin (Ts1) at atomic resolution' 
_struct.pdbx_model_details        ? 
_struct.pdbx_CASP_flag            ? 
_struct.pdbx_model_type_details   ? 
# 
_struct_keywords.entry_id        1NPI 
_struct_keywords.pdbx_keywords   TOXIN 
_struct_keywords.text            'XCITATORY NEUROTOXIN, TOXIN' 
# 
loop_
_struct_asym.id 
_struct_asym.pdbx_blank_PDB_chainid_flag 
_struct_asym.pdbx_modified 
_struct_asym.entity_id 
_struct_asym.details 
A N N 1 ? 
B N N 2 ? 
C N N 2 ? 
D N N 3 ? 
# 
_struct_ref.id                         1 
_struct_ref.db_name                    UNP 
_struct_ref.db_code                    SCX7_TITSE 
_struct_ref.pdbx_db_accession          P15226 
_struct_ref.entity_id                  1 
_struct_ref.pdbx_seq_one_letter_code   KEGYLMDHEGCKLSCFIRPSGYCGRECGIKKGSSGYCAWPACYCYGLPNWVKVWDRATNKC 
_struct_ref.pdbx_align_begin           21 
_struct_ref.pdbx_db_isoform            ? 
# 
_struct_ref_seq.align_id                      1 
_struct_ref_seq.ref_id                        1 
_struct_ref_seq.pdbx_PDB_id_code              1NPI 
_struct_ref_seq.pdbx_strand_id                A 
_struct_ref_seq.seq_align_beg                 1 
_struct_ref_seq.pdbx_seq_align_beg_ins_code   ? 
_struct_ref_seq.seq_align_end                 61 
_struct_ref_seq.pdbx_seq_align_end_ins_code   ? 
_struct_ref_seq.pdbx_db_accession             P15226 
_struct_ref_seq.db_align_beg                  21 
_struct_ref_seq.pdbx_db_align_beg_ins_code    ? 
_struct_ref_seq.db_align_end                  81 
_struct_ref_seq.pdbx_db_align_end_ins_code    ? 
_struct_ref_seq.pdbx_auth_seq_align_beg       1 
_struct_ref_seq.pdbx_auth_seq_align_end       61 
# 
_pdbx_struct_assembly.id                   1 
_pdbx_struct_assembly.details              author_defined_assembly 
_pdbx_struct_assembly.method_details       ? 
_pdbx_struct_assembly.oligomeric_details   monomeric 
_pdbx_struct_assembly.oligomeric_count     1 
# 
_pdbx_struct_assembly_gen.assembly_id       1 
_pdbx_struct_assembly_gen.oper_expression   1 
_pdbx_struct_assembly_gen.asym_id_list      A,B,C,D 
# 
_pdbx_struct_oper_list.id                   1 
_pdbx_struct_oper_list.type                 'identity operation' 
_pdbx_struct_oper_list.name                 1_555 
_pdbx_struct_oper_list.symmetry_operation   x,y,z 
_pdbx_struct_oper_list.matrix[1][1]         1.0000000000 
_pdbx_struct_oper_list.matrix[1][2]         0.0000000000 
_pdbx_struct_oper_list.matrix[1][3]         0.0000000000 
_pdbx_struct_oper_list.vector[1]            0.0000000000 
_pdbx_struct_oper_list.matrix[2][1]         0.0000000000 
_pdbx_struct_oper_list.matrix[2][2]         1.0000000000 
_pdbx_struct_oper_list.matrix[2][3]         0.0000000000 
_pdbx_struct_oper_list.vector[2]            0.0000000000 
_pdbx_struct_oper_list.matrix[3][1]         0.0000000000 
_pdbx_struct_oper_list.matrix[3][2]         0.0000000000 
_pdbx_struct_oper_list.matrix[3][3]         1.0000000000 
_pdbx_struct_oper_list.vector[3]            0.0000000000 
# 
_struct_biol.id                    1 
_struct_biol.pdbx_parent_biol_id   ? 
_struct_biol.details               ? 
# 
_struct_conf.conf_type_id            HELX_P 
_struct_conf.id                      HELX_P1 
_struct_conf.pdbx_PDB_helix_id       1 
_struct_conf.beg_label_comp_id       GLY 
_struct_conf.beg_label_asym_id       A 
_struct_conf.beg_label_seq_id        21 
_struct_conf.pdbx_beg_PDB_ins_code   ? 
_struct_conf.end_label_comp_id       LYS 
_struct_conf.end_label_asym_id       A 
_struct_conf.end_label_seq_id        30 
_struct_conf.pdbx_end_PDB_ins_code   ? 
_struct_conf.beg_auth_comp_id        GLY 
_struct_conf.beg_auth_asym_id        A 
_struct_conf.beg_auth_seq_id         21 
_struct_conf.end_auth_comp_id        LYS 
_struct_conf.end_auth_asym_id        A 
_struct_conf.end_auth_seq_id         30 
_struct_conf.pdbx_PDB_helix_class    1 
_struct_conf.details                 ? 
_struct_conf.pdbx_PDB_helix_length   10 
# 
_struct_conf_type.id          HELX_P 
_struct_conf_type.criteria    ? 
_struct_conf_type.reference   ? 
# 
loop_
_struct_conn.id 
_struct_conn.conn_type_id 
_struct_conn.pdbx_leaving_atom_flag 
_struct_conn.pdbx_PDB_id 
_struct_conn.ptnr1_label_asym_id 
_struct_conn.ptnr1_label_comp_id 
_struct_conn.ptnr1_label_seq_id 
_struct_conn.ptnr1_label_atom_id 
_struct_conn.pdbx_ptnr1_label_alt_id 
_struct_conn.pdbx_ptnr1_PDB_ins_code 
_struct_conn.pdbx_ptnr1_standard_comp_id 
_struct_conn.ptnr1_symmetry 
_struct_conn.ptnr2_label_asym_id 
_struct_conn.ptnr2_label_comp_id 
_struct_conn.ptnr2_label_seq_id 
_struct_conn.ptnr2_label_atom_id 
_struct_conn.pdbx_ptnr2_label_alt_id 
_struct_conn.pdbx_ptnr2_PDB_ins_code 
_struct_conn.ptnr1_auth_asym_id 
_struct_conn.ptnr1_auth_comp_id 
_struct_conn.ptnr1_auth_seq_id 
_struct_conn.ptnr2_auth_asym_id 
_struct_conn.ptnr2_auth_comp_id 
_struct_conn.ptnr2_auth_seq_id 
_struct_conn.ptnr2_symmetry 
_struct_conn.pdbx_ptnr3_label_atom_id 
_struct_conn.pdbx_ptnr3_label_seq_id 
_struct_conn.pdbx_ptnr3_label_comp_id 
_struct_conn.pdbx_ptnr3_label_asym_id 
_struct_conn.pdbx_ptnr3_label_alt_id 
_struct_conn.pdbx_ptnr3_PDB_ins_code 
_struct_conn.details 
_struct_conn.pdbx_dist_value 
_struct_conn.pdbx_value_order 
_struct_conn.pdbx_role 
disulf1 disulf ? ? A CYS 11 SG ? ? ? 1_555 A CYS 61 SG ? ? A CYS 11 A CYS 61 1_555 ? ? ? ? ? ? ? 2.010 ? ? 
disulf2 disulf ? ? A CYS 15 SG ? ? ? 1_555 A CYS 37 SG ? ? A CYS 15 A CYS 37 1_555 ? ? ? ? ? ? ? 2.021 ? ? 
disulf3 disulf ? ? A CYS 23 SG ? ? ? 1_555 A CYS 42 SG ? ? A CYS 23 A CYS 42 1_555 ? ? ? ? ? ? ? 2.030 ? ? 
disulf4 disulf ? ? A CYS 27 SG ? ? ? 1_555 A CYS 44 SG ? ? A CYS 27 A CYS 44 1_555 ? ? ? ? ? ? ? 2.016 ? ? 
# 
_struct_conn_type.id          disulf 
_struct_conn_type.criteria    ? 
_struct_conn_type.reference   ? 
# 
loop_
_pdbx_modification_feature.ordinal 
_pdbx_modification_feature.label_comp_id 
_pdbx_modification_feature.label_asym_id 
_pdbx_modification_feature.label_seq_id 
_pdbx_modification_feature.label_alt_id 
_pdbx_modification_feature.modified_residue_label_comp_id 
_pdbx_modification_feature.modified_residue_label_asym_id 
_pdbx_modification_feature.modified_residue_label_seq_id 
_pdbx_modification_feature.modified_residue_label_alt_id 
_pdbx_modification_feature.auth_comp_id 
_pdbx_modification_feature.auth_asym_id 
_pdbx_modification_feature.auth_seq_id 
_pdbx_modification_feature.PDB_ins_code 
_pdbx_modification_feature.symmetry 
_pdbx_modification_feature.modified_residue_auth_comp_id 
_pdbx_modification_feature.modified_residue_auth_asym_id 
_pdbx_modification_feature.modified_residue_auth_seq_id 
_pdbx_modification_feature.modified_residue_PDB_ins_code 
_pdbx_modification_feature.modified_residue_symmetry 
_pdbx_modification_feature.comp_id_linking_atom 
_pdbx_modification_feature.modified_residue_id_linking_atom 
_pdbx_modification_feature.modified_residue_id 
_pdbx_modification_feature.ref_pcm_id 
_pdbx_modification_feature.ref_comp_id 
_pdbx_modification_feature.type 
_pdbx_modification_feature.category 
1 CYS A 11 ? CYS A 61 ? CYS A 11 ? 1_555 CYS A 61 ? 1_555 SG SG . . . None 'Disulfide bridge' 
2 CYS A 15 ? CYS A 37 ? CYS A 15 ? 1_555 CYS A 37 ? 1_555 SG SG . . . None 'Disulfide bridge' 
3 CYS A 23 ? CYS A 42 ? CYS A 23 ? 1_555 CYS A 42 ? 1_555 SG SG . . . None 'Disulfide bridge' 
4 CYS A 27 ? CYS A 44 ? CYS A 27 ? 1_555 CYS A 44 ? 1_555 SG SG . . . None 'Disulfide bridge' 
# 
_struct_mon_prot_cis.pdbx_id                1 
_struct_mon_prot_cis.label_comp_id          TRP 
_struct_mon_prot_cis.label_seq_id           39 
_struct_mon_prot_cis.label_asym_id          A 
_struct_mon_prot_cis.label_alt_id           . 
_struct_mon_prot_cis.pdbx_PDB_ins_code      ? 
_struct_mon_prot_cis.auth_comp_id           TRP 
_struct_mon_prot_cis.auth_seq_id            39 
_struct_mon_prot_cis.auth_asym_id           A 
_struct_mon_prot_cis.pdbx_label_comp_id_2   PRO 
_struct_mon_prot_cis.pdbx_label_seq_id_2    40 
_struct_mon_prot_cis.pdbx_label_asym_id_2   A 
_struct_mon_prot_cis.pdbx_PDB_ins_code_2    ? 
_struct_mon_prot_cis.pdbx_auth_comp_id_2    PRO 
_struct_mon_prot_cis.pdbx_auth_seq_id_2     40 
_struct_mon_prot_cis.pdbx_auth_asym_id_2    A 
_struct_mon_prot_cis.pdbx_PDB_model_num     1 
_struct_mon_prot_cis.pdbx_omega_angle       13.93 
# 
_struct_sheet.id               A 
_struct_sheet.type             ? 
_struct_sheet.number_strands   3 
_struct_sheet.details          ? 
# 
loop_
_struct_sheet_order.sheet_id 
_struct_sheet_order.range_id_1 
_struct_sheet_order.range_id_2 
_struct_sheet_order.offset 
_struct_sheet_order.sense 
A 1 2 ? anti-parallel 
A 2 3 ? anti-parallel 
# 
loop_
_struct_sheet_range.sheet_id 
_struct_sheet_range.id 
_struct_sheet_range.beg_label_comp_id 
_struct_sheet_range.beg_label_asym_id 
_struct_sheet_range.beg_label_seq_id 
_struct_sheet_range.pdbx_beg_PDB_ins_code 
_struct_sheet_range.end_label_comp_id 
_struct_sheet_range.end_label_asym_id 
_struct_sheet_range.end_label_seq_id 
_struct_sheet_range.pdbx_end_PDB_ins_code 
_struct_sheet_range.beg_auth_comp_id 
_struct_sheet_range.beg_auth_asym_id 
_struct_sheet_range.beg_auth_seq_id 
_struct_sheet_range.end_auth_comp_id 
_struct_sheet_range.end_auth_asym_id 
_struct_sheet_range.end_auth_seq_id 
A 1 GLY A 3  ? TYR A 4  ? GLY A 3  TYR A 4  
A 2 ALA A 41 ? TYR A 45 ? ALA A 41 TYR A 45 
A 3 SER A 34 ? ALA A 38 ? SER A 34 ALA A 38 
# 
loop_
_pdbx_struct_sheet_hbond.sheet_id 
_pdbx_struct_sheet_hbond.range_id_1 
_pdbx_struct_sheet_hbond.range_id_2 
_pdbx_struct_sheet_hbond.range_1_label_atom_id 
_pdbx_struct_sheet_hbond.range_1_label_comp_id 
_pdbx_struct_sheet_hbond.range_1_label_asym_id 
_pdbx_struct_sheet_hbond.range_1_label_seq_id 
_pdbx_struct_sheet_hbond.range_1_PDB_ins_code 
_pdbx_struct_sheet_hbond.range_1_auth_atom_id 
_pdbx_struct_sheet_hbond.range_1_auth_comp_id 
_pdbx_struct_sheet_hbond.range_1_auth_asym_id 
_pdbx_struct_sheet_hbond.range_1_auth_seq_id 
_pdbx_struct_sheet_hbond.range_2_label_atom_id 
_pdbx_struct_sheet_hbond.range_2_label_comp_id 
_pdbx_struct_sheet_hbond.range_2_label_asym_id 
_pdbx_struct_sheet_hbond.range_2_label_seq_id 
_pdbx_struct_sheet_hbond.range_2_PDB_ins_code 
_pdbx_struct_sheet_hbond.range_2_auth_atom_id 
_pdbx_struct_sheet_hbond.range_2_auth_comp_id 
_pdbx_struct_sheet_hbond.range_2_auth_asym_id 
_pdbx_struct_sheet_hbond.range_2_auth_seq_id 
A 1 2 N GLY A 3  ? N GLY A 3  O CYS A 44 ? O CYS A 44 
A 2 3 O TYR A 45 ? O TYR A 45 N SER A 34 ? N SER A 34 
# 
loop_
_struct_site.id 
_struct_site.pdbx_evidence_code 
_struct_site.pdbx_auth_asym_id 
_struct_site.pdbx_auth_comp_id 
_struct_site.pdbx_auth_seq_id 
_struct_site.pdbx_auth_ins_code 
_struct_site.pdbx_num_residues 
_struct_site.details 
AC1 Software A PO4 201 ? 8 'BINDING SITE FOR RESIDUE PO4 A 201' 
AC2 Software A PO4 202 ? 7 'BINDING SITE FOR RESIDUE PO4 A 202' 
# 
loop_
_struct_site_gen.id 
_struct_site_gen.site_id 
_struct_site_gen.pdbx_num_res 
_struct_site_gen.label_comp_id 
_struct_site_gen.label_asym_id 
_struct_site_gen.label_seq_id 
_struct_site_gen.pdbx_auth_ins_code 
_struct_site_gen.auth_comp_id 
_struct_site_gen.auth_asym_id 
_struct_site_gen.auth_seq_id 
_struct_site_gen.label_atom_id 
_struct_site_gen.label_alt_id 
_struct_site_gen.symmetry 
_struct_site_gen.details 
1  AC1 8 LYS A 1  ? LYS A 1   . ? 1_555 ? 
2  AC1 8 ASN A 49 ? ASN A 49  . ? 1_555 ? 
3  AC1 8 HOH D .  ? HOH A 204 . ? 1_555 ? 
4  AC1 8 HOH D .  ? HOH A 206 . ? 1_555 ? 
5  AC1 8 HOH D .  ? HOH A 236 . ? 1_555 ? 
6  AC1 8 HOH D .  ? HOH A 265 . ? 1_555 ? 
7  AC1 8 HOH D .  ? HOH A 272 . ? 1_555 ? 
8  AC1 8 HOH D .  ? HOH A 291 . ? 1_555 ? 
9  AC2 7 LYS A 12 ? LYS A 12  . ? 1_555 ? 
10 AC2 7 ARG A 18 ? ARG A 18  . ? 1_655 ? 
11 AC2 7 TRP A 54 ? TRP A 54  . ? 1_555 ? 
12 AC2 7 ARG A 56 ? ARG A 56  . ? 1_555 ? 
13 AC2 7 HOH D .  ? HOH A 257 . ? 1_555 ? 
14 AC2 7 HOH D .  ? HOH A 282 . ? 1_555 ? 
15 AC2 7 HOH D .  ? HOH A 296 . ? 1_555 ? 
# 
_pdbx_entry_details.entry_id                   1NPI 
_pdbx_entry_details.compound_details           ? 
_pdbx_entry_details.source_details             ? 
_pdbx_entry_details.nonpolymer_details         ? 
_pdbx_entry_details.sequence_details           ? 
_pdbx_entry_details.has_ligand_of_interest     ? 
_pdbx_entry_details.has_protein_modification   Y 
# 
loop_
_pdbx_validate_rmsd_angle.id 
_pdbx_validate_rmsd_angle.PDB_model_num 
_pdbx_validate_rmsd_angle.auth_atom_id_1 
_pdbx_validate_rmsd_angle.auth_asym_id_1 
_pdbx_validate_rmsd_angle.auth_comp_id_1 
_pdbx_validate_rmsd_angle.auth_seq_id_1 
_pdbx_validate_rmsd_angle.PDB_ins_code_1 
_pdbx_validate_rmsd_angle.label_alt_id_1 
_pdbx_validate_rmsd_angle.auth_atom_id_2 
_pdbx_validate_rmsd_angle.auth_asym_id_2 
_pdbx_validate_rmsd_angle.auth_comp_id_2 
_pdbx_validate_rmsd_angle.auth_seq_id_2 
_pdbx_validate_rmsd_angle.PDB_ins_code_2 
_pdbx_validate_rmsd_angle.label_alt_id_2 
_pdbx_validate_rmsd_angle.auth_atom_id_3 
_pdbx_validate_rmsd_angle.auth_asym_id_3 
_pdbx_validate_rmsd_angle.auth_comp_id_3 
_pdbx_validate_rmsd_angle.auth_seq_id_3 
_pdbx_validate_rmsd_angle.PDB_ins_code_3 
_pdbx_validate_rmsd_angle.label_alt_id_3 
_pdbx_validate_rmsd_angle.angle_value 
_pdbx_validate_rmsd_angle.angle_target_value 
_pdbx_validate_rmsd_angle.angle_deviation 
_pdbx_validate_rmsd_angle.angle_standard_deviation 
_pdbx_validate_rmsd_angle.linker_flag 
1 1 CA A LYS 1  ? ? CB A LYS 1  ? ? CG  A LYS 1  ? ? 128.97 113.40 15.57  2.20 N 
2 1 CB A PHE 16 ? ? CG A PHE 16 ? ? CD1 A PHE 16 ? ? 116.22 120.80 -4.58  0.70 N 
3 1 NE A ARG 25 ? ? CZ A ARG 25 ? ? NH1 A ARG 25 ? ? 124.07 120.30 3.77   0.50 N 
4 1 CB A TRP 54 ? B CG A TRP 54 ? B CD1 A TRP 54 ? B 134.98 127.00 7.98   1.30 N 
5 1 NE A ARG 56 ? ? CZ A ARG 56 ? ? NH2 A ARG 56 ? ? 115.92 120.30 -4.38  0.50 N 
6 1 N  A ASN 59 ? ? CA A ASN 59 ? ? CB  A ASN 59 ? B 99.46  110.60 -11.14 1.80 N 
# 
_pdbx_validate_torsion.id              1 
_pdbx_validate_torsion.PDB_model_num   1 
_pdbx_validate_torsion.auth_comp_id    ILE 
_pdbx_validate_torsion.auth_asym_id    A 
_pdbx_validate_torsion.auth_seq_id     17 
_pdbx_validate_torsion.PDB_ins_code    ? 
_pdbx_validate_torsion.label_alt_id    ? 
_pdbx_validate_torsion.phi             39.82 
_pdbx_validate_torsion.psi             45.86 
# 
loop_
_chem_comp_atom.comp_id 
_chem_comp_atom.atom_id 
_chem_comp_atom.type_symbol 
_chem_comp_atom.pdbx_aromatic_flag 
_chem_comp_atom.pdbx_stereo_config 
_chem_comp_atom.pdbx_ordinal 
ALA N    N N N 1   
ALA CA   C N S 2   
ALA C    C N N 3   
ALA O    O N N 4   
ALA CB   C N N 5   
ALA OXT  O N N 6   
ALA H    H N N 7   
ALA H2   H N N 8   
ALA HA   H N N 9   
ALA HB1  H N N 10  
ALA HB2  H N N 11  
ALA HB3  H N N 12  
ALA HXT  H N N 13  
ARG N    N N N 14  
ARG CA   C N S 15  
ARG C    C N N 16  
ARG O    O N N 17  
ARG CB   C N N 18  
ARG CG   C N N 19  
ARG CD   C N N 20  
ARG NE   N N N 21  
ARG CZ   C N N 22  
ARG NH1  N N N 23  
ARG NH2  N N N 24  
ARG OXT  O N N 25  
ARG H    H N N 26  
ARG H2   H N N 27  
ARG HA   H N N 28  
ARG HB2  H N N 29  
ARG HB3  H N N 30  
ARG HG2  H N N 31  
ARG HG3  H N N 32  
ARG HD2  H N N 33  
ARG HD3  H N N 34  
ARG HE   H N N 35  
ARG HH11 H N N 36  
ARG HH12 H N N 37  
ARG HH21 H N N 38  
ARG HH22 H N N 39  
ARG HXT  H N N 40  
ASN N    N N N 41  
ASN CA   C N S 42  
ASN C    C N N 43  
ASN O    O N N 44  
ASN CB   C N N 45  
ASN CG   C N N 46  
ASN OD1  O N N 47  
ASN ND2  N N N 48  
ASN OXT  O N N 49  
ASN H    H N N 50  
ASN H2   H N N 51  
ASN HA   H N N 52  
ASN HB2  H N N 53  
ASN HB3  H N N 54  
ASN HD21 H N N 55  
ASN HD22 H N N 56  
ASN HXT  H N N 57  
ASP N    N N N 58  
ASP CA   C N S 59  
ASP C    C N N 60  
ASP O    O N N 61  
ASP CB   C N N 62  
ASP CG   C N N 63  
ASP OD1  O N N 64  
ASP OD2  O N N 65  
ASP OXT  O N N 66  
ASP H    H N N 67  
ASP H2   H N N 68  
ASP HA   H N N 69  
ASP HB2  H N N 70  
ASP HB3  H N N 71  
ASP HD2  H N N 72  
ASP HXT  H N N 73  
CYS N    N N N 74  
CYS CA   C N R 75  
CYS C    C N N 76  
CYS O    O N N 77  
CYS CB   C N N 78  
CYS SG   S N N 79  
CYS OXT  O N N 80  
CYS H    H N N 81  
CYS H2   H N N 82  
CYS HA   H N N 83  
CYS HB2  H N N 84  
CYS HB3  H N N 85  
CYS HG   H N N 86  
CYS HXT  H N N 87  
GLU N    N N N 88  
GLU CA   C N S 89  
GLU C    C N N 90  
GLU O    O N N 91  
GLU CB   C N N 92  
GLU CG   C N N 93  
GLU CD   C N N 94  
GLU OE1  O N N 95  
GLU OE2  O N N 96  
GLU OXT  O N N 97  
GLU H    H N N 98  
GLU H2   H N N 99  
GLU HA   H N N 100 
GLU HB2  H N N 101 
GLU HB3  H N N 102 
GLU HG2  H N N 103 
GLU HG3  H N N 104 
GLU HE2  H N N 105 
GLU HXT  H N N 106 
GLY N    N N N 107 
GLY CA   C N N 108 
GLY C    C N N 109 
GLY O    O N N 110 
GLY OXT  O N N 111 
GLY H    H N N 112 
GLY H2   H N N 113 
GLY HA2  H N N 114 
GLY HA3  H N N 115 
GLY HXT  H N N 116 
HIS N    N N N 117 
HIS CA   C N S 118 
HIS C    C N N 119 
HIS O    O N N 120 
HIS CB   C N N 121 
HIS CG   C Y N 122 
HIS ND1  N Y N 123 
HIS CD2  C Y N 124 
HIS CE1  C Y N 125 
HIS NE2  N Y N 126 
HIS OXT  O N N 127 
HIS H    H N N 128 
HIS H2   H N N 129 
HIS HA   H N N 130 
HIS HB2  H N N 131 
HIS HB3  H N N 132 
HIS HD1  H N N 133 
HIS HD2  H N N 134 
HIS HE1  H N N 135 
HIS HE2  H N N 136 
HIS HXT  H N N 137 
HOH O    O N N 138 
HOH H1   H N N 139 
HOH H2   H N N 140 
ILE N    N N N 141 
ILE CA   C N S 142 
ILE C    C N N 143 
ILE O    O N N 144 
ILE CB   C N S 145 
ILE CG1  C N N 146 
ILE CG2  C N N 147 
ILE CD1  C N N 148 
ILE OXT  O N N 149 
ILE H    H N N 150 
ILE H2   H N N 151 
ILE HA   H N N 152 
ILE HB   H N N 153 
ILE HG12 H N N 154 
ILE HG13 H N N 155 
ILE HG21 H N N 156 
ILE HG22 H N N 157 
ILE HG23 H N N 158 
ILE HD11 H N N 159 
ILE HD12 H N N 160 
ILE HD13 H N N 161 
ILE HXT  H N N 162 
LEU N    N N N 163 
LEU CA   C N S 164 
LEU C    C N N 165 
LEU O    O N N 166 
LEU CB   C N N 167 
LEU CG   C N N 168 
LEU CD1  C N N 169 
LEU CD2  C N N 170 
LEU OXT  O N N 171 
LEU H    H N N 172 
LEU H2   H N N 173 
LEU HA   H N N 174 
LEU HB2  H N N 175 
LEU HB3  H N N 176 
LEU HG   H N N 177 
LEU HD11 H N N 178 
LEU HD12 H N N 179 
LEU HD13 H N N 180 
LEU HD21 H N N 181 
LEU HD22 H N N 182 
LEU HD23 H N N 183 
LEU HXT  H N N 184 
LYS N    N N N 185 
LYS CA   C N S 186 
LYS C    C N N 187 
LYS O    O N N 188 
LYS CB   C N N 189 
LYS CG   C N N 190 
LYS CD   C N N 191 
LYS CE   C N N 192 
LYS NZ   N N N 193 
LYS OXT  O N N 194 
LYS H    H N N 195 
LYS H2   H N N 196 
LYS HA   H N N 197 
LYS HB2  H N N 198 
LYS HB3  H N N 199 
LYS HG2  H N N 200 
LYS HG3  H N N 201 
LYS HD2  H N N 202 
LYS HD3  H N N 203 
LYS HE2  H N N 204 
LYS HE3  H N N 205 
LYS HZ1  H N N 206 
LYS HZ2  H N N 207 
LYS HZ3  H N N 208 
LYS HXT  H N N 209 
MET N    N N N 210 
MET CA   C N S 211 
MET C    C N N 212 
MET O    O N N 213 
MET CB   C N N 214 
MET CG   C N N 215 
MET SD   S N N 216 
MET CE   C N N 217 
MET OXT  O N N 218 
MET H    H N N 219 
MET H2   H N N 220 
MET HA   H N N 221 
MET HB2  H N N 222 
MET HB3  H N N 223 
MET HG2  H N N 224 
MET HG3  H N N 225 
MET HE1  H N N 226 
MET HE2  H N N 227 
MET HE3  H N N 228 
MET HXT  H N N 229 
PHE N    N N N 230 
PHE CA   C N S 231 
PHE C    C N N 232 
PHE O    O N N 233 
PHE CB   C N N 234 
PHE CG   C Y N 235 
PHE CD1  C Y N 236 
PHE CD2  C Y N 237 
PHE CE1  C Y N 238 
PHE CE2  C Y N 239 
PHE CZ   C Y N 240 
PHE OXT  O N N 241 
PHE H    H N N 242 
PHE H2   H N N 243 
PHE HA   H N N 244 
PHE HB2  H N N 245 
PHE HB3  H N N 246 
PHE HD1  H N N 247 
PHE HD2  H N N 248 
PHE HE1  H N N 249 
PHE HE2  H N N 250 
PHE HZ   H N N 251 
PHE HXT  H N N 252 
PO4 P    P N N 253 
PO4 O1   O N N 254 
PO4 O2   O N N 255 
PO4 O3   O N N 256 
PO4 O4   O N N 257 
PRO N    N N N 258 
PRO CA   C N S 259 
PRO C    C N N 260 
PRO O    O N N 261 
PRO CB   C N N 262 
PRO CG   C N N 263 
PRO CD   C N N 264 
PRO OXT  O N N 265 
PRO H    H N N 266 
PRO HA   H N N 267 
PRO HB2  H N N 268 
PRO HB3  H N N 269 
PRO HG2  H N N 270 
PRO HG3  H N N 271 
PRO HD2  H N N 272 
PRO HD3  H N N 273 
PRO HXT  H N N 274 
SER N    N N N 275 
SER CA   C N S 276 
SER C    C N N 277 
SER O    O N N 278 
SER CB   C N N 279 
SER OG   O N N 280 
SER OXT  O N N 281 
SER H    H N N 282 
SER H2   H N N 283 
SER HA   H N N 284 
SER HB2  H N N 285 
SER HB3  H N N 286 
SER HG   H N N 287 
SER HXT  H N N 288 
THR N    N N N 289 
THR CA   C N S 290 
THR C    C N N 291 
THR O    O N N 292 
THR CB   C N R 293 
THR OG1  O N N 294 
THR CG2  C N N 295 
THR OXT  O N N 296 
THR H    H N N 297 
THR H2   H N N 298 
THR HA   H N N 299 
THR HB   H N N 300 
THR HG1  H N N 301 
THR HG21 H N N 302 
THR HG22 H N N 303 
THR HG23 H N N 304 
THR HXT  H N N 305 
TRP N    N N N 306 
TRP CA   C N S 307 
TRP C    C N N 308 
TRP O    O N N 309 
TRP CB   C N N 310 
TRP CG   C Y N 311 
TRP CD1  C Y N 312 
TRP CD2  C Y N 313 
TRP NE1  N Y N 314 
TRP CE2  C Y N 315 
TRP CE3  C Y N 316 
TRP CZ2  C Y N 317 
TRP CZ3  C Y N 318 
TRP CH2  C Y N 319 
TRP OXT  O N N 320 
TRP H    H N N 321 
TRP H2   H N N 322 
TRP HA   H N N 323 
TRP HB2  H N N 324 
TRP HB3  H N N 325 
TRP HD1  H N N 326 
TRP HE1  H N N 327 
TRP HE3  H N N 328 
TRP HZ2  H N N 329 
TRP HZ3  H N N 330 
TRP HH2  H N N 331 
TRP HXT  H N N 332 
TYR N    N N N 333 
TYR CA   C N S 334 
TYR C    C N N 335 
TYR O    O N N 336 
TYR CB   C N N 337 
TYR CG   C Y N 338 
TYR CD1  C Y N 339 
TYR CD2  C Y N 340 
TYR CE1  C Y N 341 
TYR CE2  C Y N 342 
TYR CZ   C Y N 343 
TYR OH   O N N 344 
TYR OXT  O N N 345 
TYR H    H N N 346 
TYR H2   H N N 347 
TYR HA   H N N 348 
TYR HB2  H N N 349 
TYR HB3  H N N 350 
TYR HD1  H N N 351 
TYR HD2  H N N 352 
TYR HE1  H N N 353 
TYR HE2  H N N 354 
TYR HH   H N N 355 
TYR HXT  H N N 356 
VAL N    N N N 357 
VAL CA   C N S 358 
VAL C    C N N 359 
VAL O    O N N 360 
VAL CB   C N N 361 
VAL CG1  C N N 362 
VAL CG2  C N N 363 
VAL OXT  O N N 364 
VAL H    H N N 365 
VAL H2   H N N 366 
VAL HA   H N N 367 
VAL HB   H N N 368 
VAL HG11 H N N 369 
VAL HG12 H N N 370 
VAL HG13 H N N 371 
VAL HG21 H N N 372 
VAL HG22 H N N 373 
VAL HG23 H N N 374 
VAL HXT  H N N 375 
# 
loop_
_chem_comp_bond.comp_id 
_chem_comp_bond.atom_id_1 
_chem_comp_bond.atom_id_2 
_chem_comp_bond.value_order 
_chem_comp_bond.pdbx_aromatic_flag 
_chem_comp_bond.pdbx_stereo_config 
_chem_comp_bond.pdbx_ordinal 
ALA N   CA   sing N N 1   
ALA N   H    sing N N 2   
ALA N   H2   sing N N 3   
ALA CA  C    sing N N 4   
ALA CA  CB   sing N N 5   
ALA CA  HA   sing N N 6   
ALA C   O    doub N N 7   
ALA C   OXT  sing N N 8   
ALA CB  HB1  sing N N 9   
ALA CB  HB2  sing N N 10  
ALA CB  HB3  sing N N 11  
ALA OXT HXT  sing N N 12  
ARG N   CA   sing N N 13  
ARG N   H    sing N N 14  
ARG N   H2   sing N N 15  
ARG CA  C    sing N N 16  
ARG CA  CB   sing N N 17  
ARG CA  HA   sing N N 18  
ARG C   O    doub N N 19  
ARG C   OXT  sing N N 20  
ARG CB  CG   sing N N 21  
ARG CB  HB2  sing N N 22  
ARG CB  HB3  sing N N 23  
ARG CG  CD   sing N N 24  
ARG CG  HG2  sing N N 25  
ARG CG  HG3  sing N N 26  
ARG CD  NE   sing N N 27  
ARG CD  HD2  sing N N 28  
ARG CD  HD3  sing N N 29  
ARG NE  CZ   sing N N 30  
ARG NE  HE   sing N N 31  
ARG CZ  NH1  sing N N 32  
ARG CZ  NH2  doub N N 33  
ARG NH1 HH11 sing N N 34  
ARG NH1 HH12 sing N N 35  
ARG NH2 HH21 sing N N 36  
ARG NH2 HH22 sing N N 37  
ARG OXT HXT  sing N N 38  
ASN N   CA   sing N N 39  
ASN N   H    sing N N 40  
ASN N   H2   sing N N 41  
ASN CA  C    sing N N 42  
ASN CA  CB   sing N N 43  
ASN CA  HA   sing N N 44  
ASN C   O    doub N N 45  
ASN C   OXT  sing N N 46  
ASN CB  CG   sing N N 47  
ASN CB  HB2  sing N N 48  
ASN CB  HB3  sing N N 49  
ASN CG  OD1  doub N N 50  
ASN CG  ND2  sing N N 51  
ASN ND2 HD21 sing N N 52  
ASN ND2 HD22 sing N N 53  
ASN OXT HXT  sing N N 54  
ASP N   CA   sing N N 55  
ASP N   H    sing N N 56  
ASP N   H2   sing N N 57  
ASP CA  C    sing N N 58  
ASP CA  CB   sing N N 59  
ASP CA  HA   sing N N 60  
ASP C   O    doub N N 61  
ASP C   OXT  sing N N 62  
ASP CB  CG   sing N N 63  
ASP CB  HB2  sing N N 64  
ASP CB  HB3  sing N N 65  
ASP CG  OD1  doub N N 66  
ASP CG  OD2  sing N N 67  
ASP OD2 HD2  sing N N 68  
ASP OXT HXT  sing N N 69  
CYS N   CA   sing N N 70  
CYS N   H    sing N N 71  
CYS N   H2   sing N N 72  
CYS CA  C    sing N N 73  
CYS CA  CB   sing N N 74  
CYS CA  HA   sing N N 75  
CYS C   O    doub N N 76  
CYS C   OXT  sing N N 77  
CYS CB  SG   sing N N 78  
CYS CB  HB2  sing N N 79  
CYS CB  HB3  sing N N 80  
CYS SG  HG   sing N N 81  
CYS OXT HXT  sing N N 82  
GLU N   CA   sing N N 83  
GLU N   H    sing N N 84  
GLU N   H2   sing N N 85  
GLU CA  C    sing N N 86  
GLU CA  CB   sing N N 87  
GLU CA  HA   sing N N 88  
GLU C   O    doub N N 89  
GLU C   OXT  sing N N 90  
GLU CB  CG   sing N N 91  
GLU CB  HB2  sing N N 92  
GLU CB  HB3  sing N N 93  
GLU CG  CD   sing N N 94  
GLU CG  HG2  sing N N 95  
GLU CG  HG3  sing N N 96  
GLU CD  OE1  doub N N 97  
GLU CD  OE2  sing N N 98  
GLU OE2 HE2  sing N N 99  
GLU OXT HXT  sing N N 100 
GLY N   CA   sing N N 101 
GLY N   H    sing N N 102 
GLY N   H2   sing N N 103 
GLY CA  C    sing N N 104 
GLY CA  HA2  sing N N 105 
GLY CA  HA3  sing N N 106 
GLY C   O    doub N N 107 
GLY C   OXT  sing N N 108 
GLY OXT HXT  sing N N 109 
HIS N   CA   sing N N 110 
HIS N   H    sing N N 111 
HIS N   H2   sing N N 112 
HIS CA  C    sing N N 113 
HIS CA  CB   sing N N 114 
HIS CA  HA   sing N N 115 
HIS C   O    doub N N 116 
HIS C   OXT  sing N N 117 
HIS CB  CG   sing N N 118 
HIS CB  HB2  sing N N 119 
HIS CB  HB3  sing N N 120 
HIS CG  ND1  sing Y N 121 
HIS CG  CD2  doub Y N 122 
HIS ND1 CE1  doub Y N 123 
HIS ND1 HD1  sing N N 124 
HIS CD2 NE2  sing Y N 125 
HIS CD2 HD2  sing N N 126 
HIS CE1 NE2  sing Y N 127 
HIS CE1 HE1  sing N N 128 
HIS NE2 HE2  sing N N 129 
HIS OXT HXT  sing N N 130 
HOH O   H1   sing N N 131 
HOH O   H2   sing N N 132 
ILE N   CA   sing N N 133 
ILE N   H    sing N N 134 
ILE N   H2   sing N N 135 
ILE CA  C    sing N N 136 
ILE CA  CB   sing N N 137 
ILE CA  HA   sing N N 138 
ILE C   O    doub N N 139 
ILE C   OXT  sing N N 140 
ILE CB  CG1  sing N N 141 
ILE CB  CG2  sing N N 142 
ILE CB  HB   sing N N 143 
ILE CG1 CD1  sing N N 144 
ILE CG1 HG12 sing N N 145 
ILE CG1 HG13 sing N N 146 
ILE CG2 HG21 sing N N 147 
ILE CG2 HG22 sing N N 148 
ILE CG2 HG23 sing N N 149 
ILE CD1 HD11 sing N N 150 
ILE CD1 HD12 sing N N 151 
ILE CD1 HD13 sing N N 152 
ILE OXT HXT  sing N N 153 
LEU N   CA   sing N N 154 
LEU N   H    sing N N 155 
LEU N   H2   sing N N 156 
LEU CA  C    sing N N 157 
LEU CA  CB   sing N N 158 
LEU CA  HA   sing N N 159 
LEU C   O    doub N N 160 
LEU C   OXT  sing N N 161 
LEU CB  CG   sing N N 162 
LEU CB  HB2  sing N N 163 
LEU CB  HB3  sing N N 164 
LEU CG  CD1  sing N N 165 
LEU CG  CD2  sing N N 166 
LEU CG  HG   sing N N 167 
LEU CD1 HD11 sing N N 168 
LEU CD1 HD12 sing N N 169 
LEU CD1 HD13 sing N N 170 
LEU CD2 HD21 sing N N 171 
LEU CD2 HD22 sing N N 172 
LEU CD2 HD23 sing N N 173 
LEU OXT HXT  sing N N 174 
LYS N   CA   sing N N 175 
LYS N   H    sing N N 176 
LYS N   H2   sing N N 177 
LYS CA  C    sing N N 178 
LYS CA  CB   sing N N 179 
LYS CA  HA   sing N N 180 
LYS C   O    doub N N 181 
LYS C   OXT  sing N N 182 
LYS CB  CG   sing N N 183 
LYS CB  HB2  sing N N 184 
LYS CB  HB3  sing N N 185 
LYS CG  CD   sing N N 186 
LYS CG  HG2  sing N N 187 
LYS CG  HG3  sing N N 188 
LYS CD  CE   sing N N 189 
LYS CD  HD2  sing N N 190 
LYS CD  HD3  sing N N 191 
LYS CE  NZ   sing N N 192 
LYS CE  HE2  sing N N 193 
LYS CE  HE3  sing N N 194 
LYS NZ  HZ1  sing N N 195 
LYS NZ  HZ2  sing N N 196 
LYS NZ  HZ3  sing N N 197 
LYS OXT HXT  sing N N 198 
MET N   CA   sing N N 199 
MET N   H    sing N N 200 
MET N   H2   sing N N 201 
MET CA  C    sing N N 202 
MET CA  CB   sing N N 203 
MET CA  HA   sing N N 204 
MET C   O    doub N N 205 
MET C   OXT  sing N N 206 
MET CB  CG   sing N N 207 
MET CB  HB2  sing N N 208 
MET CB  HB3  sing N N 209 
MET CG  SD   sing N N 210 
MET CG  HG2  sing N N 211 
MET CG  HG3  sing N N 212 
MET SD  CE   sing N N 213 
MET CE  HE1  sing N N 214 
MET CE  HE2  sing N N 215 
MET CE  HE3  sing N N 216 
MET OXT HXT  sing N N 217 
PHE N   CA   sing N N 218 
PHE N   H    sing N N 219 
PHE N   H2   sing N N 220 
PHE CA  C    sing N N 221 
PHE CA  CB   sing N N 222 
PHE CA  HA   sing N N 223 
PHE C   O    doub N N 224 
PHE C   OXT  sing N N 225 
PHE CB  CG   sing N N 226 
PHE CB  HB2  sing N N 227 
PHE CB  HB3  sing N N 228 
PHE CG  CD1  doub Y N 229 
PHE CG  CD2  sing Y N 230 
PHE CD1 CE1  sing Y N 231 
PHE CD1 HD1  sing N N 232 
PHE CD2 CE2  doub Y N 233 
PHE CD2 HD2  sing N N 234 
PHE CE1 CZ   doub Y N 235 
PHE CE1 HE1  sing N N 236 
PHE CE2 CZ   sing Y N 237 
PHE CE2 HE2  sing N N 238 
PHE CZ  HZ   sing N N 239 
PHE OXT HXT  sing N N 240 
PO4 P   O1   doub N N 241 
PO4 P   O2   sing N N 242 
PO4 P   O3   sing N N 243 
PO4 P   O4   sing N N 244 
PRO N   CA   sing N N 245 
PRO N   CD   sing N N 246 
PRO N   H    sing N N 247 
PRO CA  C    sing N N 248 
PRO CA  CB   sing N N 249 
PRO CA  HA   sing N N 250 
PRO C   O    doub N N 251 
PRO C   OXT  sing N N 252 
PRO CB  CG   sing N N 253 
PRO CB  HB2  sing N N 254 
PRO CB  HB3  sing N N 255 
PRO CG  CD   sing N N 256 
PRO CG  HG2  sing N N 257 
PRO CG  HG3  sing N N 258 
PRO CD  HD2  sing N N 259 
PRO CD  HD3  sing N N 260 
PRO OXT HXT  sing N N 261 
SER N   CA   sing N N 262 
SER N   H    sing N N 263 
SER N   H2   sing N N 264 
SER CA  C    sing N N 265 
SER CA  CB   sing N N 266 
SER CA  HA   sing N N 267 
SER C   O    doub N N 268 
SER C   OXT  sing N N 269 
SER CB  OG   sing N N 270 
SER CB  HB2  sing N N 271 
SER CB  HB3  sing N N 272 
SER OG  HG   sing N N 273 
SER OXT HXT  sing N N 274 
THR N   CA   sing N N 275 
THR N   H    sing N N 276 
THR N   H2   sing N N 277 
THR CA  C    sing N N 278 
THR CA  CB   sing N N 279 
THR CA  HA   sing N N 280 
THR C   O    doub N N 281 
THR C   OXT  sing N N 282 
THR CB  OG1  sing N N 283 
THR CB  CG2  sing N N 284 
THR CB  HB   sing N N 285 
THR OG1 HG1  sing N N 286 
THR CG2 HG21 sing N N 287 
THR CG2 HG22 sing N N 288 
THR CG2 HG23 sing N N 289 
THR OXT HXT  sing N N 290 
TRP N   CA   sing N N 291 
TRP N   H    sing N N 292 
TRP N   H2   sing N N 293 
TRP CA  C    sing N N 294 
TRP CA  CB   sing N N 295 
TRP CA  HA   sing N N 296 
TRP C   O    doub N N 297 
TRP C   OXT  sing N N 298 
TRP CB  CG   sing N N 299 
TRP CB  HB2  sing N N 300 
TRP CB  HB3  sing N N 301 
TRP CG  CD1  doub Y N 302 
TRP CG  CD2  sing Y N 303 
TRP CD1 NE1  sing Y N 304 
TRP CD1 HD1  sing N N 305 
TRP CD2 CE2  doub Y N 306 
TRP CD2 CE3  sing Y N 307 
TRP NE1 CE2  sing Y N 308 
TRP NE1 HE1  sing N N 309 
TRP CE2 CZ2  sing Y N 310 
TRP CE3 CZ3  doub Y N 311 
TRP CE3 HE3  sing N N 312 
TRP CZ2 CH2  doub Y N 313 
TRP CZ2 HZ2  sing N N 314 
TRP CZ3 CH2  sing Y N 315 
TRP CZ3 HZ3  sing N N 316 
TRP CH2 HH2  sing N N 317 
TRP OXT HXT  sing N N 318 
TYR N   CA   sing N N 319 
TYR N   H    sing N N 320 
TYR N   H2   sing N N 321 
TYR CA  C    sing N N 322 
TYR CA  CB   sing N N 323 
TYR CA  HA   sing N N 324 
TYR C   O    doub N N 325 
TYR C   OXT  sing N N 326 
TYR CB  CG   sing N N 327 
TYR CB  HB2  sing N N 328 
TYR CB  HB3  sing N N 329 
TYR CG  CD1  doub Y N 330 
TYR CG  CD2  sing Y N 331 
TYR CD1 CE1  sing Y N 332 
TYR CD1 HD1  sing N N 333 
TYR CD2 CE2  doub Y N 334 
TYR CD2 HD2  sing N N 335 
TYR CE1 CZ   doub Y N 336 
TYR CE1 HE1  sing N N 337 
TYR CE2 CZ   sing Y N 338 
TYR CE2 HE2  sing N N 339 
TYR CZ  OH   sing N N 340 
TYR OH  HH   sing N N 341 
TYR OXT HXT  sing N N 342 
VAL N   CA   sing N N 343 
VAL N   H    sing N N 344 
VAL N   H2   sing N N 345 
VAL CA  C    sing N N 346 
VAL CA  CB   sing N N 347 
VAL CA  HA   sing N N 348 
VAL C   O    doub N N 349 
VAL C   OXT  sing N N 350 
VAL CB  CG1  sing N N 351 
VAL CB  CG2  sing N N 352 
VAL CB  HB   sing N N 353 
VAL CG1 HG11 sing N N 354 
VAL CG1 HG12 sing N N 355 
VAL CG1 HG13 sing N N 356 
VAL CG2 HG21 sing N N 357 
VAL CG2 HG22 sing N N 358 
VAL CG2 HG23 sing N N 359 
VAL OXT HXT  sing N N 360 
# 
_pdbx_initial_refinement_model.id               1 
_pdbx_initial_refinement_model.entity_id_list   ? 
_pdbx_initial_refinement_model.type             'experimental model' 
_pdbx_initial_refinement_model.source_name      PDB 
_pdbx_initial_refinement_model.accession_code   1B7D 
_pdbx_initial_refinement_model.details          ? 
# 
_atom_sites.entry_id                    1NPI 
_atom_sites.fract_transf_matrix[1][1]   0.01780965 
_atom_sites.fract_transf_matrix[1][2]   0.04014104 
_atom_sites.fract_transf_matrix[1][3]   -0.00808029 
_atom_sites.fract_transf_matrix[2][1]   0.02435669 
_atom_sites.fract_transf_matrix[2][2]   -0.01164351 
_atom_sites.fract_transf_matrix[2][3]   -0.00415809 
_atom_sites.fract_transf_matrix[3][1]   -0.00330458 
_atom_sites.fract_transf_matrix[3][2]   0.00482384 
_atom_sites.fract_transf_matrix[3][3]   -0.03286490 
_atom_sites.fract_transf_vector[1]      0.274822 
_atom_sites.fract_transf_vector[2]      0.010623 
_atom_sites.fract_transf_vector[3]      0.254330 
# 
loop_
_atom_type.symbol 
C 
N 
O 
P 
S 
# 
loop_
_atom_site.group_PDB 
_atom_site.id 
_atom_site.type_symbol 
_atom_site.label_atom_id 
_atom_site.label_alt_id 
_atom_site.label_comp_id 
_atom_site.label_asym_id 
_atom_site.label_entity_id 
_atom_site.label_seq_id 
_atom_site.pdbx_PDB_ins_code 
_atom_site.Cartn_x 
_atom_site.Cartn_y 
_atom_site.Cartn_z 
_atom_site.occupancy 
_atom_site.B_iso_or_equiv 
_atom_site.pdbx_formal_charge 
_atom_site.auth_seq_id 
_atom_site.auth_comp_id 
_atom_site.auth_asym_id 
_atom_site.auth_atom_id 
_atom_site.pdbx_PDB_model_num 
ATOM   1   N N   . LYS A 1 1  ? -5.956  10.152  -3.141  1.00 12.10 ? 1   LYS A N   1 
ATOM   2   C CA  . LYS A 1 1  ? -4.785  10.159  -2.237  1.00 13.59 ? 1   LYS A CA  1 
ATOM   3   C C   . LYS A 1 1  ? -3.866  9.018   -2.638  1.00 10.85 ? 1   LYS A C   1 
ATOM   4   O O   . LYS A 1 1  ? -4.314  7.984   -3.093  1.00 12.44 ? 1   LYS A O   1 
ATOM   5   C CB  . LYS A 1 1  ? -5.264  10.062  -0.788  1.00 22.52 ? 1   LYS A CB  1 
ATOM   6   C CG  . LYS A 1 1  ? -4.536  9.635   0.380   1.00 22.81 ? 1   LYS A CG  1 
ATOM   7   C CD  . LYS A 1 1  ? -5.275  9.558   1.689   1.00 25.17 ? 1   LYS A CD  1 
ATOM   8   C CE  . LYS A 1 1  ? -4.357  9.376   2.878   1.00 32.64 ? 1   LYS A CE  1 
ATOM   9   N NZ  . LYS A 1 1  ? -5.372  9.391   3.983   1.00 30.72 ? 1   LYS A NZ  1 
ATOM   10  N N   . GLU A 1 2  ? -2.586  9.207   -2.408  1.00 11.69 ? 2   GLU A N   1 
ATOM   11  C CA  . GLU A 1 2  ? -1.585  8.211   -2.685  1.00 10.57 ? 2   GLU A CA  1 
ATOM   12  C C   . GLU A 1 2  ? -0.831  7.835   -1.437  1.00 11.09 ? 2   GLU A C   1 
ATOM   13  O O   . GLU A 1 2  ? -0.810  8.566   -0.445  1.00 15.74 ? 2   GLU A O   1 
ATOM   14  C CB  A GLU A 1 2  ? -0.706  8.680   -3.835  0.55 12.85 ? 2   GLU A CB  1 
ATOM   15  C CB  B GLU A 1 2  ? -0.462  8.834   -3.530  0.45 12.03 ? 2   GLU A CB  1 
ATOM   16  C CG  A GLU A 1 2  ? -0.014  10.001  -3.591  0.55 17.24 ? 2   GLU A CG  1 
ATOM   17  C CG  B GLU A 1 2  ? -0.935  9.249   -4.895  0.45 12.23 ? 2   GLU A CG  1 
ATOM   18  C CD  A GLU A 1 2  ? 0.729   10.362  -4.872  0.55 16.81 ? 2   GLU A CD  1 
ATOM   19  C CD  B GLU A 1 2  ? 0.188   9.884   -5.690  0.45 13.54 ? 2   GLU A CD  1 
ATOM   20  O OE1 A GLU A 1 2  ? 0.068   11.073  -5.653  0.55 28.58 ? 2   GLU A OE1 1 
ATOM   21  O OE1 B GLU A 1 2  ? -0.181  10.656  -6.594  0.45 16.04 ? 2   GLU A OE1 1 
ATOM   22  O OE2 A GLU A 1 2  ? 1.890   9.971   -5.048  0.55 20.62 ? 2   GLU A OE2 1 
ATOM   23  O OE2 B GLU A 1 2  ? 1.392   9.665   -5.404  0.45 12.11 ? 2   GLU A OE2 1 
ATOM   24  N N   . GLY A 1 3  ? -0.203  6.672   -1.440  1.00 10.53 ? 3   GLY A N   1 
ATOM   25  C CA  . GLY A 1 3  ? 0.687   6.299   -0.365  1.00 11.13 ? 3   GLY A CA  1 
ATOM   26  C C   . GLY A 1 3  ? 0.901   4.825   -0.305  1.00 10.32 ? 3   GLY A C   1 
ATOM   27  O O   . GLY A 1 3  ? 0.415   4.032   -1.093  1.00 11.34 ? 3   GLY A O   1 
ATOM   28  N N   . TYR A 1 4  ? 1.720   4.436   0.666   1.00 10.20 ? 4   TYR A N   1 
ATOM   29  C CA  . TYR A 1 4  ? 1.980   3.032   0.958   1.00 10.62 ? 4   TYR A CA  1 
ATOM   30  C C   . TYR A 1 4  ? 0.904   2.429   1.836   1.00 11.55 ? 4   TYR A C   1 
ATOM   31  O O   . TYR A 1 4  ? 0.544   3.006   2.857   1.00 13.45 ? 4   TYR A O   1 
ATOM   32  C CB  . TYR A 1 4  ? 3.306   2.859   1.644   1.00 11.74 ? 4   TYR A CB  1 
ATOM   33  C CG  . TYR A 1 4  ? 4.517   3.244   0.827   1.00 12.29 ? 4   TYR A CG  1 
ATOM   34  C CD1 . TYR A 1 4  ? 5.116   2.343   -0.032  1.00 12.95 ? 4   TYR A CD1 1 
ATOM   35  C CD2 . TYR A 1 4  ? 5.056   4.485   0.951   1.00 14.12 ? 4   TYR A CD2 1 
ATOM   36  C CE1 . TYR A 1 4  ? 6.237   2.694   -0.768  1.00 14.68 ? 4   TYR A CE1 1 
ATOM   37  C CE2 . TYR A 1 4  ? 6.171   4.871   0.247   1.00 16.07 ? 4   TYR A CE2 1 
ATOM   38  C CZ  . TYR A 1 4  ? 6.748   3.945   -0.615  1.00 16.07 ? 4   TYR A CZ  1 
ATOM   39  O OH  . TYR A 1 4  ? 7.860   4.306   -1.327  1.00 21.31 ? 4   TYR A OH  1 
ATOM   40  N N   . LEU A 1 5  ? 0.389   1.290   1.451   1.00 12.89 ? 5   LEU A N   1 
ATOM   41  C CA  . LEU A 1 5  ? -0.522  0.511   2.261   1.00 14.90 ? 5   LEU A CA  1 
ATOM   42  C C   . LEU A 1 5  ? 0.258   -0.078  3.435   1.00 14.07 ? 5   LEU A C   1 
ATOM   43  O O   . LEU A 1 5  ? 1.424   -0.343  3.362   1.00 16.06 ? 5   LEU A O   1 
ATOM   44  C CB  . LEU A 1 5  ? -1.112  -0.640  1.498   1.00 18.38 ? 5   LEU A CB  1 
ATOM   45  C CG  . LEU A 1 5  ? -2.173  -0.211  0.516   1.00 24.60 ? 5   LEU A CG  1 
ATOM   46  C CD1 . LEU A 1 5  ? -2.776  -1.470  -0.128  1.00 36.58 ? 5   LEU A CD1 1 
ATOM   47  C CD2 . LEU A 1 5  ? -3.314  0.603   1.090   1.00 31.27 ? 5   LEU A CD2 1 
ATOM   48  N N   . MET A 1 6  ? -0.501  -0.277  4.528   1.00 15.25 ? 6   MET A N   1 
ATOM   49  C CA  . MET A 1 6  ? 0.003   -0.928  5.692   1.00 15.89 ? 6   MET A CA  1 
ATOM   50  C C   . MET A 1 6  ? -0.723  -2.222  6.002   1.00 17.26 ? 6   MET A C   1 
ATOM   51  O O   . MET A 1 6  ? -1.886  -2.334  5.643   1.00 23.60 ? 6   MET A O   1 
ATOM   52  C CB  . MET A 1 6  ? -0.245  -0.062  6.917   1.00 20.53 ? 6   MET A CB  1 
ATOM   53  C CG  . MET A 1 6  ? 0.652   1.144   6.874   1.00 20.97 ? 6   MET A CG  1 
ATOM   54  S SD  . MET A 1 6  ? 0.462   2.067   8.388   1.00 24.87 ? 6   MET A SD  1 
ATOM   55  C CE  . MET A 1 6  ? -1.132  2.835   8.219   1.00 34.19 ? 6   MET A CE  1 
ATOM   56  N N   . ASP A 1 7  ? -0.020  -3.098  6.662   1.00 19.00 ? 7   ASP A N   1 
ATOM   57  C CA  . ASP A 1 7  ? -0.688  -4.300  7.176   1.00 17.87 ? 7   ASP A CA  1 
ATOM   58  C C   . ASP A 1 7  ? -1.240  -4.002  8.548   1.00 16.11 ? 7   ASP A C   1 
ATOM   59  O O   . ASP A 1 7  ? -1.243  -2.905  9.051   1.00 17.38 ? 7   ASP A O   1 
ATOM   60  C CB  . ASP A 1 7  ? 0.271   -5.473  7.168   1.00 20.43 ? 7   ASP A CB  1 
ATOM   61  C CG  . ASP A 1 7  ? 1.443   -5.398  8.104   1.00 19.49 ? 7   ASP A CG  1 
ATOM   62  O OD1 . ASP A 1 7  ? 1.443   -4.541  9.010   1.00 16.85 ? 7   ASP A OD1 1 
ATOM   63  O OD2 . ASP A 1 7  ? 2.389   -6.236  7.967   1.00 27.71 ? 7   ASP A OD2 1 
ATOM   64  N N   . HIS A 1 8  ? -1.716  -5.034  9.222   1.00 15.31 ? 8   HIS A N   1 
ATOM   65  C CA  . HIS A 1 8  ? -2.387  -4.973  10.504  1.00 15.01 ? 8   HIS A CA  1 
ATOM   66  C C   . HIS A 1 8  ? -1.434  -4.584  11.652  1.00 15.68 ? 8   HIS A C   1 
ATOM   67  O O   . HIS A 1 8  ? -1.937  -4.155  12.692  1.00 21.44 ? 8   HIS A O   1 
ATOM   68  C CB  . HIS A 1 8  ? -3.081  -6.255  10.857  1.00 16.36 ? 8   HIS A CB  1 
ATOM   69  C CG  . HIS A 1 8  ? -2.138  -7.387  11.121  1.00 16.53 ? 8   HIS A CG  1 
ATOM   70  N ND1 . HIS A 1 8  ? -1.336  -7.993  10.167  1.00 21.99 ? 8   HIS A ND1 1 
ATOM   71  C CD2 . HIS A 1 8  ? -1.856  -7.965  12.300  1.00 20.59 ? 8   HIS A CD2 1 
ATOM   72  C CE1 . HIS A 1 8  ? -0.625  -8.934  10.766  1.00 27.48 ? 8   HIS A CE1 1 
ATOM   73  N NE2 . HIS A 1 8  ? -0.936  -8.927  12.040  1.00 27.10 ? 8   HIS A NE2 1 
ATOM   74  N N   . GLU A 1 9  ? -0.131  -4.727  11.447  1.00 15.19 ? 9   GLU A N   1 
ATOM   75  C CA  . GLU A 1 9  ? 0.908   -4.381  12.383  1.00 16.83 ? 9   GLU A CA  1 
ATOM   76  C C   . GLU A 1 9  ? 1.446   -2.975  12.162  1.00 16.24 ? 9   GLU A C   1 
ATOM   77  O O   . GLU A 1 9  ? 2.292   -2.531  12.905  1.00 19.76 ? 9   GLU A O   1 
ATOM   78  C CB  . GLU A 1 9  ? 2.125   -5.313  12.240  1.00 22.32 ? 9   GLU A CB  1 
ATOM   79  C CG  . GLU A 1 9  ? 1.885   -6.773  12.512  1.00 28.44 ? 9   GLU A CG  1 
ATOM   80  C CD  . GLU A 1 9  ? 3.211   -7.473  12.785  1.00 41.45 ? 9   GLU A CD  1 
ATOM   81  O OE1 . GLU A 1 9  ? 3.983   -7.761  11.858  1.00 65.62 ? 9   GLU A OE1 1 
ATOM   82  O OE2 . GLU A 1 9  ? 3.413   -7.690  13.995  1.00 62.03 ? 9   GLU A OE2 1 
ATOM   83  N N   . GLY A 1 10 ? 0.982   -2.277  11.139  1.00 14.42 ? 10  GLY A N   1 
ATOM   84  C CA  . GLY A 1 10 ? 1.495   -0.980  10.831  1.00 15.00 ? 10  GLY A CA  1 
ATOM   85  C C   . GLY A 1 10 ? 2.718   -0.972  9.942   1.00 13.85 ? 10  GLY A C   1 
ATOM   86  O O   . GLY A 1 10 ? 3.363   0.079   9.783   1.00 16.81 ? 10  GLY A O   1 
ATOM   87  N N   . CYS A 1 11 ? 3.062   -2.125  9.364   1.00 15.37 ? 11  CYS A N   1 
ATOM   88  C CA  . CYS A 1 11 ? 4.201   -2.235  8.466   1.00 15.82 ? 11  CYS A CA  1 
ATOM   89  C C   . CYS A 1 11 ? 3.745   -2.035  7.030   1.00 14.87 ? 11  CYS A C   1 
ATOM   90  O O   . CYS A 1 11 ? 2.631   -2.362  6.668   1.00 18.13 ? 11  CYS A O   1 
ATOM   91  C CB  . CYS A 1 11 ? 4.828   -3.627  8.567   1.00 18.34 ? 11  CYS A CB  1 
ATOM   92  S SG  . CYS A 1 11 ? 5.509   -3.988  10.196  1.00 21.53 ? 11  CYS A SG  1 
ATOM   93  N N   . LYS A 1 12 ? 4.662   -1.550  6.205   1.00 14.66 ? 12  LYS A N   1 
ATOM   94  C CA  . LYS A 1 12 ? 4.329   -1.470  4.791   1.00 14.87 ? 12  LYS A CA  1 
ATOM   95  C C   . LYS A 1 12 ? 4.103   -2.871  4.245   1.00 14.64 ? 12  LYS A C   1 
ATOM   96  O O   . LYS A 1 12 ? 4.692   -3.839  4.692   1.00 17.77 ? 12  LYS A O   1 
ATOM   97  C CB  . LYS A 1 12 ? 5.469   -0.821  4.007   1.00 15.15 ? 12  LYS A CB  1 
ATOM   98  C CG  . LYS A 1 12 ? 5.683   0.632   4.271   1.00 16.02 ? 12  LYS A CG  1 
ATOM   99  C CD  . LYS A 1 12 ? 6.808   1.157   3.407   1.00 19.07 ? 12  LYS A CD  1 
ATOM   100 C CE  A LYS A 1 12 ? 7.057   2.622   3.523   0.39 14.48 ? 12  LYS A CE  1 
ATOM   101 C CE  B LYS A 1 12 ? 7.570   2.261   4.052   0.61 20.85 ? 12  LYS A CE  1 
ATOM   102 N NZ  A LYS A 1 12 ? 7.907   3.223   2.470   0.39 25.59 ? 12  LYS A NZ  1 
ATOM   103 N NZ  B LYS A 1 12 ? 8.592   2.886   3.198   0.61 23.28 ? 12  LYS A NZ  1 
ATOM   104 N N   . LEU A 1 13 ? 3.219   -2.939  3.278   1.00 15.04 ? 13  LEU A N   1 
ATOM   105 C CA  . LEU A 1 13 ? 2.900   -4.188  2.665   1.00 15.31 ? 13  LEU A CA  1 
ATOM   106 C C   . LEU A 1 13 ? 4.001   -4.573  1.700   1.00 14.20 ? 13  LEU A C   1 
ATOM   107 O O   . LEU A 1 13 ? 4.220   -3.866  0.732   1.00 16.24 ? 13  LEU A O   1 
ATOM   108 C CB  . LEU A 1 13 ? 1.574   -4.074  1.906   1.00 19.49 ? 13  LEU A CB  1 
ATOM   109 C CG  . LEU A 1 13 ? 0.848   -5.323  1.583   1.00 25.30 ? 13  LEU A CG  1 
ATOM   110 C CD1 . LEU A 1 13 ? 0.546   -6.167  2.800   1.00 32.12 ? 13  LEU A CD1 1 
ATOM   111 C CD2 . LEU A 1 13 ? -0.422  -4.877  0.843   1.00 31.25 ? 13  LEU A CD2 1 
ATOM   112 N N   . SER A 1 14 ? 4.708   -5.656  1.950   1.00 14.89 ? 14  SER A N   1 
ATOM   113 C CA  . SER A 1 14 ? 5.860   -6.084  1.201   1.00 15.17 ? 14  SER A CA  1 
ATOM   114 C C   . SER A 1 14 ? 5.491   -6.642  -0.137  1.00 13.66 ? 14  SER A C   1 
ATOM   115 O O   . SER A 1 14 ? 4.468   -7.367  -0.293  1.00 17.06 ? 14  SER A O   1 
ATOM   116 C CB  . SER A 1 14 ? 6.420   -7.276  2.026   1.00 22.47 ? 14  SER A CB  1 
ATOM   117 O OG  . SER A 1 14 ? 7.533   -7.758  1.387   1.00 28.88 ? 14  SER A OG  1 
ATOM   118 N N   . CYS A 1 15 ? 6.282   -6.385  -1.148  1.00 12.69 ? 15  CYS A N   1 
ATOM   119 C CA  . CYS A 1 15 ? 6.083   -7.030  -2.420  1.00 11.93 ? 15  CYS A CA  1 
ATOM   120 C C   . CYS A 1 15 ? 7.360   -7.673  -2.919  1.00 14.43 ? 15  CYS A C   1 
ATOM   121 O O   . CYS A 1 15 ? 7.505   -7.922  -4.092  1.00 19.72 ? 15  CYS A O   1 
ATOM   122 C CB  . CYS A 1 15 ? 5.496   -6.049  -3.437  1.00 11.62 ? 15  CYS A CB  1 
ATOM   123 S SG  . CYS A 1 15 ? 6.365   -4.501  -3.636  1.00 11.60 ? 15  CYS A SG  1 
ATOM   124 N N   . PHE A 1 16 ? 8.268   -8.023  -2.014  1.00 17.73 ? 16  PHE A N   1 
ATOM   125 C CA  . PHE A 1 16 ? 9.346   -8.929  -2.260  1.00 21.60 ? 16  PHE A CA  1 
ATOM   126 C C   . PHE A 1 16 ? 8.696   -10.225 -2.787  1.00 22.70 ? 16  PHE A C   1 
ATOM   127 O O   . PHE A 1 16 ? 7.726   -10.779 -2.194  1.00 24.85 ? 16  PHE A O   1 
ATOM   128 C CB  . PHE A 1 16 ? 10.147  -9.365  -1.043  1.00 22.24 ? 16  PHE A CB  1 
ATOM   129 C CG  . PHE A 1 16 ? 10.981  -8.301  -0.393  1.00 18.23 ? 16  PHE A CG  1 
ATOM   130 C CD1 . PHE A 1 16 ? 10.714  -8.044  0.944   1.00 21.75 ? 16  PHE A CD1 1 
ATOM   131 C CD2 . PHE A 1 16 ? 11.977  -7.611  -1.034  1.00 20.29 ? 16  PHE A CD2 1 
ATOM   132 C CE1 . PHE A 1 16 ? 11.442  -7.104  1.631   1.00 20.60 ? 16  PHE A CE1 1 
ATOM   133 C CE2 . PHE A 1 16 ? 12.747  -6.691  -0.346  1.00 18.86 ? 16  PHE A CE2 1 
ATOM   134 C CZ  . PHE A 1 16 ? 12.491  -6.510  0.997   1.00 18.66 ? 16  PHE A CZ  1 
ATOM   135 N N   . ILE A 1 17 ? 9.277   -10.690 -3.845  1.00 23.36 ? 17  ILE A N   1 
ATOM   136 C CA  . ILE A 1 17 ? 8.938   -11.942 -4.499  1.00 24.67 ? 17  ILE A CA  1 
ATOM   137 C C   . ILE A 1 17 ? 7.445   -12.225 -4.561  1.00 22.91 ? 17  ILE A C   1 
ATOM   138 O O   . ILE A 1 17 ? 6.960   -13.336 -4.362  1.00 29.81 ? 17  ILE A O   1 
ATOM   139 C CB  . ILE A 1 17 ? 9.679   -13.117 -3.853  1.00 31.98 ? 17  ILE A CB  1 
ATOM   140 C CG1 . ILE A 1 17 ? 9.439   -13.382 -2.373  1.00 38.49 ? 17  ILE A CG1 1 
ATOM   141 C CG2 . ILE A 1 17 ? 11.166  -12.890 -4.129  1.00 50.41 ? 17  ILE A CG2 1 
ATOM   142 C CD1 . ILE A 1 17 ? 10.108  -14.675 -1.880  1.00 54.34 ? 17  ILE A CD1 1 
ATOM   143 N N   . ARG A 1 18 ? 6.678   -11.237 -4.935  1.00 20.34 ? 18  ARG A N   1 
ATOM   144 C CA  . ARG A 1 18 ? 5.286   -11.368 -5.324  1.00 17.11 ? 18  ARG A CA  1 
ATOM   145 C C   . ARG A 1 18 ? 5.118   -11.334 -6.841  1.00 15.02 ? 18  ARG A C   1 
ATOM   146 O O   . ARG A 1 18 ? 5.881   -10.679 -7.548  1.00 17.69 ? 18  ARG A O   1 
ATOM   147 C CB  . ARG A 1 18 ? 4.497   -10.239 -4.687  1.00 17.04 ? 18  ARG A CB  1 
ATOM   148 C CG  . ARG A 1 18 ? 4.395   -10.274 -3.198  1.00 18.05 ? 18  ARG A CG  1 
ATOM   149 C CD  . ARG A 1 18 ? 3.401   -11.288 -2.698  1.00 21.92 ? 18  ARG A CD  1 
ATOM   150 N NE  . ARG A 1 18 ? 3.244   -11.217 -1.249  1.00 24.63 ? 18  ARG A NE  1 
ATOM   151 C CZ  . ARG A 1 18 ? 2.426   -12.028 -0.557  1.00 27.41 ? 18  ARG A CZ  1 
ATOM   152 N NH1 . ARG A 1 18 ? 1.719   -12.928 -1.234  1.00 32.77 ? 18  ARG A NH1 1 
ATOM   153 N NH2 . ARG A 1 18 ? 2.314   -11.952 0.750   1.00 39.23 ? 18  ARG A NH2 1 
ATOM   154 N N   . PRO A 1 19 ? 4.038   -11.940 -7.359  1.00 14.67 ? 19  PRO A N   1 
ATOM   155 C CA  . PRO A 1 19 ? 3.775   -11.810 -8.779  1.00 15.20 ? 19  PRO A CA  1 
ATOM   156 C C   . PRO A 1 19 ? 3.486   -10.366 -9.140  1.00 14.67 ? 19  PRO A C   1 
ATOM   157 O O   . PRO A 1 19 ? 3.028   -9.537  -8.344  1.00 15.22 ? 19  PRO A O   1 
ATOM   158 C CB  . PRO A 1 19 ? 2.562   -12.711 -8.969  1.00 18.97 ? 19  PRO A CB  1 
ATOM   159 C CG  . PRO A 1 19 ? 2.383   -13.544 -7.747  1.00 25.01 ? 19  PRO A CG  1 
ATOM   160 C CD  . PRO A 1 19 ? 3.048   -12.731 -6.654  1.00 16.83 ? 19  PRO A CD  1 
ATOM   161 N N   . SER A 1 20 ? 3.700   -10.020 -10.380 1.00 15.33 ? 20  SER A N   1 
ATOM   162 C CA  . SER A 1 20 ? 3.317   -8.725  -10.896 1.00 15.32 ? 20  SER A CA  1 
ATOM   163 C C   . SER A 1 20 ? 1.806   -8.570  -10.716 1.00 14.11 ? 20  SER A C   1 
ATOM   164 O O   . SER A 1 20 ? 1.032   -9.497  -10.817 1.00 16.20 ? 20  SER A O   1 
ATOM   165 C CB  . SER A 1 20 ? 3.711   -8.642  -12.360 1.00 19.00 ? 20  SER A CB  1 
ATOM   166 O OG  A SER A 1 20 ? 3.652   -7.273  -12.713 0.67 19.76 ? 20  SER A OG  1 
ATOM   167 O OG  B SER A 1 20 ? 5.072   -8.640  -12.626 0.33 23.93 ? 20  SER A OG  1 
ATOM   168 N N   . GLY A 1 21 ? 1.400   -7.357  -10.390 1.00 13.86 ? 21  GLY A N   1 
ATOM   169 C CA  . GLY A 1 21 ? 0.029   -7.005  -10.196 1.00 13.27 ? 21  GLY A CA  1 
ATOM   170 C C   . GLY A 1 21 ? -0.513  -7.217  -8.812  1.00 12.10 ? 21  GLY A C   1 
ATOM   171 O O   . GLY A 1 21 ? -1.661  -6.843  -8.516  1.00 13.69 ? 21  GLY A O   1 
ATOM   172 N N   . TYR A 1 22 ? 0.317   -7.796  -7.938  1.00 11.50 ? 22  TYR A N   1 
ATOM   173 C CA  . TYR A 1 22 ? -0.091  -7.985  -6.549  1.00 11.09 ? 22  TYR A CA  1 
ATOM   174 C C   . TYR A 1 22 ? -0.497  -6.682  -5.902  1.00 10.20 ? 22  TYR A C   1 
ATOM   175 O O   . TYR A 1 22 ? -1.526  -6.568  -5.250  1.00 11.15 ? 22  TYR A O   1 
ATOM   176 C CB  . TYR A 1 22 ? 1.082   -8.673  -5.814  1.00 12.25 ? 22  TYR A CB  1 
ATOM   177 C CG  . TYR A 1 22 ? 0.885   -8.741  -4.325  1.00 12.85 ? 22  TYR A CG  1 
ATOM   178 C CD1 . TYR A 1 22 ? 0.070   -9.714  -3.767  1.00 16.32 ? 22  TYR A CD1 1 
ATOM   179 C CD2 . TYR A 1 22 ? 1.502   -7.824  -3.495  1.00 13.08 ? 22  TYR A CD2 1 
ATOM   180 C CE1 . TYR A 1 22 ? -0.083  -9.722  -2.384  1.00 17.76 ? 22  TYR A CE1 1 
ATOM   181 C CE2 . TYR A 1 22 ? 1.330   -7.849  -2.128  1.00 14.43 ? 22  TYR A CE2 1 
ATOM   182 C CZ  . TYR A 1 22 ? 0.536   -8.818  -1.576  1.00 14.83 ? 22  TYR A CZ  1 
ATOM   183 O OH  . TYR A 1 22 ? 0.361   -8.847  -0.229  1.00 19.70 ? 22  TYR A OH  1 
ATOM   184 N N   . CYS A 1 23 ? 0.344   -5.673  -6.058  1.00 9.69  ? 23  CYS A N   1 
ATOM   185 C CA  . CYS A 1 23 ? 0.041   -4.403  -5.377  1.00 9.70  ? 23  CYS A CA  1 
ATOM   186 C C   . CYS A 1 23 ? -1.149  -3.751  -5.999  1.00 9.94  ? 23  CYS A C   1 
ATOM   187 O O   . CYS A 1 23 ? -1.924  -3.132  -5.291  1.00 11.70 ? 23  CYS A O   1 
ATOM   188 C CB  . CYS A 1 23 ? 1.275   -3.516  -5.456  1.00 9.86  ? 23  CYS A CB  1 
ATOM   189 S SG  . CYS A 1 23 ? 2.675   -4.091  -4.496  1.00 10.24 ? 23  CYS A SG  1 
ATOM   190 N N   . GLY A 1 24 ? -1.334  -3.826  -7.319  1.00 10.69 ? 24  GLY A N   1 
ATOM   191 C CA  . GLY A 1 24 ? -2.552  -3.261  -7.908  1.00 11.98 ? 24  GLY A CA  1 
ATOM   192 C C   . GLY A 1 24 ? -3.777  -3.900  -7.328  1.00 11.80 ? 24  GLY A C   1 
ATOM   193 O O   . GLY A 1 24 ? -4.780  -3.256  -7.030  1.00 12.67 ? 24  GLY A O   1 
ATOM   194 N N   . ARG A 1 25 ? -3.756  -5.198  -7.081  1.00 11.81 ? 25  ARG A N   1 
ATOM   195 C CA  . ARG A 1 25 ? -4.896  -5.888  -6.477  1.00 12.69 ? 25  ARG A CA  1 
ATOM   196 C C   . ARG A 1 25 ? -5.155  -5.408  -5.053  1.00 11.83 ? 25  ARG A C   1 
ATOM   197 O O   . ARG A 1 25 ? -6.261  -5.093  -4.638  1.00 12.59 ? 25  ARG A O   1 
ATOM   198 C CB  . ARG A 1 25 ? -4.644  -7.392  -6.517  1.00 16.28 ? 25  ARG A CB  1 
ATOM   199 C CG  . ARG A 1 25 ? -5.789  -8.168  -5.899  1.00 20.06 ? 25  ARG A CG  1 
ATOM   200 C CD  . ARG A 1 25 ? -5.435  -9.683  -5.931  1.00 31.54 ? 25  ARG A CD  1 
ATOM   201 N NE  . ARG A 1 25 ? -4.673  -9.968  -4.730  1.00 44.68 ? 25  ARG A NE  1 
ATOM   202 C CZ  . ARG A 1 25 ? -4.004  -11.033 -4.369  1.00 52.18 ? 25  ARG A CZ  1 
ATOM   203 N NH1 . ARG A 1 25 ? -3.890  -12.125 -5.109  1.00 73.98 ? 25  ARG A NH1 1 
ATOM   204 N NH2 . ARG A 1 25 ? -3.391  -11.024 -3.183  1.00 58.76 ? 25  ARG A NH2 1 
ATOM   205 N N   . GLU A 1 26 ? -4.079  -5.376  -4.250  1.00 11.33 ? 26  GLU A N   1 
ATOM   206 C CA  . GLU A 1 26 ? -4.231  -4.979  -2.856  1.00 11.90 ? 26  GLU A CA  1 
ATOM   207 C C   . GLU A 1 26 ? -4.693  -3.544  -2.760  1.00 11.11 ? 26  GLU A C   1 
ATOM   208 O O   . GLU A 1 26 ? -5.531  -3.207  -1.913  1.00 12.84 ? 26  GLU A O   1 
ATOM   209 C CB  . GLU A 1 26 ? -2.893  -5.179  -2.131  1.00 13.17 ? 26  GLU A CB  1 
ATOM   210 C CG  . GLU A 1 26 ? -2.545  -6.652  -1.924  1.00 15.21 ? 26  GLU A CG  1 
ATOM   211 C CD  . GLU A 1 26 ? -3.493  -7.368  -0.991  1.00 19.11 ? 26  GLU A CD  1 
ATOM   212 O OE1 . GLU A 1 26 ? -3.940  -6.754  -0.006  1.00 24.45 ? 26  GLU A OE1 1 
ATOM   213 O OE2 . GLU A 1 26 ? -3.730  -8.542  -1.247  1.00 27.95 ? 26  GLU A OE2 1 
ATOM   214 N N   . CYS A 1 27 ? -4.213  -2.664  -3.610  1.00 10.03 ? 27  CYS A N   1 
ATOM   215 C CA  . CYS A 1 27 ? -4.698  -1.306  -3.653  1.00 10.33 ? 27  CYS A CA  1 
ATOM   216 C C   . CYS A 1 27 ? -6.167  -1.239  -4.002  1.00 10.78 ? 27  CYS A C   1 
ATOM   217 O O   . CYS A 1 27 ? -6.913  -0.451  -3.426  1.00 12.14 ? 27  CYS A O   1 
ATOM   218 C CB  . CYS A 1 27 ? -3.875  -0.499  -4.643  1.00 11.26 ? 27  CYS A CB  1 
ATOM   219 S SG  . CYS A 1 27 ? -2.160  -0.232  -4.132  1.00 11.26 ? 27  CYS A SG  1 
ATOM   220 N N   . GLY A 1 28 ? -6.598  -2.058  -4.951  1.00 11.72 ? 28  GLY A N   1 
ATOM   221 C CA  . GLY A 1 28 ? -8.006  -2.109  -5.368  1.00 11.92 ? 28  GLY A CA  1 
ATOM   222 C C   . GLY A 1 28 ? -8.930  -2.603  -4.278  1.00 11.80 ? 28  GLY A C   1 
ATOM   223 O O   . GLY A 1 28 ? -10.063 -2.164  -4.214  1.00 12.67 ? 28  GLY A O   1 
ATOM   224 N N   . ILE A 1 29 ? -8.473  -3.528  -3.459  1.00 12.99 ? 29  ILE A N   1 
ATOM   225 C CA  . ILE A 1 29 ? -9.294  -3.961  -2.310  1.00 13.77 ? 29  ILE A CA  1 
ATOM   226 C C   . ILE A 1 29 ? -9.568  -2.804  -1.370  1.00 14.89 ? 29  ILE A C   1 
ATOM   227 O O   . ILE A 1 29 ? -10.635 -2.764  -0.747  1.00 16.85 ? 29  ILE A O   1 
ATOM   228 C CB  . ILE A 1 29 ? -8.610  -5.144  -1.639  1.00 19.61 ? 29  ILE A CB  1 
ATOM   229 C CG1 . ILE A 1 29 ? -8.640  -6.360  -2.548  1.00 25.63 ? 29  ILE A CG1 1 
ATOM   230 C CG2 . ILE A 1 29 ? -9.275  -5.447  -0.301  1.00 22.85 ? 29  ILE A CG2 1 
ATOM   231 C CD1 . ILE A 1 29 ? -7.720  -7.478  -2.109  1.00 28.91 ? 29  ILE A CD1 1 
ATOM   232 N N   . LYS A 1 30 ? -8.643  -1.852  -1.234  1.00 14.06 ? 30  LYS A N   1 
ATOM   233 C CA  . LYS A 1 30 ? -8.844  -0.661  -0.423  1.00 14.77 ? 30  LYS A CA  1 
ATOM   234 C C   . LYS A 1 30 ? -9.449  0.490   -1.195  1.00 13.14 ? 30  LYS A C   1 
ATOM   235 O O   . LYS A 1 30 ? -9.461  1.629   -0.756  1.00 17.15 ? 30  LYS A O   1 
ATOM   236 C CB  . LYS A 1 30 ? -7.515  -0.221  0.225   1.00 20.00 ? 30  LYS A CB  1 
ATOM   237 C CG  . LYS A 1 30 ? -7.040  -1.110  1.380   1.00 29.81 ? 30  LYS A CG  1 
ATOM   238 C CD  . LYS A 1 30 ? -8.010  -1.202  2.520   1.00 44.10 ? 30  LYS A CD  1 
ATOM   239 C CE  . LYS A 1 30 ? -7.495  -1.681  3.864   1.00 57.05 ? 30  LYS A CE  1 
ATOM   240 N NZ  . LYS A 1 30 ? -6.322  -2.594  3.864   1.00 76.53 ? 30  LYS A NZ  1 
ATOM   241 N N   . LYS A 1 31 ? -9.967  0.208   -2.381  1.00 12.50 ? 31  LYS A N   1 
ATOM   242 C CA  . LYS A 1 31 ? -10.713 1.105   -3.267  1.00 12.93 ? 31  LYS A CA  1 
ATOM   243 C C   . LYS A 1 31 ? -9.854  2.099   -3.995  1.00 11.88 ? 31  LYS A C   1 
ATOM   244 O O   . LYS A 1 31 ? -10.320 3.032   -4.577  1.00 14.34 ? 31  LYS A O   1 
ATOM   245 C CB  . LYS A 1 31 ? -11.837 1.841   -2.488  1.00 15.01 ? 31  LYS A CB  1 
ATOM   246 C CG  . LYS A 1 31 ? -12.846 0.777   -1.998  1.00 18.49 ? 31  LYS A CG  1 
ATOM   247 C CD  . LYS A 1 31 ? -14.144 1.399   -1.556  1.00 23.86 ? 31  LYS A CD  1 
ATOM   248 C CE  . LYS A 1 31 ? -15.145 0.280   -1.182  1.00 28.06 ? 31  LYS A CE  1 
ATOM   249 N NZ  . LYS A 1 31 ? -15.281 0.265   0.272   1.00 46.11 ? 31  LYS A NZ  1 
ATOM   250 N N   . GLY A 1 32 ? -8.551  1.805   -4.077  1.00 11.35 ? 32  GLY A N   1 
ATOM   251 C CA  . GLY A 1 32 ? -7.680  2.565   -4.907  1.00 10.70 ? 32  GLY A CA  1 
ATOM   252 C C   . GLY A 1 32 ? -7.805  2.226   -6.377  1.00 10.65 ? 32  GLY A C   1 
ATOM   253 O O   . GLY A 1 32 ? -8.234  1.134   -6.742  1.00 15.49 ? 32  GLY A O   1 
ATOM   254 N N   . SER A 1 33 ? -7.387  3.114   -7.211  1.00 10.79 ? 33  SER A N   1 
ATOM   255 C CA  . SER A 1 33 ? -7.532  2.933   -8.658  1.00 11.74 ? 33  SER A CA  1 
ATOM   256 C C   . SER A 1 33 ? -6.333  2.324   -9.332  1.00 10.91 ? 33  SER A C   1 
ATOM   257 O O   . SER A 1 33 ? -6.459  1.832   -10.424 1.00 14.63 ? 33  SER A O   1 
ATOM   258 C CB  . SER A 1 33 ? -7.831  4.303   -9.275  1.00 13.53 ? 33  SER A CB  1 
ATOM   259 O OG  . SER A 1 33 ? -6.788  5.170   -9.078  1.00 16.39 ? 33  SER A OG  1 
ATOM   260 N N   . SER A 1 34 ? -5.173  2.354   -8.710  1.00 10.32 ? 34  SER A N   1 
ATOM   261 C CA  . SER A 1 34 ? -3.951  1.835   -9.321  1.00 11.51 ? 34  SER A CA  1 
ATOM   262 C C   . SER A 1 34 ? -2.967  1.549   -8.226  1.00 11.13 ? 34  SER A C   1 
ATOM   263 O O   . SER A 1 34 ? -3.042  2.101   -7.121  1.00 12.36 ? 34  SER A O   1 
ATOM   264 C CB  . SER A 1 34 ? -3.393  2.904   -10.285 1.00 13.97 ? 34  SER A CB  1 
ATOM   265 O OG  . SER A 1 34 ? -2.434  2.254   -11.086 1.00 22.18 ? 34  SER A OG  1 
ATOM   266 N N   . GLY A 1 35 ? -2.003  0.678   -8.477  1.00 11.56 ? 35  GLY A N   1 
ATOM   267 C CA  . GLY A 1 35 ? -0.897  0.518   -7.565  1.00 11.69 ? 35  GLY A CA  1 
ATOM   268 C C   . GLY A 1 35 ? 0.214   -0.250  -8.242  1.00 10.34 ? 35  GLY A C   1 
ATOM   269 O O   . GLY A 1 35 ? 0.031   -0.828  -9.306  1.00 12.37 ? 35  GLY A O   1 
ATOM   270 N N   . TYR A 1 36 ? 1.366   -0.253  -7.598  1.00 9.92  ? 36  TYR A N   1 
ATOM   271 C CA  . TYR A 1 36 ? 2.517   -0.944  -8.133  1.00 9.32  ? 36  TYR A CA  1 
ATOM   272 C C   . TYR A 1 36 ? 3.448   -1.278  -6.969  1.00 8.75  ? 36  TYR A C   1 
ATOM   273 O O   . TYR A 1 36 ? 3.339   -0.778  -5.868  1.00 9.48  ? 36  TYR A O   1 
ATOM   274 C CB  . TYR A 1 36 ? 3.231   -0.144  -9.176  1.00 10.26 ? 36  TYR A CB  1 
ATOM   275 C CG  . TYR A 1 36 ? 4.074   1.017   -8.719  1.00 10.23 ? 36  TYR A CG  1 
ATOM   276 C CD1 . TYR A 1 36 ? 3.484   2.175   -8.241  1.00 12.54 ? 36  TYR A CD1 1 
ATOM   277 C CD2 . TYR A 1 36 ? 5.457   0.982   -8.724  1.00 10.98 ? 36  TYR A CD2 1 
ATOM   278 C CE1 . TYR A 1 36 ? 4.268   3.243   -7.817  1.00 14.38 ? 36  TYR A CE1 1 
ATOM   279 C CE2 . TYR A 1 36 ? 6.226   2.009   -8.304  1.00 11.50 ? 36  TYR A CE2 1 
ATOM   280 C CZ  . TYR A 1 36 ? 5.620   3.142   -7.847  1.00 11.59 ? 36  TYR A CZ  1 
ATOM   281 O OH  . TYR A 1 36 ? 6.390   4.196   -7.413  1.00 14.71 ? 36  TYR A OH  1 
ATOM   282 N N   . CYS A 1 37 ? 4.361   -2.177  -7.256  1.00 9.21  ? 37  CYS A N   1 
ATOM   283 C CA  . CYS A 1 37 ? 5.411   -2.543  -6.283  1.00 8.69  ? 37  CYS A CA  1 
ATOM   284 C C   . CYS A 1 37 ? 6.544   -1.531  -6.366  1.00 8.68  ? 37  CYS A C   1 
ATOM   285 O O   . CYS A 1 37 ? 7.429   -1.610  -7.200  1.00 10.27 ? 37  CYS A O   1 
ATOM   286 C CB  . CYS A 1 37 ? 5.876   -3.969  -6.565  1.00 9.52  ? 37  CYS A CB  1 
ATOM   287 S SG  . CYS A 1 37 ? 7.195   -4.539  -5.479  1.00 11.30 ? 37  CYS A SG  1 
ATOM   288 N N   . ALA A 1 38 ? 6.490   -0.565  -5.442  1.00 9.10  ? 38  ALA A N   1 
ATOM   289 C CA  . ALA A 1 38 ? 7.514   0.413   -5.243  1.00 9.33  ? 38  ALA A CA  1 
ATOM   290 C C   . ALA A 1 38 ? 8.555   -0.234  -4.321  1.00 9.56  ? 38  ALA A C   1 
ATOM   291 O O   . ALA A 1 38 ? 8.658   0.073   -3.154  1.00 10.64 ? 38  ALA A O   1 
ATOM   292 C CB  . ALA A 1 38 ? 6.930   1.692   -4.643  1.00 10.59 ? 38  ALA A CB  1 
ATOM   293 N N   . TRP A 1 39 ? 9.256   -1.183  -4.912  1.00 10.78 ? 39  TRP A N   1 
ATOM   294 C CA  . TRP A 1 39 ? 10.030  -2.202  -4.221  1.00 10.52 ? 39  TRP A CA  1 
ATOM   295 C C   . TRP A 1 39 ? 10.822  -1.608  -3.069  1.00 10.06 ? 39  TRP A C   1 
ATOM   296 O O   . TRP A 1 39 ? 11.583  -0.653  -3.293  1.00 11.96 ? 39  TRP A O   1 
ATOM   297 C CB  . TRP A 1 39 ? 10.944  -2.811  -5.242  1.00 11.43 ? 39  TRP A CB  1 
ATOM   298 C CG  . TRP A 1 39 ? 11.678  -4.041  -4.870  1.00 12.20 ? 39  TRP A CG  1 
ATOM   299 C CD1 . TRP A 1 39 ? 11.258  -5.328  -5.082  1.00 13.79 ? 39  TRP A CD1 1 
ATOM   300 C CD2 . TRP A 1 39 ? 12.957  -4.151  -4.250  1.00 14.20 ? 39  TRP A CD2 1 
ATOM   301 N NE1 . TRP A 1 39 ? 12.163  -6.235  -4.629  1.00 17.55 ? 39  TRP A NE1 1 
ATOM   302 C CE2 . TRP A 1 39 ? 13.231  -5.518  -4.119  1.00 16.36 ? 39  TRP A CE2 1 
ATOM   303 C CE3 . TRP A 1 39 ? 13.871  -3.204  -3.805  1.00 16.14 ? 39  TRP A CE3 1 
ATOM   304 C CZ2 . TRP A 1 39 ? 14.398  -5.984  -3.556  1.00 20.30 ? 39  TRP A CZ2 1 
ATOM   305 C CZ3 . TRP A 1 39 ? 15.042  -3.669  -3.247  1.00 20.95 ? 39  TRP A CZ3 1 
ATOM   306 C CH2 . TRP A 1 39 ? 15.274  -5.032  -3.133  1.00 22.61 ? 39  TRP A CH2 1 
ATOM   307 N N   . PRO A 1 40 ? 10.664  -2.108  -1.867  1.00 10.59 ? 40  PRO A N   1 
ATOM   308 C CA  . PRO A 1 40 ? 10.025  -3.362  -1.490  1.00 12.17 ? 40  PRO A CA  1 
ATOM   309 C C   . PRO A 1 40 ? 8.568   -3.336  -1.083  1.00 9.99  ? 40  PRO A C   1 
ATOM   310 O O   . PRO A 1 40 ? 8.132   -4.332  -0.549  1.00 11.85 ? 40  PRO A O   1 
ATOM   311 C CB  . PRO A 1 40 ? 10.887  -3.728  -0.259  1.00 18.37 ? 40  PRO A CB  1 
ATOM   312 C CG  . PRO A 1 40 ? 11.089  -2.422  0.388   1.00 20.65 ? 40  PRO A CG  1 
ATOM   313 C CD  . PRO A 1 40 ? 11.389  -1.484  -0.723  1.00 14.44 ? 40  PRO A CD  1 
ATOM   314 N N   . ALA A 1 41 ? 7.848   -2.246  -1.312  1.00 9.76  ? 41  ALA A N   1 
ATOM   315 C CA  . ALA A 1 41 ? 6.509   -2.121  -0.754  1.00 9.55  ? 41  ALA A CA  1 
ATOM   316 C C   . ALA A 1 41 ? 5.498   -1.637  -1.785  1.00 8.58  ? 41  ALA A C   1 
ATOM   317 O O   . ALA A 1 41 ? 5.799   -0.964  -2.728  1.00 10.15 ? 41  ALA A O   1 
ATOM   318 C CB  . ALA A 1 41 ? 6.536   -1.095  0.414   1.00 13.82 ? 41  ALA A CB  1 
ATOM   319 N N   . CYS A 1 42 ? 4.234   -1.983  -1.513  1.00 9.31  ? 42  CYS A N   1 
ATOM   320 C CA  . CYS A 1 42 ? 3.161   -1.555  -2.397  1.00 9.14  ? 42  CYS A CA  1 
ATOM   321 C C   . CYS A 1 42 ? 2.812   -0.102  -2.190  1.00 9.16  ? 42  CYS A C   1 
ATOM   322 O O   . CYS A 1 42 ? 2.600   0.349   -1.064  1.00 11.12 ? 42  CYS A O   1 
ATOM   323 C CB  . CYS A 1 42 ? 1.911   -2.390  -2.131  1.00 9.95  ? 42  CYS A CB  1 
ATOM   324 S SG  . CYS A 1 42 ? 1.989   -4.131  -2.586  1.00 10.66 ? 42  CYS A SG  1 
ATOM   325 N N   . TYR A 1 43 ? 2.628   0.593   -3.305  1.00 8.93  ? 43  TYR A N   1 
ATOM   326 C CA  . TYR A 1 43 ? 2.262   1.978   -3.347  1.00 8.72  ? 43  TYR A CA  1 
ATOM   327 C C   . TYR A 1 43 ? 0.987   2.108   -4.161  1.00 8.80  ? 43  TYR A C   1 
ATOM   328 O O   . TYR A 1 43 ? 0.882   1.535   -5.255  1.00 10.66 ? 43  TYR A O   1 
ATOM   329 C CB  . TYR A 1 43 ? 3.381   2.804   -3.939  1.00 10.60 ? 43  TYR A CB  1 
ATOM   330 C CG  . TYR A 1 43 ? 3.204   4.296   -3.838  1.00 10.00 ? 43  TYR A CG  1 
ATOM   331 C CD1 . TYR A 1 43 ? 2.564   5.029   -4.792  1.00 11.67 ? 43  TYR A CD1 1 
ATOM   332 C CD2 . TYR A 1 43 ? 3.722   4.967   -2.728  1.00 11.92 ? 43  TYR A CD2 1 
ATOM   333 C CE1 . TYR A 1 43 ? 2.410   6.413   -4.697  1.00 12.82 ? 43  TYR A CE1 1 
ATOM   334 C CE2 . TYR A 1 43 ? 3.598   6.319   -2.625  1.00 13.09 ? 43  TYR A CE2 1 
ATOM   335 C CZ  . TYR A 1 43 ? 2.940   7.029   -3.598  1.00 12.87 ? 43  TYR A CZ  1 
ATOM   336 O OH  . TYR A 1 43 ? 2.853   8.397   -3.402  1.00 16.79 ? 43  TYR A OH  1 
ATOM   337 N N   . CYS A 1 44 ? 0.030   2.882   -3.694  1.00 8.39  ? 44  CYS A N   1 
ATOM   338 C CA  . CYS A 1 44 ? -1.257  3.049   -4.337  1.00 8.98  ? 44  CYS A CA  1 
ATOM   339 C C   . CYS A 1 44 ? -1.498  4.467   -4.755  1.00 9.15  ? 44  CYS A C   1 
ATOM   340 O O   . CYS A 1 44 ? -1.084  5.424   -4.105  1.00 10.58 ? 44  CYS A O   1 
ATOM   341 C CB  . CYS A 1 44 ? -2.372  2.679   -3.372  1.00 10.89 ? 44  CYS A CB  1 
ATOM   342 S SG  . CYS A 1 44 ? -2.304  1.094   -2.619  1.00 11.44 ? 44  CYS A SG  1 
ATOM   343 N N   . TYR A 1 45 ? -2.274  4.587   -5.824  1.00 9.80  ? 45  TYR A N   1 
ATOM   344 C CA  . TYR A 1 45 ? -2.872  5.834   -6.286  1.00 9.98  ? 45  TYR A CA  1 
ATOM   345 C C   . TYR A 1 45 ? -4.405  5.755   -6.181  1.00 9.93  ? 45  TYR A C   1 
ATOM   346 O O   . TYR A 1 45 ? -4.972  4.674   -6.253  1.00 10.79 ? 45  TYR A O   1 
ATOM   347 C CB  A TYR A 1 45 ? -2.539  6.191   -7.720  0.40 11.48 ? 45  TYR A CB  1 
ATOM   348 C CB  B TYR A 1 45 ? -2.514  6.121   -7.741  0.60 11.63 ? 45  TYR A CB  1 
ATOM   349 C CG  A TYR A 1 45 ? -1.112  6.035   -8.163  0.40 11.96 ? 45  TYR A CG  1 
ATOM   350 C CG  B TYR A 1 45 ? -1.037  6.357   -7.934  0.60 13.14 ? 45  TYR A CG  1 
ATOM   351 C CD1 A TYR A 1 45 ? -0.288  7.155   -8.253  0.40 15.17 ? 45  TYR A CD1 1 
ATOM   352 C CD1 B TYR A 1 45 ? -0.537  7.648   -7.817  0.60 16.34 ? 45  TYR A CD1 1 
ATOM   353 C CD2 A TYR A 1 45 ? -0.571  4.794   -8.483  0.40 14.65 ? 45  TYR A CD2 1 
ATOM   354 C CD2 B TYR A 1 45 ? -0.148  5.318   -8.217  0.60 12.80 ? 45  TYR A CD2 1 
ATOM   355 C CE1 A TYR A 1 45 ? 1.032   7.013   -8.657  0.40 16.68 ? 45  TYR A CE1 1 
ATOM   356 C CE1 B TYR A 1 45 ? 0.821   7.903   -7.988  0.60 18.46 ? 45  TYR A CE1 1 
ATOM   357 C CE2 A TYR A 1 45 ? 0.727   4.638   -8.891  0.40 17.03 ? 45  TYR A CE2 1 
ATOM   358 C CE2 B TYR A 1 45 ? 1.190   5.584   -8.384  0.60 16.55 ? 45  TYR A CE2 1 
ATOM   359 C CZ  A TYR A 1 45 ? 1.524   5.768   -8.976  0.40 18.00 ? 45  TYR A CZ  1 
ATOM   360 C CZ  B TYR A 1 45 ? 1.674   6.865   -8.270  0.60 17.32 ? 45  TYR A CZ  1 
ATOM   361 O OH  A TYR A 1 45 ? 2.826   5.566   -9.384  0.40 22.69 ? 45  TYR A OH  1 
ATOM   362 O OH  B TYR A 1 45 ? 3.022   7.111   -8.431  0.60 23.83 ? 45  TYR A OH  1 
ATOM   363 N N   . GLY A 1 46 ? -5.035  6.907   -6.031  1.00 10.09 ? 46  GLY A N   1 
ATOM   364 C CA  . GLY A 1 46 ? -6.475  6.941   -6.122  1.00 10.57 ? 46  GLY A CA  1 
ATOM   365 C C   . GLY A 1 46 ? -7.182  6.355   -4.936  1.00 9.99  ? 46  GLY A C   1 
ATOM   366 O O   . GLY A 1 46 ? -8.319  5.918   -5.043  1.00 11.31 ? 46  GLY A O   1 
ATOM   367 N N   . LEU A 1 47 ? -6.561  6.362   -3.769  1.00 10.15 ? 47  LEU A N   1 
ATOM   368 C CA  . LEU A 1 47 ? -7.249  5.951   -2.564  1.00 9.63  ? 47  LEU A CA  1 
ATOM   369 C C   . LEU A 1 47 ? -8.209  7.067   -2.137  1.00 10.29 ? 47  LEU A C   1 
ATOM   370 O O   . LEU A 1 47 ? -7.854  8.238   -2.178  1.00 11.36 ? 47  LEU A O   1 
ATOM   371 C CB  . LEU A 1 47 ? -6.267  5.721   -1.413  1.00 11.03 ? 47  LEU A CB  1 
ATOM   372 C CG  . LEU A 1 47 ? -5.282  4.562   -1.612  1.00 11.45 ? 47  LEU A CG  1 
ATOM   373 C CD1 . LEU A 1 47 ? -4.143  4.672   -0.614  1.00 14.05 ? 47  LEU A CD1 1 
ATOM   374 C CD2 . LEU A 1 47 ? -6.004  3.239   -1.545  1.00 14.69 ? 47  LEU A CD2 1 
ATOM   375 N N   . PRO A 1 48 ? -9.386  6.726   -1.644  1.00 10.85 ? 48  PRO A N   1 
ATOM   376 C CA  . PRO A 1 48 ? -10.234 7.716   -0.985  1.00 11.10 ? 48  PRO A CA  1 
ATOM   377 C C   . PRO A 1 48 ? -9.531  8.274   0.219   1.00 10.71 ? 48  PRO A C   1 
ATOM   378 O O   . PRO A 1 48 ? -8.631  7.729   0.819   1.00 12.02 ? 48  PRO A O   1 
ATOM   379 C CB  . PRO A 1 48 ? -11.476 6.920   -0.583  1.00 14.71 ? 48  PRO A CB  1 
ATOM   380 C CG  . PRO A 1 48 ? -11.443 5.672   -1.355  1.00 19.14 ? 48  PRO A CG  1 
ATOM   381 C CD  . PRO A 1 48 ? -9.994  5.407   -1.686  1.00 12.29 ? 48  PRO A CD  1 
ATOM   382 N N   . ASN A 1 49 ? -10.075 9.446   0.620   1.00 12.38 ? 49  ASN A N   1 
ATOM   383 C CA  . ASN A 1 49 ? -9.383  10.234  1.658   1.00 13.19 ? 49  ASN A CA  1 
ATOM   384 C C   . ASN A 1 49 ? -9.456  9.604   3.002   1.00 11.98 ? 49  ASN A C   1 
ATOM   385 O O   . ASN A 1 49 ? -8.671  9.914   3.909   1.00 15.04 ? 49  ASN A O   1 
ATOM   386 C CB  . ASN A 1 49 ? -9.980  11.633  1.683   1.00 16.08 ? 49  ASN A CB  1 
ATOM   387 C CG  . ASN A 1 49 ? -9.433  12.506  0.577   1.00 23.23 ? 49  ASN A CG  1 
ATOM   388 O OD1 . ASN A 1 49 ? -8.326  12.219  0.091   1.00 28.97 ? 49  ASN A OD1 1 
ATOM   389 N ND2 . ASN A 1 49 ? -10.156 13.521  0.171   1.00 33.51 ? 49  ASN A ND2 1 
ATOM   390 N N   . TRP A 1 50 ? -10.365 8.678   3.258   1.00 11.91 ? 50  TRP A N   1 
ATOM   391 C CA  . TRP A 1 50 ? -10.515 8.016   4.517   1.00 12.51 ? 50  TRP A CA  1 
ATOM   392 C C   . TRP A 1 50 ? -9.531  6.880   4.732   1.00 12.43 ? 50  TRP A C   1 
ATOM   393 O O   . TRP A 1 50 ? -9.464  6.362   5.841   1.00 16.21 ? 50  TRP A O   1 
ATOM   394 C CB  . TRP A 1 50 ? -11.933 7.506   4.691   1.00 14.51 ? 50  TRP A CB  1 
ATOM   395 C CG  . TRP A 1 50 ? -12.414 6.509   3.671   1.00 13.61 ? 50  TRP A CG  1 
ATOM   396 C CD1 . TRP A 1 50 ? -12.106 5.189   3.562   1.00 16.56 ? 50  TRP A CD1 1 
ATOM   397 C CD2 . TRP A 1 50 ? -13.327 6.803   2.616   1.00 14.25 ? 50  TRP A CD2 1 
ATOM   398 N NE1 . TRP A 1 50 ? -12.766 4.660   2.509   1.00 17.40 ? 50  TRP A NE1 1 
ATOM   399 C CE2 . TRP A 1 50 ? -13.528 5.625   1.908   1.00 15.85 ? 50  TRP A CE2 1 
ATOM   400 C CE3 . TRP A 1 50 ? -14.008 7.923   2.187   1.00 16.23 ? 50  TRP A CE3 1 
ATOM   401 C CZ2 . TRP A 1 50 ? -14.350 5.514   0.818   1.00 18.88 ? 50  TRP A CZ2 1 
ATOM   402 C CZ3 . TRP A 1 50 ? -14.837 7.849   1.097   1.00 17.78 ? 50  TRP A CZ3 1 
ATOM   403 C CH2 . TRP A 1 50 ? -14.999 6.651   0.422   1.00 19.53 ? 50  TRP A CH2 1 
ATOM   404 N N   . VAL A 1 51 ? -8.797  6.471   3.722   1.00 12.15 ? 51  VAL A N   1 
ATOM   405 C CA  . VAL A 1 51 ? -7.871  5.365   3.867   1.00 11.84 ? 51  VAL A CA  1 
ATOM   406 C C   . VAL A 1 51 ? -6.594  5.807   4.566   1.00 13.26 ? 51  VAL A C   1 
ATOM   407 O O   . VAL A 1 51 ? -5.983  6.776   4.183   1.00 15.62 ? 51  VAL A O   1 
ATOM   408 C CB  . VAL A 1 51 ? -7.542  4.730   2.497   1.00 13.30 ? 51  VAL A CB  1 
ATOM   409 C CG1 . VAL A 1 51 ? -6.528  3.588   2.701   1.00 16.54 ? 51  VAL A CG1 1 
ATOM   410 C CG2 . VAL A 1 51 ? -8.807  4.243   1.834   1.00 17.52 ? 51  VAL A CG2 1 
ATOM   411 N N   . LYS A 1 52 ? -6.187  5.062   5.578   1.00 13.81 ? 52  LYS A N   1 
ATOM   412 C CA  . LYS A 1 52 ? -4.944  5.321   6.278   1.00 15.79 ? 52  LYS A CA  1 
ATOM   413 C C   . LYS A 1 52 ? -3.759  4.781   5.500   1.00 17.93 ? 52  LYS A C   1 
ATOM   414 O O   . LYS A 1 52 ? -3.763  3.631   5.030   1.00 23.91 ? 52  LYS A O   1 
ATOM   415 C CB  . LYS A 1 52 ? -5.055  4.569   7.625   1.00 23.83 ? 52  LYS A CB  1 
ATOM   416 C CG  . LYS A 1 52 ? -5.198  3.062   7.355   1.00 31.58 ? 52  LYS A CG  1 
ATOM   417 C CD  . LYS A 1 52 ? -4.690  2.073   8.384   1.00 31.58 ? 52  LYS A CD  1 
ATOM   418 C CE  . LYS A 1 52 ? -4.180  0.789   7.747   1.00 31.58 ? 52  LYS A CE  1 
ATOM   419 N NZ  . LYS A 1 52 ? -4.942  -0.436  8.100   1.00 31.58 ? 52  LYS A NZ  1 
ATOM   420 N N   . VAL A 1 53 ? -2.740  5.589   5.284   1.00 16.29 ? 53  VAL A N   1 
ATOM   421 C CA  . VAL A 1 53 ? -1.545  5.114   4.613   1.00 15.60 ? 53  VAL A CA  1 
ATOM   422 C C   . VAL A 1 53 ? -0.365  5.224   5.582   1.00 14.30 ? 53  VAL A C   1 
ATOM   423 O O   . VAL A 1 53 ? -0.471  5.913   6.618   1.00 17.02 ? 53  VAL A O   1 
ATOM   424 C CB  . VAL A 1 53 ? -1.235  5.876   3.299   1.00 16.47 ? 53  VAL A CB  1 
ATOM   425 C CG1 . VAL A 1 53 ? -2.305  5.550   2.282   1.00 20.03 ? 53  VAL A CG1 1 
ATOM   426 C CG2 . VAL A 1 53 ? -1.072  7.368   3.526   1.00 18.81 ? 53  VAL A CG2 1 
ATOM   427 N N   . TRP A 1 54 ? 0.728   4.586   5.265   1.00 14.40 ? 54  TRP A N   1 
ATOM   428 C CA  . TRP A 1 54 ? 1.919   4.610   6.122   1.00 13.54 ? 54  TRP A CA  1 
ATOM   429 C C   . TRP A 1 54 ? 2.424   6.033   6.299   1.00 13.49 ? 54  TRP A C   1 
ATOM   430 O O   . TRP A 1 54 ? 2.440   6.844   5.365   1.00 15.77 ? 54  TRP A O   1 
ATOM   431 C CB  A TRP A 1 54 ? 2.874   3.560   5.610   0.39 15.00 ? 54  TRP A CB  1 
ATOM   432 C CB  B TRP A 1 54 ? 3.065   3.895   5.405   0.61 17.12 ? 54  TRP A CB  1 
ATOM   433 C CG  A TRP A 1 54 ? 3.993   3.305   6.576   0.39 11.77 ? 54  TRP A CG  1 
ATOM   434 C CG  B TRP A 1 54 ? 4.503   4.250   5.714   0.61 16.03 ? 54  TRP A CG  1 
ATOM   435 C CD1 A TRP A 1 54 ? 4.045   2.477   7.652   0.39 13.25 ? 54  TRP A CD1 1 
ATOM   436 C CD1 B TRP A 1 54 ? 5.402   5.178   5.234   0.61 17.52 ? 54  TRP A CD1 1 
ATOM   437 C CD2 A TRP A 1 54 ? 5.274   3.951   6.502   0.39 12.75 ? 54  TRP A CD2 1 
ATOM   438 C CD2 B TRP A 1 54 ? 5.236   3.540   6.714   0.61 14.16 ? 54  TRP A CD2 1 
ATOM   439 N NE1 A TRP A 1 54 ? 5.291   2.556   8.264   0.39 13.78 ? 54  TRP A NE1 1 
ATOM   440 N NE1 B TRP A 1 54 ? 6.633   5.081   5.874   0.61 17.11 ? 54  TRP A NE1 1 
ATOM   441 C CE2 A TRP A 1 54 ? 6.054   3.455   7.568   0.39 13.71 ? 54  TRP A CE2 1 
ATOM   442 C CE2 B TRP A 1 54 ? 6.532   4.075   6.776   0.61 14.88 ? 54  TRP A CE2 1 
ATOM   443 C CE3 A TRP A 1 54 ? 5.822   4.892   5.628   0.39 15.16 ? 54  TRP A CE3 1 
ATOM   444 C CE3 B TRP A 1 54 ? 4.888   2.465   7.563   0.61 15.40 ? 54  TRP A CE3 1 
ATOM   445 C CZ2 A TRP A 1 54 ? 7.366   3.902   7.756   0.39 16.97 ? 54  TRP A CZ2 1 
ATOM   446 C CZ2 B TRP A 1 54 ? 7.507   3.595   7.656   0.61 15.34 ? 54  TRP A CZ2 1 
ATOM   447 C CZ3 A TRP A 1 54 ? 7.122   5.328   5.817   0.39 16.29 ? 54  TRP A CZ3 1 
ATOM   448 C CZ3 B TRP A 1 54 ? 5.841   1.992   8.430   0.61 17.34 ? 54  TRP A CZ3 1 
ATOM   449 C CH2 A TRP A 1 54 ? 7.856   4.822   6.873   0.39 17.60 ? 54  TRP A CH2 1 
ATOM   450 C CH2 B TRP A 1 54 ? 7.124   2.559   8.461   0.61 17.53 ? 54  TRP A CH2 1 
ATOM   451 N N   . ASP A 1 55 ? 2.910   6.291   7.507   1.00 13.44 ? 55  ASP A N   1 
ATOM   452 C CA  . ASP A 1 55 ? 3.548   7.547   7.902   1.00 15.26 ? 55  ASP A CA  1 
ATOM   453 C C   . ASP A 1 55 ? 4.763   7.192   8.749   1.00 13.87 ? 55  ASP A C   1 
ATOM   454 O O   . ASP A 1 55 ? 4.628   6.522   9.778   1.00 14.89 ? 55  ASP A O   1 
ATOM   455 C CB  . ASP A 1 55 ? 2.559   8.407   8.671   1.00 20.98 ? 55  ASP A CB  1 
ATOM   456 C CG  . ASP A 1 55 ? 3.195   9.610   9.330   1.00 25.55 ? 55  ASP A CG  1 
ATOM   457 O OD1 . ASP A 1 55 ? 3.750   10.407  8.562   1.00 43.51 ? 55  ASP A OD1 1 
ATOM   458 O OD2 . ASP A 1 55 ? 3.163   9.711   10.586  1.00 36.85 ? 55  ASP A OD2 1 
ATOM   459 N N   . ARG A 1 56 ? 5.943   7.645   8.348   1.00 14.14 ? 56  ARG A N   1 
ATOM   460 C CA  . ARG A 1 56 ? 7.133   7.272   9.086   1.00 14.93 ? 56  ARG A CA  1 
ATOM   461 C C   . ARG A 1 56 ? 7.090   7.824   10.514  1.00 13.42 ? 56  ARG A C   1 
ATOM   462 O O   . ARG A 1 56 ? 7.527   7.138   11.439  1.00 14.36 ? 56  ARG A O   1 
ATOM   463 C CB  . ARG A 1 56 ? 8.384   7.825   8.395   1.00 17.50 ? 56  ARG A CB  1 
ATOM   464 C CG  . ARG A 1 56 ? 9.662   7.545   9.132   1.00 21.11 ? 56  ARG A CG  1 
ATOM   465 C CD  . ARG A 1 56 ? 10.906  7.592   8.294   1.00 20.67 ? 56  ARG A CD  1 
ATOM   466 N NE  . ARG A 1 56 ? 10.924  6.384   7.469   1.00 24.97 ? 56  ARG A NE  1 
ATOM   467 C CZ  . ARG A 1 56 ? 11.271  5.183   7.935   1.00 28.34 ? 56  ARG A CZ  1 
ATOM   468 N NH1 . ARG A 1 56 ? 11.655  5.011   9.210   1.00 25.81 ? 56  ARG A NH1 1 
ATOM   469 N NH2 . ARG A 1 56 ? 11.222  4.178   7.055   1.00 29.55 ? 56  ARG A NH2 1 
ATOM   470 N N   . ALA A 1 57 ? 6.571   9.041   10.708  1.00 14.34 ? 57  ALA A N   1 
ATOM   471 C CA  . ALA A 1 57 ? 6.620   9.629   12.024  1.00 15.62 ? 57  ALA A CA  1 
ATOM   472 C C   . ALA A 1 57 ? 5.984   8.772   13.084  1.00 14.25 ? 57  ALA A C   1 
ATOM   473 O O   . ALA A 1 57 ? 6.498   8.626   14.195  1.00 17.31 ? 57  ALA A O   1 
ATOM   474 C CB  . ALA A 1 57 ? 5.931   10.995  11.981  1.00 19.48 ? 57  ALA A CB  1 
ATOM   475 N N   . THR A 1 58 ? 4.823   8.212   12.734  1.00 14.39 ? 58  THR A N   1 
ATOM   476 C CA  . THR A 1 58 ? 4.005   7.514   13.659  1.00 15.54 ? 58  THR A CA  1 
ATOM   477 C C   . THR A 1 58 ? 4.084   6.013   13.486  1.00 15.45 ? 58  THR A C   1 
ATOM   478 O O   . THR A 1 58 ? 3.291   5.255   14.072  1.00 19.91 ? 58  THR A O   1 
ATOM   479 C CB  . THR A 1 58 ? 2.528   7.957   13.617  1.00 18.34 ? 58  THR A CB  1 
ATOM   480 O OG1 . THR A 1 58 ? 2.052   7.766   12.291  1.00 21.69 ? 58  THR A OG1 1 
ATOM   481 C CG2 . THR A 1 58 ? 2.413   9.436   13.933  1.00 24.76 ? 58  THR A CG2 1 
ATOM   482 N N   . ASN A 1 59 ? 5.064   5.558   12.745  1.00 14.44 ? 59  ASN A N   1 
ATOM   483 C CA  . ASN A 1 59 ? 5.055   4.139   12.475  1.00 16.92 ? 59  ASN A CA  1 
ATOM   484 C C   . ASN A 1 59 ? 5.250   3.299   13.714  1.00 17.09 ? 59  ASN A C   1 
ATOM   485 O O   . ASN A 1 59 ? 5.941   3.632   14.674  1.00 18.28 ? 59  ASN A O   1 
ATOM   486 C CB  A ASN A 1 59 ? 5.818   3.684   11.263  0.57 14.94 ? 59  ASN A CB  1 
ATOM   487 C CB  B ASN A 1 59 ? 6.451   4.001   11.776  0.43 14.48 ? 59  ASN A CB  1 
ATOM   488 C CG  A ASN A 1 59 ? 7.189   3.303   11.792  0.57 16.06 ? 59  ASN A CG  1 
ATOM   489 C CG  B ASN A 1 59 ? 7.085   2.682   11.550  0.43 16.08 ? 59  ASN A CG  1 
ATOM   490 O OD1 A ASN A 1 59 ? 7.327   2.131   12.136  0.57 17.46 ? 59  ASN A OD1 1 
ATOM   491 O OD1 B ASN A 1 59 ? 6.464   1.815   10.962  0.43 15.05 ? 59  ASN A OD1 1 
ATOM   492 N ND2 A ASN A 1 59 ? 8.007   4.306   11.878  0.57 14.95 ? 59  ASN A ND2 1 
ATOM   493 N ND2 B ASN A 1 59 ? 8.321   2.398   11.939  0.43 20.66 ? 59  ASN A ND2 1 
ATOM   494 N N   . LYS A 1 60 ? 4.573   2.166   13.638  1.00 17.50 ? 60  LYS A N   1 
ATOM   495 C CA  . LYS A 1 60 ? 4.489   1.208   14.697  1.00 19.60 ? 60  LYS A CA  1 
ATOM   496 C C   . LYS A 1 60 ? 5.147   -0.104  14.314  1.00 20.61 ? 60  LYS A C   1 
ATOM   497 O O   . LYS A 1 60 ? 5.120   -1.061  15.095  1.00 29.87 ? 60  LYS A O   1 
ATOM   498 C CB  . LYS A 1 60 ? 3.013   0.953   15.028  1.00 23.51 ? 60  LYS A CB  1 
ATOM   499 C CG  . LYS A 1 60 ? 2.329   2.128   15.705  1.00 25.72 ? 60  LYS A CG  1 
ATOM   500 C CD  . LYS A 1 60 ? 1.027   1.757   16.364  1.00 35.36 ? 60  LYS A CD  1 
ATOM   501 C CE  . LYS A 1 60 ? 0.768   2.668   17.578  1.00 43.09 ? 60  LYS A CE  1 
ATOM   502 N NZ  . LYS A 1 60 ? 1.046   1.942   18.887  1.00 48.78 ? 60  LYS A NZ  1 
ATOM   503 N N   . CYS A 1 61 ? 5.751   -0.190  13.149  1.00 21.14 ? 61  CYS A N   1 
ATOM   504 C CA  . CYS A 1 61 ? 6.321   -1.395  12.635  1.00 23.01 ? 61  CYS A CA  1 
ATOM   505 C C   . CYS A 1 61 ? 7.619   -1.661  13.384  1.00 29.56 ? 61  CYS A C   1 
ATOM   506 O O   A CYS A 1 61 ? 8.587   -0.997  13.045  0.50 40.29 ? 61  CYS A O   1 
ATOM   507 O O   B CYS A 1 61 ? 7.916   -2.827  13.643  0.50 49.88 ? 61  CYS A O   1 
ATOM   508 C CB  . CYS A 1 61 ? 6.580   -1.264  11.138  1.00 19.54 ? 61  CYS A CB  1 
ATOM   509 S SG  . CYS A 1 61 ? 7.116   -2.792  10.365  1.00 23.54 ? 61  CYS A SG  1 
HETATM 510 P P   . PO4 B 2 .  ? -6.405  13.872  -2.709  0.86 12.36 ? 201 PO4 A P   1 
HETATM 511 O O1  . PO4 B 2 .  ? -6.795  15.169  -3.260  0.86 16.36 ? 201 PO4 A O1  1 
HETATM 512 O O2  . PO4 B 2 .  ? -4.962  13.825  -2.589  0.86 20.34 ? 201 PO4 A O2  1 
HETATM 513 O O3  . PO4 B 2 .  ? -6.896  12.738  -3.444  0.86 12.29 ? 201 PO4 A O3  1 
HETATM 514 O O4  . PO4 B 2 .  ? -6.913  13.808  -1.321  0.86 22.36 ? 201 PO4 A O4  1 
HETATM 515 P P   . PO4 C 2 .  ? 10.083  5.871   3.942   0.61 31.76 ? 202 PO4 A P   1 
HETATM 516 O O1  . PO4 C 2 .  ? 9.828   6.982   4.795   0.61 48.01 ? 202 PO4 A O1  1 
HETATM 517 O O2  . PO4 C 2 .  ? 9.796   4.668   4.652   0.61 39.64 ? 202 PO4 A O2  1 
HETATM 518 O O3  . PO4 C 2 .  ? 9.301   5.931   2.765   0.61 36.32 ? 202 PO4 A O3  1 
HETATM 519 O O4  . PO4 C 2 .  ? 11.474  5.864   3.603   0.61 44.62 ? 202 PO4 A O4  1 
HETATM 520 O O   . HOH D 3 .  ? -12.707 -4.767  -0.227  0.37 26.76 ? 203 HOH A O   1 
HETATM 521 O O   . HOH D 3 .  ? -6.917  16.136  -5.606  1.00 14.18 ? 204 HOH A O   1 
HETATM 522 O O   . HOH D 3 .  ? 2.493   6.551   2.532   1.00 15.54 ? 205 HOH A O   1 
HETATM 523 O O   . HOH D 3 .  ? -9.090  16.409  -2.924  1.00 19.76 ? 206 HOH A O   1 
HETATM 524 O O   . HOH D 3 .  ? 2.710   2.170   11.336  1.00 17.02 ? 207 HOH A O   1 
HETATM 525 O O   . HOH D 3 .  ? -2.676  11.472  -6.426  1.00 20.45 ? 208 HOH A O   1 
HETATM 526 O O   . HOH D 3 .  ? 4.001   2.257   19.118  0.87 19.59 ? 209 HOH A O   1 
HETATM 527 O O   . HOH D 3 .  ? 2.457   4.776   10.092  0.93 17.82 ? 210 HOH A O   1 
HETATM 528 O O   . HOH D 3 .  ? 6.996   6.279   15.449  0.81 19.96 ? 211 HOH A O   1 
HETATM 529 O O   . HOH D 3 .  ? -10.561 5.450   -6.394  0.98 19.45 ? 212 HOH A O   1 
HETATM 530 O O   . HOH D 3 .  ? -5.523  -0.866  -8.296  1.00 29.52 ? 213 HOH A O   1 
HETATM 531 O O   . HOH D 3 .  ? -12.988 3.262   -5.814  1.00 27.33 ? 214 HOH A O   1 
HETATM 532 O O   . HOH D 3 .  ? -12.494 10.364  -0.640  1.00 22.02 ? 215 HOH A O   1 
HETATM 533 O O   . HOH D 3 .  ? 7.350   -1.159  7.020   0.71 25.31 ? 216 HOH A O   1 
HETATM 534 O O   . HOH D 3 .  ? 9.739   2.223   -1.789  0.77 24.81 ? 217 HOH A O   1 
HETATM 535 O O   . HOH D 3 .  ? -5.261  -4.471  0.622   0.82 20.53 ? 218 HOH A O   1 
HETATM 536 O O   . HOH D 3 .  ? -3.108  1.091   4.706   0.89 25.20 ? 219 HOH A O   1 
HETATM 537 O O   . HOH D 3 .  ? -8.111  -0.755  -8.709  1.00 28.67 ? 220 HOH A O   1 
HETATM 538 O O   . HOH D 3 .  ? -1.758  -10.287 0.727   0.61 21.05 ? 221 HOH A O   1 
HETATM 539 O O   . HOH D 3 .  ? 2.789   -8.850  1.236   0.77 25.47 ? 222 HOH A O   1 
HETATM 540 O O   . HOH D 3 .  ? -8.908  0.117   -11.273 0.77 27.88 ? 223 HOH A O   1 
HETATM 541 O O   . HOH D 3 .  ? -0.938  -10.732 -9.466  1.00 26.79 ? 224 HOH A O   1 
HETATM 542 O O   . HOH D 3 .  ? 3.674   9.864   -6.953  1.00 32.87 ? 225 HOH A O   1 
HETATM 543 O O   . HOH D 3 .  ? 2.552   5.606   16.695  0.53 22.00 ? 226 HOH A O   1 
HETATM 544 O O   . HOH D 3 .  ? 2.960   -0.729  1.388   0.59 20.30 ? 227 HOH A O   1 
HETATM 545 O O   . HOH D 3 .  ? 13.581  -10.399 -3.044  0.75 25.63 ? 228 HOH A O   1 
HETATM 546 O O   . HOH D 3 .  ? -3.047  8.406   6.404   0.95 30.39 ? 229 HOH A O   1 
HETATM 547 O O   . HOH D 3 .  ? 9.537   1.404   1.127   0.50 25.51 ? 230 HOH A O   1 
HETATM 548 O O   . HOH D 3 .  ? 6.253   10.902  8.440   0.76 29.66 ? 231 HOH A O   1 
HETATM 549 O O   . HOH D 3 .  ? 14.066  0.334   -2.141  0.41 19.98 ? 232 HOH A O   1 
HETATM 550 O O   . HOH D 3 .  ? 7.780   -8.056  -6.663  0.95 29.77 ? 233 HOH A O   1 
HETATM 551 O O   . HOH D 3 .  ? 11.719  -9.199  -4.776  0.95 32.45 ? 234 HOH A O   1 
HETATM 552 O O   . HOH D 3 .  ? -1.820  12.001  -1.635  1.00 34.46 ? 235 HOH A O   1 
HETATM 553 O O   . HOH D 3 .  ? -3.403  13.653  -4.675  0.91 29.87 ? 236 HOH A O   1 
HETATM 554 O O   . HOH D 3 .  ? 3.832   -6.351  5.655   0.67 29.56 ? 237 HOH A O   1 
HETATM 555 O O   . HOH D 3 .  ? 5.537   -10.083 13.340  0.59 23.63 ? 238 HOH A O   1 
HETATM 556 O O   . HOH D 3 .  ? 0.431   5.578   11.701  1.00 42.08 ? 239 HOH A O   1 
HETATM 557 O O   . HOH D 3 .  ? -5.577  9.609   6.753   0.70 32.91 ? 240 HOH A O   1 
HETATM 558 O O   . HOH D 3 .  ? 0.995   -6.498  15.241  0.52 29.73 ? 241 HOH A O   1 
HETATM 559 O O   . HOH D 3 .  ? -8.428  -5.393  -6.487  0.54 24.69 ? 242 HOH A O   1 
HETATM 560 O O   . HOH D 3 .  ? 8.745   7.024   -0.848  0.81 35.63 ? 243 HOH A O   1 
HETATM 561 O O   . HOH D 3 .  ? -0.504  5.835   9.591   0.66 32.37 ? 244 HOH A O   1 
HETATM 562 O O   . HOH D 3 .  ? -4.514  -11.972 -7.513  1.00 40.52 ? 245 HOH A O   1 
HETATM 563 O O   . HOH D 3 .  ? 0.185   2.334   12.527  0.69 28.78 ? 246 HOH A O   1 
HETATM 564 O O   . HOH D 3 .  ? 7.924   -13.256 -8.651  1.00 42.21 ? 247 HOH A O   1 
HETATM 565 O O   . HOH D 3 .  ? -4.140  -2.680  7.129   1.00 55.39 ? 248 HOH A O   1 
HETATM 566 O O   . HOH D 3 .  ? 2.727   -3.197  15.539  0.64 28.40 ? 249 HOH A O   1 
HETATM 567 O O   . HOH D 3 .  ? -4.697  9.817   -5.833  1.00 13.22 ? 250 HOH A O   1 
HETATM 568 O O   . HOH D 3 .  ? 1.737   9.187   1.601   1.00 44.42 ? 251 HOH A O   1 
HETATM 569 O O   . HOH D 3 .  ? 1.860   9.715   5.248   1.00 37.23 ? 252 HOH A O   1 
HETATM 570 O O   . HOH D 3 .  ? 4.165   -7.164  9.631   0.67 37.86 ? 253 HOH A O   1 
HETATM 571 O O   . HOH D 3 .  ? 1.463   -9.368  6.997   0.75 43.32 ? 254 HOH A O   1 
HETATM 572 O O   . HOH D 3 .  ? 7.278   -4.666  5.192   1.00 39.30 ? 255 HOH A O   1 
HETATM 573 O O   . HOH D 3 .  ? 6.326   8.827   5.761   1.00 27.88 ? 256 HOH A O   1 
HETATM 574 O O   . HOH D 3 .  ? 9.199   9.167   5.120   0.90 44.95 ? 257 HOH A O   1 
HETATM 575 O O   . HOH D 3 .  ? 6.356   -10.183 -0.196  0.98 40.63 ? 258 HOH A O   1 
HETATM 576 O O   . HOH D 3 .  ? -10.084 17.313  0.035   1.00 39.79 ? 259 HOH A O   1 
HETATM 577 O O   . HOH D 3 .  ? -0.772  0.488   -12.761 0.15 8.78  ? 260 HOH A O   1 
HETATM 578 O O   . HOH D 3 .  ? -0.647  13.629  -3.788  1.00 45.95 ? 261 HOH A O   1 
HETATM 579 O O   . HOH D 3 .  ? -3.060  -0.898  9.669   0.97 43.20 ? 262 HOH A O   1 
HETATM 580 O O   . HOH D 3 .  ? 8.647   -10.105 -7.247  0.46 27.18 ? 263 HOH A O   1 
HETATM 581 O O   . HOH D 3 .  ? -3.866  -14.983 -6.788  0.84 41.63 ? 264 HOH A O   1 
HETATM 582 O O   . HOH D 3 .  ? -3.353  13.594  -0.725  0.93 39.38 ? 265 HOH A O   1 
HETATM 583 O O   . HOH D 3 .  ? 1.688   12.124  -2.933  1.00 54.30 ? 266 HOH A O   1 
HETATM 584 O O   . HOH D 3 .  ? 5.434   -10.210 10.323  1.00 43.50 ? 267 HOH A O   1 
HETATM 585 O O   . HOH D 3 .  ? 4.154   -7.807  3.926   0.62 29.66 ? 268 HOH A O   1 
HETATM 586 O O   . HOH D 3 .  ? 8.166   -5.812  8.506   1.00 58.80 ? 269 HOH A O   1 
HETATM 587 O O   . HOH D 3 .  ? 8.704   -4.393  2.639   0.60 36.82 ? 270 HOH A O   1 
HETATM 588 O O   . HOH D 3 .  ? 11.226  -9.504  -7.495  0.76 37.09 ? 271 HOH A O   1 
HETATM 589 O O   . HOH D 3 .  ? -7.290  16.076  0.275   1.00 37.86 ? 272 HOH A O   1 
HETATM 590 O O   . HOH D 3 .  ? -4.299  15.692  -6.639  0.95 22.26 ? 273 HOH A O   1 
HETATM 591 O O   . HOH D 3 .  ? -5.332  -3.901  8.667   0.94 50.74 ? 274 HOH A O   1 
HETATM 592 O O   . HOH D 3 .  ? 0.202   -6.763  -13.615 1.00 45.55 ? 275 HOH A O   1 
HETATM 593 O O   . HOH D 3 .  ? 0.620   -13.408 -4.114  0.89 35.11 ? 276 HOH A O   1 
HETATM 594 O O   . HOH D 3 .  ? -11.753 4.514   -8.690  0.72 33.45 ? 277 HOH A O   1 
HETATM 595 O O   . HOH D 3 .  ? 12.085  2.892   -1.383  0.35 25.18 ? 278 HOH A O   1 
HETATM 596 O O   . HOH D 3 .  ? -14.040 12.055  0.782   0.38 20.41 ? 279 HOH A O   1 
HETATM 597 O O   . HOH D 3 .  ? -5.563  1.208   5.300   0.26 26.19 ? 280 HOH A O   1 
HETATM 598 O O   . HOH D 3 .  ? -7.827  2.723   6.264   1.00 37.99 ? 281 HOH A O   1 
HETATM 599 O O   . HOH D 3 .  ? 7.718   7.934   1.543   0.44 30.64 ? 282 HOH A O   1 
HETATM 600 O O   . HOH D 3 .  ? 10.210  0.786   12.101  1.00 57.53 ? 283 HOH A O   1 
HETATM 601 O O   . HOH D 3 .  ? -3.980  -1.141  4.568   0.61 39.56 ? 284 HOH A O   1 
HETATM 602 O O   . HOH D 3 .  ? 5.608   7.676   2.950   1.00 48.04 ? 285 HOH A O   1 
HETATM 603 O O   . HOH D 3 .  ? -6.246  -7.979  -9.814  0.17 22.05 ? 286 HOH A O   1 
HETATM 604 O O   . HOH D 3 .  ? -3.366  -9.384  -10.579 1.00 50.49 ? 287 HOH A O   1 
HETATM 605 O O   . HOH D 3 .  ? 1.821   -15.772 -4.872  0.33 21.45 ? 288 HOH A O   1 
HETATM 606 O O   . HOH D 3 .  ? -5.695  -9.722  0.546   0.42 32.03 ? 289 HOH A O   1 
HETATM 607 O O   . HOH D 3 .  ? -3.048  -7.279  2.747   0.31 27.33 ? 290 HOH A O   1 
HETATM 608 O O   . HOH D 3 .  ? -5.147  13.583  1.127   0.67 27.53 ? 291 HOH A O   1 
HETATM 609 O O   . HOH D 3 .  ? 6.513   7.980   -10.737 0.12 20.70 ? 292 HOH A O   1 
HETATM 610 O O   . HOH D 3 .  ? -3.882  -2.254  11.331  0.93 58.14 ? 293 HOH A O   1 
HETATM 611 O O   . HOH D 3 .  ? -5.161  -10.401 -12.415 0.45 29.55 ? 294 HOH A O   1 
HETATM 612 O O   . HOH D 3 .  ? -1.109  -11.892 -6.668  1.00 50.53 ? 295 HOH A O   1 
HETATM 613 O O   . HOH D 3 .  ? 10.485  4.918   1.074   1.00 45.17 ? 296 HOH A O   1 
HETATM 614 O O   . HOH D 3 .  ? 1.110   -1.202  19.984  1.00 47.47 ? 297 HOH A O   1 
HETATM 615 O O   . HOH D 3 .  ? 4.501   8.817   -8.812  1.00 66.46 ? 298 HOH A O   1 
HETATM 616 O O   . HOH D 3 .  ? 11.223  -4.103  3.845   0.44 26.95 ? 299 HOH A O   1 
HETATM 617 O O   . HOH D 3 .  ? 3.138   9.599   -0.754  1.00 39.52 ? 300 HOH A O   1 
HETATM 618 O O   . HOH D 3 .  ? -0.007  10.665  0.601   0.83 47.26 ? 301 HOH A O   1 
HETATM 619 O O   . HOH D 3 .  ? -1.646  -9.196  1.688   0.23 19.84 ? 302 HOH A O   1 
HETATM 620 O O   . HOH D 3 .  ? -3.425  -6.800  -10.532 0.52 35.02 ? 303 HOH A O   1 
HETATM 621 O O   . HOH D 3 .  ? -3.758  -13.048 -10.964 0.55 36.26 ? 304 HOH A O   1 
HETATM 622 O O   . HOH D 3 .  ? -3.219  -5.496  4.610   1.00 53.91 ? 305 HOH A O   1 
HETATM 623 O O   . HOH D 3 .  ? 0.197   2.253   -10.176 0.13 15.72 ? 306 HOH A O   1 
HETATM 624 O O   . HOH D 3 .  ? -5.171  11.932  7.417   1.00 54.24 ? 307 HOH A O   1 
HETATM 625 O O   . HOH D 3 .  ? 9.091   -1.833  3.395   0.40 32.96 ? 308 HOH A O   1 
HETATM 626 O O   . HOH D 3 .  ? 9.690   -6.946  4.803   0.71 49.65 ? 309 HOH A O   1 
HETATM 627 O O   . HOH D 3 .  ? 13.389  -5.170  3.902   0.23 28.77 ? 310 HOH A O   1 
HETATM 628 O O   . HOH D 3 .  ? -10.895 3.969   6.727   0.99 52.51 ? 311 HOH A O   1 
HETATM 629 O O   . HOH D 3 .  ? 5.672   -5.354  13.208  0.98 55.00 ? 312 HOH A O   1 
HETATM 630 O O   . HOH D 3 .  ? 9.487   0.437   6.177   0.46 42.53 ? 313 HOH A O   1 
HETATM 631 O O   . HOH D 3 .  ? -7.083  -2.653  6.454   1.00 68.23 ? 314 HOH A O   1 
HETATM 632 O O   . HOH D 3 .  ? -2.804  -7.236  6.993   0.81 57.05 ? 315 HOH A O   1 
HETATM 633 O O   . HOH D 3 .  ? -6.850  -7.786  2.197   0.91 59.95 ? 316 HOH A O   1 
# 
loop_
_atom_site_anisotrop.id 
_atom_site_anisotrop.type_symbol 
_atom_site_anisotrop.pdbx_label_atom_id 
_atom_site_anisotrop.pdbx_label_alt_id 
_atom_site_anisotrop.pdbx_label_comp_id 
_atom_site_anisotrop.pdbx_label_asym_id 
_atom_site_anisotrop.pdbx_label_seq_id 
_atom_site_anisotrop.pdbx_PDB_ins_code 
_atom_site_anisotrop.U[1][1] 
_atom_site_anisotrop.U[2][2] 
_atom_site_anisotrop.U[3][3] 
_atom_site_anisotrop.U[1][2] 
_atom_site_anisotrop.U[1][3] 
_atom_site_anisotrop.U[2][3] 
_atom_site_anisotrop.pdbx_auth_seq_id 
_atom_site_anisotrop.pdbx_auth_comp_id 
_atom_site_anisotrop.pdbx_auth_asym_id 
_atom_site_anisotrop.pdbx_auth_atom_id 
1   N N   . LYS A 1  ? 0.1353 0.1583 0.1658 0.0303  -0.0152 -0.0247 1   LYS A N   
2   C CA  . LYS A 1  ? 0.1310 0.1754 0.2098 0.0402  -0.0361 -0.0518 1   LYS A CA  
3   C C   . LYS A 1  ? 0.1229 0.1484 0.1412 0.0170  -0.0066 -0.0206 1   LYS A C   
4   O O   . LYS A 1  ? 0.1375 0.1609 0.1744 0.0131  -0.0237 -0.0377 1   LYS A O   
5   C CB  . LYS A 1  ? 0.2272 0.4407 0.1877 0.1644  -0.0446 -0.1541 1   LYS A CB  
6   C CG  . LYS A 1  ? 0.3037 0.3532 0.2098 0.1161  -0.0039 -0.0344 1   LYS A CG  
7   C CD  . LYS A 1  ? 0.2959 0.4683 0.1923 0.0446  -0.0113 -0.1493 1   LYS A CD  
8   C CE  . LYS A 1  ? 0.3486 0.6625 0.2289 -0.0254 -0.0272 0.0126  1   LYS A CE  
9   N NZ  . LYS A 1  ? 0.5908 0.3545 0.2219 -0.1328 0.0864  -0.0469 1   LYS A NZ  
10  N N   . GLU A 2  ? 0.1274 0.1392 0.1776 0.0179  -0.0214 -0.0255 2   GLU A N   
11  C CA  . GLU A 2  ? 0.1219 0.1463 0.1336 0.0232  -0.0128 -0.0108 2   GLU A CA  
12  C C   . GLU A 2  ? 0.1574 0.1315 0.1322 0.0137  -0.0317 -0.0192 2   GLU A C   
13  O O   . GLU A 2  ? 0.2398 0.1944 0.1639 0.0706  -0.0575 -0.0664 2   GLU A O   
14  C CB  A GLU A 2  ? 0.1756 0.1511 0.1617 0.0008  0.0133  0.0075  2   GLU A CB  
15  C CB  B GLU A 2  ? 0.1408 0.1513 0.1651 0.0364  -0.0102 0.0284  2   GLU A CB  
16  C CG  A GLU A 2  ? 0.2355 0.1365 0.2830 -0.0126 0.0226  0.0238  2   GLU A CG  
17  C CG  B GLU A 2  ? 0.1586 0.1350 0.1710 0.0132  -0.0315 0.0372  2   GLU A CG  
18  C CD  A GLU A 2  ? 0.2036 0.1204 0.3148 0.0233  0.0348  0.0550  2   GLU A CD  
19  C CD  B GLU A 2  ? 0.1905 0.1559 0.1681 0.0254  0.0152  0.0154  2   GLU A CD  
20  O OE1 A GLU A 2  ? 0.2975 0.3772 0.4110 0.1493  0.0902  0.2106  2   GLU A OE1 
21  O OE1 B GLU A 2  ? 0.1815 0.2368 0.1909 -0.0097 0.0017  0.0692  2   GLU A OE1 
22  O OE2 A GLU A 2  ? 0.1933 0.1926 0.3976 0.0292  0.0376  0.0576  2   GLU A OE2 
23  O OE2 B GLU A 2  ? 0.1838 0.0967 0.1798 -0.0270 0.0005  0.0354  2   GLU A OE2 
24  N N   . GLY A 3  ? 0.1373 0.1356 0.1272 0.0149  -0.0244 -0.0133 3   GLY A N   
25  C CA  . GLY A 3  ? 0.1386 0.1425 0.1419 0.0195  -0.0371 -0.0204 3   GLY A CA  
26  C C   . GLY A 3  ? 0.1533 0.1324 0.1066 0.0036  -0.0278 -0.0129 3   GLY A C   
27  O O   . GLY A 3  ? 0.1552 0.1506 0.1249 0.0047  -0.0375 -0.0257 3   GLY A O   
28  N N   . TYR A 4  ? 0.1420 0.1288 0.1166 0.0002  -0.0230 -0.0161 4   TYR A N   
29  C CA  . TYR A 4  ? 0.1542 0.1321 0.1174 0.0085  -0.0391 -0.0130 4   TYR A CA  
30  C C   . TYR A 4  ? 0.1630 0.1414 0.1344 -0.0102 -0.0418 -0.0069 4   TYR A C   
31  O O   . TYR A 4  ? 0.1864 0.1834 0.1413 -0.0145 -0.0079 -0.0227 4   TYR A O   
32  C CB  . TYR A 4  ? 0.1524 0.1709 0.1227 0.0070  -0.0349 -0.0014 4   TYR A CB  
33  C CG  . TYR A 4  ? 0.1539 0.1766 0.1364 -0.0015 -0.0268 -0.0063 4   TYR A CG  
34  C CD1 . TYR A 4  ? 0.1750 0.1893 0.1278 0.0079  -0.0217 -0.0036 4   TYR A CD1 
35  C CD2 . TYR A 4  ? 0.1490 0.1872 0.2006 -0.0052 -0.0115 -0.0238 4   TYR A CD2 
36  C CE1 . TYR A 4  ? 0.1466 0.2493 0.1619 0.0005  -0.0236 -0.0414 4   TYR A CE1 
37  C CE2 . TYR A 4  ? 0.1620 0.2201 0.2286 -0.0295 -0.0008 -0.0303 4   TYR A CE2 
38  C CZ  . TYR A 4  ? 0.1757 0.2654 0.1696 -0.0335 0.0051  -0.0282 4   TYR A CZ  
39  O OH  . TYR A 4  ? 0.2215 0.3171 0.2712 -0.0302 0.0661  0.0042  4   TYR A OH  
40  N N   . LEU A 5  ? 0.1910 0.1606 0.1384 -0.0269 -0.0431 -0.0035 5   LEU A N   
41  C CA  . LEU A 5  ? 0.1965 0.1933 0.1764 -0.0538 -0.0623 0.0310  5   LEU A CA  
42  C C   . LEU A 5  ? 0.1888 0.1819 0.1638 -0.0292 -0.0367 0.0229  5   LEU A C   
43  O O   . LEU A 5  ? 0.1986 0.2406 0.1712 -0.0018 -0.0197 0.0523  5   LEU A O   
44  C CB  . LEU A 5  ? 0.3122 0.2061 0.1803 -0.0998 -0.0770 0.0331  5   LEU A CB  
45  C CG  . LEU A 5  ? 0.4050 0.3163 0.2133 -0.1424 -0.1584 0.0570  5   LEU A CG  
46  C CD1 . LEU A 5  ? 0.6487 0.4616 0.2795 -0.3546 -0.2311 0.0723  5   LEU A CD1 
47  C CD2 . LEU A 5  ? 0.3002 0.5186 0.3695 -0.0623 -0.1463 0.1695  5   LEU A CD2 
48  N N   . MET A 6  ? 0.1656 0.2391 0.1748 -0.0404 -0.0399 0.0418  6   MET A N   
49  C CA  . MET A 6  ? 0.1738 0.2514 0.1785 -0.0285 -0.0392 0.0507  6   MET A CA  
50  C C   . MET A 6  ? 0.2155 0.2672 0.1730 -0.0549 -0.0432 0.0570  6   MET A C   
51  O O   . MET A 6  ? 0.2400 0.3341 0.3227 -0.0999 -0.1052 0.1358  6   MET A O   
52  C CB  . MET A 6  ? 0.2879 0.3133 0.1791 -0.0805 -0.0472 0.0112  6   MET A CB  
53  C CG  . MET A 6  ? 0.3025 0.2592 0.2353 -0.0504 -0.0713 0.0400  6   MET A CG  
54  S SD  . MET A 6  ? 0.3521 0.2799 0.3130 0.0074  -0.1182 -0.0365 6   MET A SD  
55  C CE  . MET A 6  ? 0.3786 0.3915 0.5289 0.0725  -0.1534 -0.1360 6   MET A CE  
56  N N   . ASP A 7  ? 0.2509 0.2699 0.2012 -0.0711 -0.0684 0.0822  7   ASP A N   
57  C CA  . ASP A 7  ? 0.2684 0.2219 0.1885 -0.0645 -0.0223 0.0209  7   ASP A CA  
58  C C   . ASP A 7  ? 0.2292 0.1919 0.1911 -0.0347 -0.0301 0.0238  7   ASP A C   
59  O O   . ASP A 7  ? 0.2451 0.1856 0.2298 -0.0011 -0.0335 0.0217  7   ASP A O   
60  C CB  . ASP A 7  ? 0.3673 0.2281 0.1809 -0.0168 -0.0143 -0.0342 7   ASP A CB  
61  C CG  . ASP A 7  ? 0.3360 0.2045 0.2000 0.0222  -0.0069 -0.0135 7   ASP A CG  
62  O OD1 . ASP A 7  ? 0.2686 0.1947 0.1769 0.0010  -0.0178 0.0044  7   ASP A OD1 
63  O OD2 . ASP A 7  ? 0.4429 0.2972 0.3127 0.1193  -0.0214 -0.0545 7   ASP A OD2 
64  N N   . HIS A 8  ? 0.2025 0.1946 0.1844 -0.0163 -0.0308 0.0275  8   HIS A N   
65  C CA  . HIS A 8  ? 0.1978 0.1648 0.2078 -0.0102 -0.0035 0.0133  8   HIS A CA  
66  C C   . HIS A 8  ? 0.2222 0.1902 0.1834 -0.0374 0.0178  -0.0028 8   HIS A C   
67  O O   . HIS A 8  ? 0.2807 0.3080 0.2259 -0.0445 0.0479  -0.0645 8   HIS A O   
68  C CB  . HIS A 8  ? 0.1883 0.1760 0.2575 -0.0197 -0.0089 0.0260  8   HIS A CB  
69  C CG  . HIS A 8  ? 0.1856 0.1699 0.2726 -0.0163 -0.0012 0.0371  8   HIS A CG  
70  N ND1 . HIS A 8  ? 0.2508 0.2302 0.3547 0.0109  0.0664  0.0297  8   HIS A ND1 
71  C CD2 . HIS A 8  ? 0.2219 0.2554 0.3052 -0.0244 -0.0297 0.0883  8   HIS A CD2 
72  C CE1 . HIS A 8  ? 0.3206 0.1776 0.5461 0.0497  0.0479  0.0256  8   HIS A CE1 
73  N NE2 . HIS A 8  ? 0.2504 0.2847 0.4945 0.0268  -0.0654 0.1189  8   HIS A NE2 
74  N N   . GLU A 9  ? 0.2164 0.1945 0.1660 -0.0216 -0.0131 0.0249  9   GLU A N   
75  C CA  . GLU A 9  ? 0.2503 0.2220 0.1673 -0.0288 -0.0314 0.0372  9   GLU A CA  
76  C C   . GLU A 9  ? 0.2433 0.2405 0.1332 -0.0584 -0.0042 0.0110  9   GLU A C   
77  O O   . GLU A 9  ? 0.2799 0.3050 0.1658 -0.0824 -0.0367 0.0272  9   GLU A O   
78  C CB  . GLU A 9  ? 0.2628 0.2936 0.2917 0.0192  -0.0712 0.0913  9   GLU A CB  
79  C CG  . GLU A 9  ? 0.4548 0.2512 0.3747 0.0396  -0.1630 0.0141  9   GLU A CG  
80  C CD  . GLU A 9  ? 0.5880 0.4245 0.5623 0.1795  -0.1670 0.1759  9   GLU A CD  
81  O OE1 . GLU A 9  ? 0.8246 0.5894 1.0794 0.3985  0.1310  0.0269  9   GLU A OE1 
82  O OE2 . GLU A 9  ? 0.6626 0.9461 0.7482 -0.2615 -0.4278 0.5811  9   GLU A OE2 
83  N N   . GLY A 10 ? 0.2074 0.1890 0.1517 -0.0197 0.0109  0.0025  10  GLY A N   
84  C CA  . GLY A 10 ? 0.1934 0.1890 0.1876 -0.0193 0.0295  -0.0062 10  GLY A CA  
85  C C   . GLY A 10 ? 0.1852 0.2026 0.1384 -0.0046 0.0077  0.0223  10  GLY A C   
86  O O   . GLY A 10 ? 0.2240 0.2128 0.2021 -0.0321 0.0414  0.0132  10  GLY A O   
87  N N   . CYS A 11 ? 0.2347 0.2146 0.1348 -0.0111 0.0194  0.0024  11  CYS A N   
88  C CA  . CYS A 11 ? 0.2278 0.2357 0.1376 0.0140  0.0113  0.0097  11  CYS A CA  
89  C C   . CYS A 11 ? 0.2223 0.2095 0.1334 0.0112  0.0145  -0.0080 11  CYS A C   
90  O O   . CYS A 11 ? 0.2064 0.3393 0.1432 0.0006  0.0153  0.0365  11  CYS A O   
91  C CB  . CYS A 11 ? 0.2696 0.2531 0.1742 0.0390  0.0077  0.0222  11  CYS A CB  
92  S SG  . CYS A 11 ? 0.3663 0.2473 0.2045 0.0641  -0.0443 0.0191  11  CYS A SG  
93  N N   . LYS A 12 ? 0.1834 0.2440 0.1298 0.0159  -0.0051 -0.0027 12  LYS A N   
94  C CA  . LYS A 12 ? 0.1871 0.2556 0.1224 0.0402  0.0208  -0.0206 12  LYS A CA  
95  C C   . LYS A 12 ? 0.1866 0.2481 0.1217 0.0132  0.0044  0.0026  12  LYS A C   
96  O O   . LYS A 12 ? 0.2427 0.2487 0.1837 0.0391  -0.0492 -0.0193 12  LYS A O   
97  C CB  . LYS A 12 ? 0.2029 0.2475 0.1252 0.0082  0.0121  -0.0255 12  LYS A CB  
98  C CG  . LYS A 12 ? 0.2389 0.2502 0.1198 0.0183  -0.0083 -0.0357 12  LYS A CG  
99  C CD  . LYS A 12 ? 0.3063 0.2621 0.1559 -0.0221 0.0244  -0.0250 12  LYS A CD  
100 C CE  A LYS A 12 ? 0.2045 0.2461 0.0996 0.0288  -0.0441 -0.0241 12  LYS A CE  
101 C CE  B LYS A 12 ? 0.3511 0.2318 0.2093 -0.0284 0.0678  -0.0535 12  LYS A CE  
102 N NZ  A LYS A 12 ? 0.3789 0.3653 0.2282 -0.1009 0.0204  0.0279  12  LYS A NZ  
103 N NZ  B LYS A 12 ? 0.3039 0.2954 0.2850 -0.0323 0.1106  -0.1011 12  LYS A NZ  
104 N N   . LEU A 13 ? 0.1475 0.2518 0.1720 -0.0275 -0.0052 0.0410  13  LEU A N   
105 C CA  . LEU A 13 ? 0.1765 0.2395 0.1656 -0.0353 -0.0233 0.0584  13  LEU A CA  
106 C C   . LEU A 13 ? 0.1905 0.1853 0.1638 -0.0541 -0.0289 0.0454  13  LEU A C   
107 O O   . LEU A 13 ? 0.2078 0.2275 0.1818 -0.0313 0.0063  0.0693  13  LEU A O   
108 C CB  . LEU A 13 ? 0.1865 0.3309 0.2231 -0.0626 -0.0581 0.0811  13  LEU A CB  
109 C CG  . LEU A 13 ? 0.2390 0.3780 0.3442 -0.1203 -0.0949 0.1018  13  LEU A CG  
110 C CD1 . LEU A 13 ? 0.4646 0.3945 0.3612 -0.1974 -0.0936 0.1162  13  LEU A CD1 
111 C CD2 . LEU A 13 ? 0.2068 0.5375 0.4430 -0.1553 -0.1273 0.1330  13  LEU A CD2 
112 N N   . SER A 14 ? 0.2278 0.1761 0.1620 -0.0448 0.0019  0.0360  14  SER A N   
113 C CA  . SER A 14 ? 0.2036 0.2226 0.1503 -0.0450 -0.0196 0.0122  14  SER A CA  
114 C C   . SER A 14 ? 0.2005 0.1631 0.1553 -0.0243 -0.0251 0.0248  14  SER A C   
115 O O   . SER A 14 ? 0.2319 0.2319 0.1847 -0.0718 -0.0290 0.0208  14  SER A O   
116 C CB  . SER A 14 ? 0.2911 0.3817 0.1812 0.0889  -0.0662 0.0298  14  SER A CB  
117 O OG  . SER A 14 ? 0.3112 0.4519 0.3343 0.1156  -0.0263 0.0068  14  SER A OG  
118 N N   . CYS A 15 ? 0.1951 0.1537 0.1335 -0.0136 -0.0384 0.0235  15  CYS A N   
119 C CA  . CYS A 15 ? 0.1803 0.1256 0.1472 -0.0124 -0.0315 0.0147  15  CYS A CA  
120 C C   . CYS A 15 ? 0.2070 0.1416 0.1995 0.0195  -0.0488 -0.0157 15  CYS A C   
121 O O   . CYS A 15 ? 0.3121 0.2317 0.2057 0.1230  -0.0239 -0.0286 15  CYS A O   
122 C CB  . CYS A 15 ? 0.1669 0.1398 0.1349 -0.0039 -0.0302 0.0080  15  CYS A CB  
123 S SG  . CYS A 15 ? 0.1750 0.1335 0.1321 0.0018  -0.0283 0.0032  15  CYS A SG  
124 N N   . PHE A 16 ? 0.2231 0.1745 0.2761 0.0339  -0.0983 -0.0316 16  PHE A N   
125 C CA  . PHE A 16 ? 0.2651 0.2102 0.3452 0.0718  -0.1318 -0.0706 16  PHE A CA  
126 C C   . PHE A 16 ? 0.2857 0.2010 0.3756 0.0710  -0.1549 -0.0683 16  PHE A C   
127 O O   . PHE A 16 ? 0.3378 0.2060 0.4004 0.0371  -0.1511 -0.0279 16  PHE A O   
128 C CB  . PHE A 16 ? 0.2443 0.2183 0.3826 0.0287  -0.1532 -0.0260 16  PHE A CB  
129 C CG  . PHE A 16 ? 0.2090 0.1917 0.2919 0.0307  -0.0635 -0.0398 16  PHE A CG  
130 C CD1 . PHE A 16 ? 0.2929 0.2545 0.2788 -0.0214 -0.0332 -0.0015 16  PHE A CD1 
131 C CD2 . PHE A 16 ? 0.2840 0.2186 0.2683 0.0126  -0.0219 -0.0421 16  PHE A CD2 
132 C CE1 . PHE A 16 ? 0.3202 0.2303 0.2323 -0.0128 0.0171  -0.0270 16  PHE A CE1 
133 C CE2 . PHE A 16 ? 0.2181 0.2471 0.2516 -0.0068 0.0013  -0.0199 16  PHE A CE2 
134 C CZ  . PHE A 16 ? 0.2258 0.2456 0.2377 0.0207  -0.0434 -0.0089 16  PHE A CZ  
135 N N   . ILE A 17 ? 0.2712 0.2374 0.3788 0.0835  -0.1803 -0.0996 17  ILE A N   
136 C CA  . ILE A 17 ? 0.2766 0.2492 0.4117 0.0604  -0.1706 -0.1153 17  ILE A CA  
137 C C   . ILE A 17 ? 0.2845 0.1972 0.3886 0.0469  -0.1333 -0.0694 17  ILE A C   
138 O O   . ILE A 17 ? 0.3465 0.2063 0.5800 0.0265  -0.2074 -0.0214 17  ILE A O   
139 C CB  . ILE A 17 ? 0.3402 0.2317 0.6430 0.0543  -0.2506 -0.0792 17  ILE A CB  
140 C CG1 . ILE A 17 ? 0.6466 0.2086 0.6072 0.0858  -0.3616 -0.0433 17  ILE A CG1 
141 C CG2 . ILE A 17 ? 0.2880 0.5784 1.0490 0.1217  -0.2646 -0.1270 17  ILE A CG2 
142 C CD1 . ILE A 17 ? 0.8096 0.3211 0.9339 0.1466  -0.5232 0.0576  17  ILE A CD1 
143 N N   . ARG A 18 ? 0.2348 0.1947 0.3433 0.0252  -0.0969 -0.0507 18  ARG A N   
144 C CA  . ARG A 18 ? 0.2291 0.1808 0.2401 -0.0060 -0.0674 -0.0394 18  ARG A CA  
145 C C   . ARG A 18 ? 0.2110 0.1296 0.2299 0.0007  -0.0252 -0.0182 18  ARG A C   
146 O O   . ARG A 18 ? 0.1958 0.1852 0.2910 -0.0093 0.0046  -0.0174 18  ARG A O   
147 C CB  . ARG A 18 ? 0.2270 0.1963 0.2242 0.0058  -0.0545 -0.0400 18  ARG A CB  
148 C CG  . ARG A 18 ? 0.2237 0.2372 0.2249 -0.0066 -0.0629 -0.0260 18  ARG A CG  
149 C CD  . ARG A 18 ? 0.3032 0.2854 0.2443 -0.0596 -0.0651 -0.0016 18  ARG A CD  
150 N NE  . ARG A 18 ? 0.4324 0.2493 0.2540 -0.0277 -0.0194 0.0145  18  ARG A NE  
151 C CZ  . ARG A 18 ? 0.4786 0.2436 0.3192 -0.0058 0.0339  0.0398  18  ARG A CZ  
152 N NH1 . ARG A 18 ? 0.4875 0.3394 0.4182 -0.1007 -0.0715 0.1155  18  ARG A NH1 
153 N NH2 . ARG A 18 ? 0.7598 0.4254 0.3052 -0.1242 0.0190  0.1289  18  ARG A NH2 
154 N N   . PRO A 19 ? 0.1931 0.1761 0.1884 0.0029  -0.0139 -0.0327 19  PRO A N   
155 C CA  . PRO A 19 ? 0.2336 0.1568 0.1870 0.0169  -0.0051 -0.0391 19  PRO A CA  
156 C C   . PRO A 19 ? 0.1993 0.1735 0.1844 0.0294  0.0289  -0.0290 19  PRO A C   
157 O O   . PRO A 19 ? 0.2398 0.1621 0.1763 0.0302  0.0160  -0.0357 19  PRO A O   
158 C CB  . PRO A 19 ? 0.3070 0.2058 0.2079 -0.0419 -0.0464 -0.0575 19  PRO A CB  
159 C CG  . PRO A 19 ? 0.3442 0.4096 0.1965 -0.1830 -0.0251 -0.0245 19  PRO A CG  
160 C CD  . PRO A 19 ? 0.2312 0.2043 0.2040 -0.0352 -0.0242 -0.0165 19  PRO A CD  
161 N N   . SER A 20 ? 0.2317 0.1568 0.1938 0.0483  0.0482  -0.0314 20  SER A N   
162 C CA  . SER A 20 ? 0.2097 0.1687 0.2040 0.0393  0.0246  -0.0174 20  SER A CA  
163 C C   . SER A 20 ? 0.2011 0.1531 0.1822 0.0145  0.0052  -0.0249 20  SER A C   
164 O O   . SER A 20 ? 0.2271 0.1870 0.2014 0.0010  -0.0155 -0.0687 20  SER A O   
165 C CB  . SER A 20 ? 0.2991 0.1971 0.2256 0.0818  0.0748  0.0060  20  SER A CB  
166 O OG  A SER A 20 ? 0.3581 0.1959 0.1967 0.0428  0.0291  -0.0002 20  SER A OG  
167 O OG  B SER A 20 ? 0.3322 0.1575 0.4197 0.0819  0.1871  0.0672  20  SER A OG  
168 N N   . GLY A 21 ? 0.2079 0.1628 0.1558 0.0316  0.0263  -0.0204 21  GLY A N   
169 C CA  . GLY A 21 ? 0.1884 0.1676 0.1483 0.0219  -0.0125 -0.0262 21  GLY A CA  
170 C C   . GLY A 21 ? 0.1669 0.1536 0.1390 0.0214  -0.0229 -0.0465 21  GLY A C   
171 O O   . GLY A 21 ? 0.1564 0.2022 0.1617 0.0238  -0.0212 -0.0483 21  GLY A O   
172 N N   . TYR A 22 ? 0.1389 0.1454 0.1528 0.0082  -0.0089 -0.0183 22  TYR A N   
173 C CA  . TYR A 22 ? 0.1535 0.1214 0.1463 -0.0031 -0.0045 -0.0275 22  TYR A CA  
174 C C   . TYR A 22 ? 0.1228 0.1168 0.1480 -0.0024 -0.0146 -0.0233 22  TYR A C   
175 O O   . TYR A 22 ? 0.1212 0.1333 0.1692 -0.0089 0.0000  -0.0125 22  TYR A O   
176 C CB  . TYR A 22 ? 0.1915 0.1111 0.1629 0.0150  -0.0084 -0.0099 22  TYR A CB  
177 C CG  . TYR A 22 ? 0.2047 0.1288 0.1546 -0.0083 -0.0060 -0.0012 22  TYR A CG  
178 C CD1 . TYR A 22 ? 0.2682 0.1610 0.1910 -0.0527 -0.0433 0.0406  22  TYR A CD1 
179 C CD2 . TYR A 22 ? 0.1759 0.1628 0.1583 -0.0107 -0.0340 0.0127  22  TYR A CD2 
180 C CE1 . TYR A 22 ? 0.2492 0.2243 0.2012 -0.0695 -0.0174 0.0525  22  TYR A CE1 
181 C CE2 . TYR A 22 ? 0.2215 0.1635 0.1635 -0.0056 -0.0158 -0.0057 22  TYR A CE2 
182 C CZ  . TYR A 22 ? 0.1974 0.1936 0.1726 0.0065  -0.0220 0.0358  22  TYR A CZ  
183 O OH  . TYR A 22 ? 0.2550 0.3144 0.1790 -0.0128 -0.0077 0.0442  22  TYR A OH  
184 N N   . CYS A 23 ? 0.1084 0.1195 0.1404 -0.0019 -0.0136 -0.0207 23  CYS A N   
185 C CA  . CYS A 23 ? 0.1318 0.1147 0.1222 -0.0050 0.0026  -0.0206 23  CYS A CA  
186 C C   . CYS A 23 ? 0.1137 0.1265 0.1375 -0.0095 0.0003  -0.0362 23  CYS A C   
187 O O   . CYS A 23 ? 0.1210 0.1549 0.1685 0.0065  0.0058  -0.0419 23  CYS A O   
188 C CB  . CYS A 23 ? 0.1163 0.1305 0.1279 -0.0015 -0.0084 -0.0223 23  CYS A CB  
189 S SG  . CYS A 23 ? 0.1181 0.1375 0.1337 -0.0010 -0.0050 -0.0218 23  CYS A SG  
190 N N   . GLY A 24 ? 0.1339 0.1372 0.1351 0.0101  -0.0037 -0.0172 24  GLY A N   
191 C CA  . GLY A 24 ? 0.1374 0.1757 0.1423 0.0140  -0.0026 -0.0090 24  GLY A CA  
192 C C   . GLY A 24 ? 0.1410 0.1610 0.1463 0.0047  -0.0123 -0.0176 24  GLY A C   
193 O O   . GLY A 24 ? 0.1265 0.1777 0.1771 0.0045  -0.0103 0.0041  24  GLY A O   
194 N N   . ARG A 25 ? 0.1292 0.1633 0.1560 -0.0005 -0.0221 -0.0155 25  ARG A N   
195 C CA  . ARG A 25 ? 0.1177 0.1672 0.1974 -0.0195 -0.0157 -0.0423 25  ARG A CA  
196 C C   . ARG A 25 ? 0.1291 0.1340 0.1863 0.0000  -0.0129 -0.0204 25  ARG A C   
197 O O   . ARG A 25 ? 0.1271 0.1668 0.1845 -0.0131 -0.0039 -0.0089 25  ARG A O   
198 C CB  . ARG A 25 ? 0.2252 0.1576 0.2359 -0.0528 0.0212  -0.0695 25  ARG A CB  
199 C CG  . ARG A 25 ? 0.2024 0.2179 0.3417 -0.0721 -0.0024 -0.0068 25  ARG A CG  
200 C CD  . ARG A 25 ? 0.4727 0.1890 0.5368 -0.1085 -0.0467 0.0428  25  ARG A CD  
201 N NE  . ARG A 25 ? 0.6394 0.3830 0.6753 0.0029  -0.1210 0.2084  25  ARG A NE  
202 C CZ  . ARG A 25 ? 0.7117 0.3721 0.8988 0.0018  -0.1822 0.2139  25  ARG A CZ  
203 N NH1 . ARG A 25 ? 1.0334 0.2217 1.5558 -0.1649 -0.1525 0.0772  25  ARG A NH1 
204 N NH2 . ARG A 25 ? 0.4135 0.6926 1.1264 -0.2184 -0.3333 0.4520  25  ARG A NH2 
205 N N   . GLU A 26 ? 0.1184 0.1444 0.1677 -0.0247 0.0023  0.0004  26  GLU A N   
206 C CA  . GLU A 26 ? 0.1467 0.1477 0.1578 -0.0112 0.0004  0.0200  26  GLU A CA  
207 C C   . GLU A 26 ? 0.1200 0.1540 0.1484 -0.0047 -0.0001 0.0145  26  GLU A C   
208 O O   . GLU A 26 ? 0.1465 0.1782 0.1633 -0.0046 0.0159  0.0056  26  GLU A O   
209 C CB  . GLU A 26 ? 0.1610 0.1710 0.1683 0.0090  -0.0131 0.0290  26  GLU A CB  
210 C CG  . GLU A 26 ? 0.2024 0.1772 0.1982 0.0348  -0.0046 0.0213  26  GLU A CG  
211 C CD  . GLU A 26 ? 0.2907 0.1789 0.2566 0.0268  0.0355  0.0579  26  GLU A CD  
212 O OE1 . GLU A 26 ? 0.4288 0.2564 0.2440 0.0449  0.1047  0.0781  26  GLU A OE1 
213 O OE2 . GLU A 26 ? 0.3955 0.2002 0.4661 -0.0341 0.0862  0.0222  26  GLU A OE2 
214 N N   . CYS A 27 ? 0.0992 0.1393 0.1427 -0.0065 -0.0121 -0.0059 27  CYS A N   
215 C CA  . CYS A 27 ? 0.1155 0.1351 0.1420 -0.0022 -0.0158 -0.0104 27  CYS A CA  
216 C C   . CYS A 27 ? 0.1077 0.1453 0.1566 0.0050  -0.0088 -0.0045 27  CYS A C   
217 O O   . CYS A 27 ? 0.1170 0.1776 0.1668 0.0079  -0.0028 -0.0157 27  CYS A O   
218 C CB  . CYS A 27 ? 0.1216 0.1534 0.1528 -0.0121 -0.0047 -0.0107 27  CYS A CB  
219 S SG  . CYS A 27 ? 0.1196 0.1419 0.1664 -0.0058 0.0034  -0.0161 27  CYS A SG  
220 N N   . GLY A 28 ? 0.1089 0.1709 0.1654 -0.0069 -0.0160 -0.0052 28  GLY A N   
221 C CA  . GLY A 28 ? 0.1037 0.1882 0.1611 -0.0013 -0.0126 -0.0008 28  GLY A CA  
222 C C   . GLY A 28 ? 0.1085 0.1745 0.1652 -0.0013 -0.0052 0.0027  28  GLY A C   
223 O O   . GLY A 28 ? 0.1048 0.1764 0.2002 -0.0006 -0.0106 -0.0062 28  GLY A O   
224 N N   . ILE A 29 ? 0.1021 0.1734 0.2182 -0.0090 -0.0006 0.0281  29  ILE A N   
225 C CA  . ILE A 29 ? 0.1126 0.1936 0.2171 -0.0106 -0.0028 0.0413  29  ILE A CA  
226 C C   . ILE A 29 ? 0.1587 0.2171 0.1901 -0.0217 0.0079  0.0425  29  ILE A C   
227 O O   . ILE A 29 ? 0.1791 0.2205 0.2408 -0.0209 0.0378  0.0063  29  ILE A O   
228 C CB  . ILE A 29 ? 0.1524 0.2293 0.3634 0.0149  0.0545  0.1281  29  ILE A CB  
229 C CG1 . ILE A 29 ? 0.3258 0.1956 0.4524 0.0419  0.1494  0.1150  29  ILE A CG1 
230 C CG2 . ILE A 29 ? 0.2344 0.3079 0.3261 -0.0052 0.0214  0.1571  29  ILE A CG2 
231 C CD1 . ILE A 29 ? 0.2688 0.2371 0.5925 0.0424  0.1468  0.1437  29  ILE A CD1 
232 N N   . LYS A 30 ? 0.1644 0.1870 0.1828 -0.0112 0.0054  0.0447  30  LYS A N   
233 C CA  . LYS A 30 ? 0.1733 0.2417 0.1464 -0.0101 0.0021  0.0166  30  LYS A CA  
234 C C   . LYS A 30 ? 0.1705 0.1959 0.1331 -0.0050 0.0212  -0.0150 30  LYS A C   
235 O O   . LYS A 30 ? 0.2437 0.2250 0.1830 -0.0001 -0.0032 -0.0526 30  LYS A O   
236 C CB  . LYS A 30 ? 0.2309 0.3372 0.1918 -0.0384 -0.0615 0.0055  30  LYS A CB  
237 C CG  . LYS A 30 ? 0.3280 0.4819 0.3229 0.0193  -0.1490 0.0789  30  LYS A CG  
238 C CD  . LYS A 30 ? 0.5586 0.7609 0.3562 -0.0456 -0.0551 0.2969  30  LYS A CD  
239 C CE  . LYS A 30 ? 0.7521 0.9562 0.4595 -0.0626 -0.1372 0.4291  30  LYS A CE  
240 N NZ  . LYS A 30 ? 0.9356 1.1748 0.7975 0.1390  -0.1902 0.6142  30  LYS A NZ  
241 N N   . LYS A 31 ? 0.1670 0.1762 0.1318 0.0007  0.0101  -0.0017 31  LYS A N   
242 C CA  . LYS A 31 ? 0.1744 0.1827 0.1344 0.0002  0.0165  -0.0078 31  LYS A CA  
243 C C   . LYS A 31 ? 0.1511 0.1649 0.1355 0.0143  0.0079  -0.0048 31  LYS A C   
244 O O   . LYS A 31 ? 0.1610 0.1650 0.2188 0.0181  -0.0086 0.0122  31  LYS A O   
245 C CB  . LYS A 31 ? 0.1512 0.2263 0.1929 0.0138  0.0243  -0.0135 31  LYS A CB  
246 C CG  . LYS A 31 ? 0.1898 0.2929 0.2198 -0.0409 0.0531  -0.0556 31  LYS A CG  
247 C CD  . LYS A 31 ? 0.1911 0.3775 0.3381 -0.0405 0.0878  -0.0702 31  LYS A CD  
248 C CE  . LYS A 31 ? 0.2109 0.4436 0.4115 -0.0795 0.0866  -0.0253 31  LYS A CE  
249 N NZ  . LYS A 31 ? 0.7724 0.5371 0.4425 -0.2000 0.2564  -0.0308 31  LYS A NZ  
250 N N   . GLY A 32 ? 0.1445 0.1689 0.1178 0.0042  -0.0014 0.0082  32  GLY A N   
251 C CA  . GLY A 32 ? 0.1347 0.1439 0.1279 -0.0019 -0.0074 -0.0032 32  GLY A CA  
252 C C   . GLY A 32 ? 0.1343 0.1431 0.1274 -0.0001 -0.0025 0.0043  32  GLY A C   
253 O O   . GLY A 32 ? 0.2751 0.1708 0.1427 -0.0653 0.0222  -0.0174 32  GLY A O   
254 N N   . SER A 33 ? 0.1397 0.1479 0.1223 -0.0057 -0.0121 -0.0032 33  SER A N   
255 C CA  . SER A 33 ? 0.1295 0.1995 0.1171 0.0126  -0.0071 0.0006  33  SER A CA  
256 C C   . SER A 33 ? 0.1251 0.1819 0.1077 0.0115  -0.0278 -0.0087 33  SER A C   
257 O O   . SER A 33 ? 0.1434 0.2805 0.1318 0.0255  -0.0369 -0.0600 33  SER A O   
258 C CB  . SER A 33 ? 0.1514 0.2101 0.1525 0.0322  -0.0148 0.0080  33  SER A CB  
259 O OG  . SER A 33 ? 0.2472 0.2086 0.1671 -0.0211 -0.0534 0.0197  33  SER A OG  
260 N N   . SER A 34 ? 0.1196 0.1656 0.1068 0.0134  -0.0257 -0.0088 34  SER A N   
261 C CA  . SER A 34 ? 0.1315 0.1699 0.1360 0.0287  -0.0258 -0.0133 34  SER A CA  
262 C C   . SER A 34 ? 0.1138 0.1806 0.1285 0.0179  -0.0293 -0.0195 34  SER A C   
263 O O   . SER A 34 ? 0.1416 0.1803 0.1477 0.0290  -0.0340 -0.0445 34  SER A O   
264 C CB  . SER A 34 ? 0.1285 0.2620 0.1402 0.0334  -0.0112 0.0291  34  SER A CB  
265 O OG  . SER A 34 ? 0.2367 0.3850 0.2209 0.0901  0.0706  0.0420  34  SER A OG  
266 N N   . GLY A 35 ? 0.1167 0.1933 0.1295 0.0189  -0.0376 -0.0411 35  GLY A N   
267 C CA  . GLY A 35 ? 0.1068 0.1878 0.1497 0.0247  -0.0295 -0.0252 35  GLY A CA  
268 C C   . GLY A 35 ? 0.1208 0.1542 0.1177 0.0185  -0.0236 -0.0129 35  GLY A C   
269 O O   . GLY A 35 ? 0.1416 0.2031 0.1253 0.0072  -0.0259 -0.0345 35  GLY A O   
270 N N   . TYR A 36 ? 0.0998 0.1614 0.1157 0.0143  -0.0084 -0.0134 36  TYR A N   
271 C CA  . TYR A 36 ? 0.1086 0.1422 0.1032 0.0151  -0.0110 -0.0146 36  TYR A CA  
272 C C   . TYR A 36 ? 0.0943 0.1369 0.1011 0.0015  -0.0018 -0.0146 36  TYR A C   
273 O O   . TYR A 36 ? 0.1038 0.1504 0.1062 0.0189  -0.0029 -0.0126 36  TYR A O   
274 C CB  . TYR A 36 ? 0.1144 0.1609 0.1147 0.0289  -0.0006 0.0028  36  TYR A CB  
275 C CG  . TYR A 36 ? 0.1135 0.1586 0.1167 0.0223  0.0154  -0.0019 36  TYR A CG  
276 C CD1 . TYR A 36 ? 0.1128 0.1649 0.1989 0.0175  0.0316  -0.0182 36  TYR A CD1 
277 C CD2 . TYR A 36 ? 0.1162 0.1705 0.1302 0.0277  0.0069  -0.0161 36  TYR A CD2 
278 C CE1 . TYR A 36 ? 0.1444 0.1499 0.2520 0.0209  0.0163  -0.0177 36  TYR A CE1 
279 C CE2 . TYR A 36 ? 0.1137 0.1917 0.1316 0.0099  0.0200  -0.0141 36  TYR A CE2 
280 C CZ  . TYR A 36 ? 0.1368 0.1515 0.1519 0.0003  0.0305  0.0091  36  TYR A CZ  
281 O OH  . TYR A 36 ? 0.1524 0.1781 0.2285 -0.0006 0.0153  -0.0155 36  TYR A OH  
282 N N   . CYS A 37 ? 0.1012 0.1391 0.1095 0.0145  -0.0128 -0.0144 37  CYS A N   
283 C CA  . CYS A 37 ? 0.0973 0.1339 0.0990 0.0049  0.0017  -0.0059 37  CYS A CA  
284 C C   . CYS A 37 ? 0.1027 0.1340 0.0934 0.0092  -0.0102 0.0090  37  CYS A C   
285 O O   . CYS A 37 ? 0.1137 0.1589 0.1175 -0.0054 0.0165  -0.0190 37  CYS A O   
286 C CB  . CYS A 37 ? 0.1077 0.1351 0.1189 0.0071  -0.0150 -0.0101 37  CYS A CB  
287 S SG  . CYS A 37 ? 0.1244 0.1518 0.1532 0.0195  -0.0139 0.0001  37  CYS A SG  
288 N N   . ALA A 38 ? 0.0876 0.1505 0.1075 0.0030  -0.0035 -0.0117 38  ALA A N   
289 C CA  . ALA A 38 ? 0.0841 0.1633 0.1072 -0.0035 0.0029  -0.0124 38  ALA A CA  
290 C C   . ALA A 38 ? 0.0886 0.1540 0.1206 -0.0078 -0.0141 -0.0284 38  ALA A C   
291 O O   . ALA A 38 ? 0.1274 0.1632 0.1137 0.0014  -0.0100 -0.0099 38  ALA A O   
292 C CB  . ALA A 38 ? 0.1148 0.1545 0.1332 -0.0051 0.0011  -0.0166 38  ALA A CB  
293 N N   . TRP A 39 ? 0.1186 0.1772 0.1137 0.0143  -0.0147 -0.0228 39  TRP A N   
294 C CA  . TRP A 39 ? 0.1048 0.1768 0.1180 0.0127  -0.0012 -0.0127 39  TRP A CA  
295 C C   . TRP A 39 ? 0.1117 0.1595 0.1111 0.0147  0.0037  -0.0019 39  TRP A C   
296 O O   . TRP A 39 ? 0.1236 0.1920 0.1388 -0.0129 -0.0077 0.0009  39  TRP A O   
297 C CB  . TRP A 39 ? 0.1286 0.1768 0.1288 0.0146  0.0030  -0.0246 39  TRP A CB  
298 C CG  . TRP A 39 ? 0.1290 0.1909 0.1435 0.0263  -0.0015 -0.0172 39  TRP A CG  
299 C CD1 . TRP A 39 ? 0.1554 0.1784 0.1902 0.0247  -0.0122 -0.0006 39  TRP A CD1 
300 C CD2 . TRP A 39 ? 0.1541 0.2537 0.1320 0.0434  -0.0258 -0.0392 39  TRP A CD2 
301 N NE1 . TRP A 39 ? 0.2282 0.2085 0.2300 0.0756  -0.0392 -0.0242 39  TRP A NE1 
302 C CE2 . TRP A 39 ? 0.1868 0.2664 0.1683 0.0811  -0.0268 -0.0267 39  TRP A CE2 
303 C CE3 . TRP A 39 ? 0.1513 0.3079 0.1539 0.0239  -0.0309 -0.0464 39  TRP A CE3 
304 C CZ2 . TRP A 39 ? 0.1979 0.3728 0.2007 0.1249  -0.0172 -0.0073 39  TRP A CZ2 
305 C CZ3 . TRP A 39 ? 0.1554 0.4307 0.2099 0.0369  -0.0467 -0.0232 39  TRP A CZ3 
306 C CH2 . TRP A 39 ? 0.1919 0.4520 0.2151 0.1038  -0.0653 -0.0070 39  TRP A CH2 
307 N N   . PRO A 40 ? 0.1158 0.1684 0.1182 0.0168  -0.0105 0.0050  40  PRO A N   
308 C CA  . PRO A 40 ? 0.1350 0.1667 0.1607 0.0317  0.0045  0.0324  40  PRO A CA  
309 C C   . PRO A 40 ? 0.1163 0.1455 0.1176 0.0020  -0.0291 0.0080  40  PRO A C   
310 O O   . PRO A 40 ? 0.1443 0.1438 0.1620 -0.0020 -0.0244 0.0174  40  PRO A O   
311 C CB  . PRO A 40 ? 0.1385 0.3122 0.2473 0.0651  -0.0219 0.1232  40  PRO A CB  
312 C CG  . PRO A 40 ? 0.2044 0.4218 0.1584 -0.0699 -0.0641 0.0836  40  PRO A CG  
313 C CD  . PRO A 40 ? 0.1324 0.2975 0.1188 -0.0178 -0.0183 0.0007  40  PRO A CD  
314 N N   . ALA A 41 ? 0.1224 0.1433 0.1051 0.0092  -0.0125 -0.0001 41  ALA A N   
315 C CA  . ALA A 41 ? 0.1216 0.1288 0.1126 0.0006  -0.0079 0.0034  41  ALA A CA  
316 C C   . ALA A 41 ? 0.1115 0.1116 0.1027 -0.0002 -0.0047 -0.0166 41  ALA A C   
317 O O   . ALA A 41 ? 0.1190 0.1541 0.1127 -0.0072 -0.0049 0.0156  41  ALA A O   
318 C CB  . ALA A 41 ? 0.1254 0.2818 0.1180 0.0406  -0.0272 -0.0547 41  ALA A CB  
319 N N   . CYS A 42 ? 0.1189 0.1298 0.1050 0.0000  -0.0078 0.0086  42  CYS A N   
320 C CA  . CYS A 42 ? 0.1200 0.1169 0.1104 -0.0027 -0.0119 -0.0025 42  CYS A CA  
321 C C   . CYS A 42 ? 0.1185 0.1198 0.1098 0.0059  -0.0131 -0.0134 42  CYS A C   
322 O O   . CYS A 42 ? 0.1841 0.1331 0.1054 0.0124  -0.0198 -0.0110 42  CYS A O   
323 C CB  . CYS A 42 ? 0.1137 0.1266 0.1378 0.0022  0.0091  -0.0119 42  CYS A CB  
324 S SG  . CYS A 42 ? 0.1418 0.1303 0.1329 -0.0107 -0.0055 -0.0073 42  CYS A SG  
325 N N   . TYR A 43 ? 0.1172 0.1171 0.1047 0.0170  -0.0161 -0.0204 43  TYR A N   
326 C CA  . TYR A 43 ? 0.1094 0.1202 0.1018 0.0131  -0.0159 -0.0095 43  TYR A CA  
327 C C   . TYR A 43 ? 0.1029 0.1259 0.1055 0.0151  -0.0099 -0.0150 43  TYR A C   
328 O O   . TYR A 43 ? 0.1131 0.1772 0.1148 0.0338  -0.0231 -0.0376 43  TYR A O   
329 C CB  . TYR A 43 ? 0.1051 0.1327 0.1648 0.0082  -0.0172 0.0060  43  TYR A CB  
330 C CG  . TYR A 43 ? 0.0897 0.1297 0.1607 0.0090  -0.0021 -0.0031 43  TYR A CG  
331 C CD1 . TYR A 43 ? 0.1150 0.1541 0.1744 0.0224  -0.0081 0.0125  43  TYR A CD1 
332 C CD2 . TYR A 43 ? 0.1263 0.1447 0.1818 -0.0057 -0.0224 -0.0057 43  TYR A CD2 
333 C CE1 . TYR A 43 ? 0.1258 0.1534 0.2081 0.0161  -0.0140 0.0297  43  TYR A CE1 
334 C CE2 . TYR A 43 ? 0.1631 0.1439 0.1903 -0.0196 -0.0157 -0.0155 43  TYR A CE2 
335 C CZ  . TYR A 43 ? 0.1317 0.1426 0.2149 -0.0036 0.0075  0.0095  43  TYR A CZ  
336 O OH  . TYR A 43 ? 0.1756 0.1502 0.3120 -0.0019 -0.0228 0.0077  43  TYR A OH  
337 N N   . CYS A 44 ? 0.0963 0.1183 0.1044 0.0039  -0.0074 -0.0137 44  CYS A N   
338 C CA  . CYS A 44 ? 0.0950 0.1291 0.1172 0.0032  -0.0153 -0.0115 44  CYS A CA  
339 C C   . CYS A 44 ? 0.1216 0.1336 0.0925 0.0223  -0.0048 -0.0204 44  CYS A C   
340 O O   . CYS A 44 ? 0.1424 0.1278 0.1320 0.0131  -0.0285 -0.0216 44  CYS A O   
341 C CB  . CYS A 44 ? 0.1071 0.1431 0.1635 -0.0023 0.0135  -0.0172 44  CYS A CB  
342 S SG  . CYS A 44 ? 0.1432 0.1538 0.1377 -0.0114 -0.0029 -0.0051 44  CYS A SG  
343 N N   . TYR A 45 ? 0.1287 0.1290 0.1148 0.0150  -0.0248 -0.0170 45  TYR A N   
344 C CA  . TYR A 45 ? 0.1275 0.1349 0.1168 0.0297  -0.0163 -0.0113 45  TYR A CA  
345 C C   . TYR A 45 ? 0.1296 0.1410 0.1068 0.0225  -0.0125 -0.0104 45  TYR A C   
346 O O   . TYR A 45 ? 0.1296 0.1355 0.1449 0.0296  -0.0152 -0.0133 45  TYR A O   
347 C CB  A TYR A 45 ? 0.1306 0.1788 0.1269 0.0612  0.0015  0.0094  45  TYR A CB  
348 C CB  B TYR A 45 ? 0.1213 0.1990 0.1216 0.0582  -0.0087 0.0117  45  TYR A CB  
349 C CG  A TYR A 45 ? 0.1160 0.2158 0.1227 0.0561  -0.0229 0.0267  45  TYR A CG  
350 C CG  B TYR A 45 ? 0.1351 0.2084 0.1557 0.0379  0.0104  -0.0116 45  TYR A CG  
351 C CD1 A TYR A 45 ? 0.1657 0.2679 0.1428 0.0003  0.0323  -0.0501 45  TYR A CD1 
352 C CD1 B TYR A 45 ? 0.1823 0.2154 0.2231 0.0127  0.0679  -0.0059 45  TYR A CD1 
353 C CD2 A TYR A 45 ? 0.0818 0.2460 0.2289 0.0701  -0.0214 -0.0100 45  TYR A CD2 
354 C CD2 B TYR A 45 ? 0.1022 0.2266 0.1578 0.0453  -0.0153 -0.0098 45  TYR A CD2 
355 C CE1 A TYR A 45 ? 0.1382 0.3236 0.1720 0.0125  0.0044  0.0100  45  TYR A CE1 
356 C CE1 B TYR A 45 ? 0.1720 0.3009 0.2285 -0.0232 0.0120  -0.0271 45  TYR A CE1 
357 C CE2 A TYR A 45 ? 0.0913 0.3124 0.2431 0.0631  0.0017  0.0001  45  TYR A CE2 
358 C CE2 B TYR A 45 ? 0.1101 0.3128 0.2061 0.0300  -0.0036 -0.0089 45  TYR A CE2 
359 C CZ  A TYR A 45 ? 0.1291 0.3276 0.2272 0.0480  0.0372  0.0632  45  TYR A CZ  
360 C CZ  B TYR A 45 ? 0.1254 0.3275 0.2054 -0.0078 0.0096  0.0381  45  TYR A CZ  
361 O OH  A TYR A 45 ? 0.1307 0.3729 0.3585 0.0549  0.0646  0.0996  45  TYR A OH  
362 O OH  B TYR A 45 ? 0.1360 0.4743 0.2953 -0.0469 0.0366  -0.0009 45  TYR A OH  
363 N N   . GLY A 46 ? 0.1267 0.1380 0.1187 0.0193  -0.0078 -0.0211 46  GLY A N   
364 C CA  . GLY A 46 ? 0.1251 0.1471 0.1296 0.0184  -0.0222 -0.0039 46  GLY A CA  
365 C C   . GLY A 46 ? 0.1164 0.1413 0.1217 0.0207  -0.0149 -0.0169 46  GLY A C   
366 O O   . GLY A 46 ? 0.1299 0.1469 0.1528 0.0026  -0.0196 -0.0109 46  GLY A O   
367 N N   . LEU A 47 ? 0.1070 0.1590 0.1197 -0.0029 0.0069  -0.0205 47  LEU A N   
368 C CA  . LEU A 47 ? 0.1037 0.1445 0.1176 0.0049  0.0044  -0.0207 47  LEU A CA  
369 C C   . LEU A 47 ? 0.1149 0.1654 0.1106 0.0157  -0.0032 -0.0233 47  LEU A C   
370 O O   . LEU A 47 ? 0.1263 0.1473 0.1580 0.0231  0.0091  -0.0217 47  LEU A O   
371 C CB  . LEU A 47 ? 0.1251 0.1846 0.1092 0.0337  -0.0011 -0.0391 47  LEU A CB  
372 C CG  . LEU A 47 ? 0.1400 0.1881 0.1071 0.0446  0.0041  -0.0186 47  LEU A CG  
373 C CD1 . LEU A 47 ? 0.1541 0.2306 0.1491 0.0424  -0.0210 -0.0059 47  LEU A CD1 
374 C CD2 . LEU A 47 ? 0.2055 0.1772 0.1754 0.0405  -0.0177 -0.0352 47  LEU A CD2 
375 N N   . PRO A 48 ? 0.1159 0.1650 0.1314 0.0201  0.0079  -0.0207 48  PRO A N   
376 C CA  . PRO A 48 ? 0.1244 0.1737 0.1236 0.0307  0.0024  -0.0248 48  PRO A CA  
377 C C   . PRO A 48 ? 0.1172 0.1642 0.1255 0.0117  0.0156  -0.0182 48  PRO A C   
378 O O   . PRO A 48 ? 0.1368 0.1858 0.1340 0.0317  -0.0140 -0.0320 48  PRO A O   
379 C CB  . PRO A 48 ? 0.1242 0.2355 0.1993 -0.0107 0.0258  -0.0759 48  PRO A CB  
380 C CG  . PRO A 48 ? 0.1574 0.2194 0.3505 -0.0176 0.0876  -0.0941 48  PRO A CG  
381 C CD  . PRO A 48 ? 0.1469 0.1670 0.1529 0.0069  0.0327  -0.0156 48  PRO A CD  
382 N N   . ASN A 49 ? 0.1545 0.1818 0.1340 0.0345  0.0041  -0.0330 49  ASN A N   
383 C CA  . ASN A 49 ? 0.1876 0.1617 0.1516 0.0122  0.0093  -0.0310 49  ASN A CA  
384 C C   . ASN A 49 ? 0.1537 0.1661 0.1352 0.0115  0.0030  -0.0438 49  ASN A C   
385 O O   . ASN A 49 ? 0.1821 0.2213 0.1682 -0.0074 -0.0244 -0.0461 49  ASN A O   
386 C CB  . ASN A 49 ? 0.2585 0.1572 0.1954 0.0171  0.0115  -0.0305 49  ASN A CB  
387 C CG  . ASN A 49 ? 0.4742 0.1775 0.2310 0.0371  0.0773  0.0021  49  ASN A CG  
388 O OD1 . ASN A 49 ? 0.5616 0.2314 0.3076 0.0208  0.2115  0.0227  49  ASN A OD1 
389 N ND2 . ASN A 49 ? 0.7502 0.2703 0.2528 0.1765  0.0513  0.0424  49  ASN A ND2 
390 N N   . TRP A 50 ? 0.1574 0.1773 0.1176 0.0070  0.0064  -0.0480 50  TRP A N   
391 C CA  . TRP A 50 ? 0.1553 0.1910 0.1291 0.0034  0.0032  -0.0273 50  TRP A CA  
392 C C   . TRP A 50 ? 0.1491 0.1995 0.1238 -0.0059 0.0055  -0.0251 50  TRP A C   
393 O O   . TRP A 50 ? 0.2387 0.2448 0.1325 0.0697  0.0188  -0.0009 50  TRP A O   
394 C CB  . TRP A 50 ? 0.1540 0.2333 0.1640 0.0060  0.0236  -0.0378 50  TRP A CB  
395 C CG  . TRP A 50 ? 0.1423 0.2092 0.1655 -0.0168 0.0348  -0.0250 50  TRP A CG  
396 C CD1 . TRP A 50 ? 0.1928 0.2047 0.2318 -0.0167 0.0017  -0.0202 50  TRP A CD1 
397 C CD2 . TRP A 50 ? 0.1613 0.2202 0.1598 -0.0111 0.0343  -0.0277 50  TRP A CD2 
398 N NE1 . TRP A 50 ? 0.2125 0.2028 0.2459 -0.0338 0.0122  -0.0297 50  TRP A NE1 
399 C CE2 . TRP A 50 ? 0.1593 0.2554 0.1874 -0.0135 0.0307  -0.0546 50  TRP A CE2 
400 C CE3 . TRP A 50 ? 0.2048 0.2593 0.1525 0.0147  0.0095  -0.0280 50  TRP A CE3 
401 C CZ2 . TRP A 50 ? 0.2023 0.3053 0.2098 -0.0395 0.0012  -0.0631 50  TRP A CZ2 
402 C CZ3 . TRP A 50 ? 0.1910 0.3167 0.1681 0.0001  0.0003  -0.0294 50  TRP A CZ3 
403 C CH2 . TRP A 50 ? 0.1911 0.3507 0.2004 -0.0036 -0.0133 -0.0654 50  TRP A CH2 
404 N N   . VAL A 51 ? 0.1380 0.2005 0.1230 0.0068  -0.0017 -0.0155 51  VAL A N   
405 C CA  . VAL A 51 ? 0.1441 0.1881 0.1179 0.0039  0.0125  -0.0022 51  VAL A CA  
406 C C   . VAL A 51 ? 0.1597 0.2017 0.1423 0.0099  -0.0172 -0.0048 51  VAL A C   
407 O O   . VAL A 51 ? 0.1758 0.2273 0.1903 -0.0151 -0.0324 0.0128  51  VAL A O   
408 C CB  . VAL A 51 ? 0.1733 0.2065 0.1257 0.0252  -0.0012 -0.0138 51  VAL A CB  
409 C CG1 . VAL A 51 ? 0.2430 0.2097 0.1756 0.0652  -0.0149 -0.0319 51  VAL A CG1 
410 C CG2 . VAL A 51 ? 0.2024 0.2693 0.1941 0.0271  -0.0276 -0.0788 51  VAL A CG2 
411 N N   . LYS A 52 ? 0.1515 0.2145 0.1586 0.0304  -0.0153 -0.0036 52  LYS A N   
412 C CA  . LYS A 52 ? 0.1745 0.2504 0.1751 0.0130  -0.0403 0.0070  52  LYS A CA  
413 C C   . LYS A 52 ? 0.1611 0.2237 0.2966 0.0581  -0.0519 -0.0217 52  LYS A C   
414 O O   . LYS A 52 ? 0.2060 0.2232 0.4794 0.0625  -0.0548 -0.0533 52  LYS A O   
415 C CB  . LYS A 52 ? 0.3045 0.3802 0.2209 -0.0682 -0.1088 0.0810  52  LYS A CB  
420 N N   . VAL A 53 ? 0.1664 0.2632 0.1892 0.0391  -0.0377 -0.0666 53  VAL A N   
421 C CA  . VAL A 53 ? 0.1760 0.2633 0.1536 0.0534  -0.0504 -0.0535 53  VAL A CA  
422 C C   . VAL A 53 ? 0.1658 0.2172 0.1605 0.0256  -0.0479 -0.0434 53  VAL A C   
423 O O   . VAL A 53 ? 0.2066 0.2688 0.1711 0.0502  -0.0541 -0.0737 53  VAL A O   
424 C CB  . VAL A 53 ? 0.1872 0.2878 0.1507 0.0498  -0.0517 -0.0510 53  VAL A CB  
425 C CG1 . VAL A 53 ? 0.1823 0.4091 0.1695 0.0359  -0.0683 -0.0354 53  VAL A CG1 
426 C CG2 . VAL A 53 ? 0.2254 0.2754 0.2139 0.0624  -0.0375 -0.0187 53  VAL A CG2 
427 N N   . TRP A 54 ? 0.1720 0.2349 0.1402 0.0405  -0.0539 -0.0457 54  TRP A N   
428 C CA  . TRP A 54 ? 0.1667 0.2152 0.1325 0.0368  -0.0469 -0.0340 54  TRP A CA  
429 C C   . TRP A 54 ? 0.1746 0.2091 0.1288 0.0490  -0.0446 -0.0388 54  TRP A C   
430 O O   . TRP A 54 ? 0.2370 0.2307 0.1314 0.0127  -0.0534 -0.0252 54  TRP A O   
431 C CB  A TRP A 54 ? 0.1861 0.2161 0.1678 0.0484  -0.0813 -0.0688 54  TRP A CB  
432 C CB  B TRP A 54 ? 0.1959 0.2505 0.2042 0.0750  -0.0620 -0.0936 54  TRP A CB  
433 C CG  A TRP A 54 ? 0.1264 0.2258 0.0951 0.0289  -0.0147 -0.0521 54  TRP A CG  
434 C CG  B TRP A 54 ? 0.1825 0.2730 0.1535 0.0510  -0.0060 -0.0286 54  TRP A CG  
435 C CD1 A TRP A 54 ? 0.1025 0.2543 0.1467 0.0440  0.0027  -0.0093 54  TRP A CD1 
436 C CD1 B TRP A 54 ? 0.2436 0.2145 0.2077 0.0485  -0.0008 -0.0310 54  TRP A CD1 
437 C CD2 A TRP A 54 ? 0.1550 0.1945 0.1351 0.0090  -0.0227 -0.0481 54  TRP A CD2 
438 C CD2 B TRP A 54 ? 0.1497 0.2570 0.1312 0.0338  -0.0006 -0.0410 54  TRP A CD2 
439 N NE1 A TRP A 54 ? 0.1128 0.2687 0.1422 0.0593  -0.0128 -0.0133 54  TRP A NE1 
440 N NE1 B TRP A 54 ? 0.2312 0.2384 0.1808 -0.0045 0.0101  -0.0557 54  TRP A NE1 
441 C CE2 A TRP A 54 ? 0.1144 0.2936 0.1129 0.0219  -0.0057 -0.0588 54  TRP A CE2 
442 C CE2 B TRP A 54 ? 0.1665 0.2491 0.1499 0.0220  0.0035  -0.0633 54  TRP A CE2 
443 C CE3 A TRP A 54 ? 0.2126 0.2032 0.1602 -0.0179 -0.0025 -0.0551 54  TRP A CE3 
444 C CE3 B TRP A 54 ? 0.1799 0.2438 0.1616 0.0261  -0.0072 -0.0352 54  TRP A CE3 
445 C CZ2 A TRP A 54 ? 0.1355 0.3313 0.1779 -0.0014 -0.0221 -0.0669 54  TRP A CZ2 
446 C CZ2 B TRP A 54 ? 0.1509 0.2593 0.1727 0.0294  -0.0118 -0.0932 54  TRP A CZ2 
447 C CZ3 A TRP A 54 ? 0.2006 0.2191 0.1994 -0.0188 0.0368  -0.0804 54  TRP A CZ3 
448 C CZ3 B TRP A 54 ? 0.1768 0.2767 0.2051 0.0573  0.0029  0.0021  54  TRP A CZ3 
449 C CH2 A TRP A 54 ? 0.1589 0.2892 0.2207 -0.0137 0.0195  -0.0916 54  TRP A CH2 
450 C CH2 B TRP A 54 ? 0.1691 0.3446 0.1523 0.0525  0.0001  -0.0332 54  TRP A CH2 
451 N N   . ASP A 55 ? 0.1711 0.2165 0.1229 0.0086  -0.0411 -0.0291 55  ASP A N   
452 C CA  . ASP A 55 ? 0.2076 0.1995 0.1726 0.0070  -0.0524 -0.0179 55  ASP A CA  
453 C C   . ASP A 55 ? 0.1864 0.1937 0.1470 -0.0108 -0.0434 -0.0332 55  ASP A C   
454 O O   . ASP A 55 ? 0.1782 0.2195 0.1679 -0.0096 -0.0348 0.0018  55  ASP A O   
455 C CB  . ASP A 55 ? 0.2729 0.2497 0.2746 0.0909  -0.0957 -0.0734 55  ASP A CB  
456 C CG  . ASP A 55 ? 0.3919 0.2719 0.3068 0.0514  -0.0524 -0.1134 55  ASP A CG  
457 O OD1 . ASP A 55 ? 0.8817 0.2714 0.5000 -0.1018 -0.0166 -0.0260 55  ASP A OD1 
458 O OD2 . ASP A 55 ? 0.6160 0.4762 0.3081 0.0287  -0.1477 -0.1489 55  ASP A OD2 
459 N N   . ARG A 56 ? 0.2026 0.2173 0.1176 -0.0055 -0.0190 -0.0305 56  ARG A N   
460 C CA  . ARG A 56 ? 0.1748 0.2627 0.1298 0.0111  -0.0085 -0.0505 56  ARG A CA  
461 C C   . ARG A 56 ? 0.1874 0.1940 0.1285 -0.0045 -0.0237 -0.0320 56  ARG A C   
462 O O   . ARG A 56 ? 0.1714 0.2365 0.1378 0.0252  -0.0260 -0.0213 56  ARG A O   
463 C CB  . ARG A 56 ? 0.2044 0.3228 0.1378 -0.0072 -0.0082 -0.0281 56  ARG A CB  
464 C CG  . ARG A 56 ? 0.1695 0.4393 0.1933 0.0003  0.0039  -0.0515 56  ARG A CG  
465 C CD  . ARG A 56 ? 0.2222 0.3711 0.1919 0.0331  0.0486  -0.0102 56  ARG A CD  
466 N NE  . ARG A 56 ? 0.3367 0.4070 0.2049 0.0615  0.0381  -0.0392 56  ARG A NE  
467 C CZ  . ARG A 56 ? 0.3972 0.3837 0.2959 0.0598  -0.0724 -0.0798 56  ARG A CZ  
468 N NH1 . ARG A 56 ? 0.3147 0.3706 0.2952 0.0274  -0.0328 -0.0214 56  ARG A NH1 
469 N NH2 . ARG A 56 ? 0.3062 0.4302 0.3864 0.0090  -0.0168 -0.1535 56  ARG A NH2 
470 N N   . ALA A 57 ? 0.2165 0.1823 0.1461 -0.0123 -0.0415 -0.0326 57  ALA A N   
471 C CA  . ALA A 57 ? 0.2371 0.1809 0.1754 -0.0227 -0.0296 -0.0584 57  ALA A CA  
472 C C   . ALA A 57 ? 0.1711 0.2274 0.1428 0.0228  -0.0176 -0.0581 57  ALA A C   
473 O O   . ALA A 57 ? 0.2199 0.2908 0.1473 0.0262  -0.0405 -0.0618 57  ALA A O   
474 C CB  . ALA A 57 ? 0.3145 0.2076 0.2180 0.0182  -0.0394 -0.0622 57  ALA A CB  
475 N N   . THR A 58 ? 0.1733 0.2368 0.1367 0.0160  -0.0029 -0.0587 58  THR A N   
476 C CA  . THR A 58 ? 0.1828 0.2717 0.1360 0.0187  0.0052  -0.0418 58  THR A CA  
477 C C   . THR A 58 ? 0.1723 0.2631 0.1517 0.0021  -0.0177 -0.0202 58  THR A C   
478 O O   . THR A 58 ? 0.2233 0.3344 0.1988 -0.0467 0.0229  0.0000  58  THR A O   
479 C CB  . THR A 58 ? 0.1872 0.3209 0.1889 0.0411  0.0174  -0.0283 58  THR A CB  
480 O OG1 . THR A 58 ? 0.1817 0.4172 0.2254 0.0432  -0.0268 -0.0402 58  THR A OG1 
481 C CG2 . THR A 58 ? 0.3619 0.3345 0.2445 0.1237  0.0197  -0.0429 58  THR A CG2 
482 N N   . ASN A 59 ? 0.1865 0.2208 0.1411 0.0122  -0.0133 -0.0046 59  ASN A N   
483 C CA  . ASN A 59 ? 0.2802 0.2238 0.1391 0.0067  0.0032  -0.0058 59  ASN A CA  
484 C C   . ASN A 59 ? 0.2714 0.2272 0.1507 -0.0101 -0.0407 -0.0013 59  ASN A C   
485 O O   . ASN A 59 ? 0.2429 0.2986 0.1530 -0.0051 -0.0337 -0.0222 59  ASN A O   
486 C CB  A ASN A 59 ? 0.1838 0.2483 0.1356 0.0055  -0.0442 -0.0342 59  ASN A CB  
487 C CB  B ASN A 59 ? 0.2510 0.1857 0.1136 0.0107  -0.0471 -0.0406 59  ASN A CB  
488 C CG  A ASN A 59 ? 0.1553 0.2777 0.1771 -0.0514 -0.0502 0.0687  59  ASN A CG  
489 C CG  B ASN A 59 ? 0.2132 0.1736 0.2242 0.0002  -0.0681 -0.0108 59  ASN A CG  
490 O OD1 A ASN A 59 ? 0.1950 0.2540 0.2144 -0.0278 -0.0498 0.0420  59  ASN A OD1 
491 O OD1 B ASN A 59 ? 0.2043 0.1617 0.2057 0.0423  -0.0892 -0.0295 59  ASN A OD1 
492 N ND2 A ASN A 59 ? 0.1982 0.2073 0.1627 -0.0032 -0.0389 -0.0391 59  ASN A ND2 
493 N ND2 B ASN A 59 ? 0.2608 0.2022 0.3220 0.0210  -0.1518 -0.0771 59  ASN A ND2 
494 N N   . LYS A 60 ? 0.2714 0.2343 0.1593 -0.0167 -0.0349 0.0122  60  LYS A N   
495 C CA  . LYS A 60 ? 0.3160 0.2586 0.1702 -0.0214 -0.0272 0.0320  60  LYS A CA  
496 C C   . LYS A 60 ? 0.3435 0.2666 0.1730 0.0137  -0.0616 0.0430  60  LYS A C   
497 O O   . LYS A 60 ? 0.5008 0.3358 0.2984 0.1030  0.0706  0.1349  60  LYS A O   
498 C CB  . LYS A 60 ? 0.3399 0.3126 0.2406 -0.0398 0.0255  0.0282  60  LYS A CB  
499 C CG  . LYS A 60 ? 0.3163 0.3950 0.2659 -0.0857 0.0404  -0.0771 60  LYS A CG  
500 C CD  . LYS A 60 ? 0.4664 0.5666 0.3107 -0.1461 0.1868  -0.0961 60  LYS A CD  
501 C CE  . LYS A 60 ? 0.5147 0.7870 0.3353 -0.2137 0.1758  -0.2144 60  LYS A CE  
502 N NZ  . LYS A 60 ? 0.7846 0.7385 0.3302 -0.1033 0.2077  -0.2369 60  LYS A NZ  
503 N N   . CYS A 61 ? 0.3859 0.2302 0.1870 0.0209  -0.0434 0.0385  61  CYS A N   
504 C CA  . CYS A 61 ? 0.3849 0.2663 0.2231 0.0526  -0.0467 0.0316  61  CYS A CA  
505 C C   . CYS A 61 ? 0.4268 0.4656 0.2309 0.1288  -0.0733 0.0389  61  CYS A C   
506 O O   A CYS A 61 ? 0.4359 0.3461 0.7490 0.0190  -0.1819 -0.0764 61  CYS A O   
507 O O   B CYS A 61 ? 0.8184 0.6679 0.4088 0.4402  0.0316  0.2169  61  CYS A O   
508 C CB  . CYS A 61 ? 0.2520 0.2664 0.2242 0.0607  -0.0551 0.0275  61  CYS A CB  
509 S SG  . CYS A 61 ? 0.2950 0.3166 0.2828 0.0875  -0.0617 -0.0162 61  CYS A SG  
510 P P   . PO4 B .  ? 0.1606 0.1694 0.1395 -0.0099 -0.0282 -0.0156 201 PO4 A P   
511 O O1  . PO4 B .  ? 0.2372 0.1586 0.2258 0.0133  0.0468  -0.0136 201 PO4 A O1  
512 O O2  . PO4 B .  ? 0.1835 0.2401 0.3492 -0.0194 -0.0769 -0.0477 201 PO4 A O2  
513 O O3  . PO4 B .  ? 0.1560 0.1760 0.1350 0.0005  -0.0230 -0.0100 201 PO4 A O3  
514 O O4  . PO4 B .  ? 0.4165 0.2988 0.1343 -0.1090 0.0200  -0.0437 201 PO4 A O4  
515 P P   . PO4 C .  ? 0.5240 0.5388 0.1439 -0.2393 0.0360  -0.0224 202 PO4 A P   
516 O O1  . PO4 C .  ? 0.9817 0.6680 0.1742 -0.1525 0.0001  -0.1183 202 PO4 A O1  
517 O O2  . PO4 C .  ? 0.6423 0.6532 0.2106 -0.3663 -0.0188 0.0675  202 PO4 A O2  
518 O O3  . PO4 C .  ? 0.6910 0.4542 0.2348 0.0378  -0.0826 -0.1083 202 PO4 A O3  
519 O O4  . PO4 C .  ? 0.5120 0.6052 0.5780 -0.2391 0.0665  0.1520  202 PO4 A O4  
520 O O   . HOH D .  ? 0.2145 0.5076 0.2945 -0.1669 0.0390  0.1609  203 HOH A O   
521 O O   . HOH D .  ? 0.1730 0.1619 0.2037 0.0200  -0.0304 -0.0337 204 HOH A O   
522 O O   . HOH D .  ? 0.2418 0.2020 0.1465 -0.0106 -0.0393 -0.0315 205 HOH A O   
523 O O   . HOH D .  ? 0.2027 0.1922 0.3558 0.0268  -0.1021 -0.0361 206 HOH A O   
524 O O   . HOH D .  ? 0.2299 0.2286 0.1882 -0.0332 -0.0111 -0.0343 207 HOH A O   
525 O O   . HOH D .  ? 0.2266 0.2231 0.3273 -0.0027 0.0021  0.0416  208 HOH A O   
526 O O   . HOH D .  ? 0.2686 0.2682 0.2076 0.0368  -0.0494 -0.0633 209 HOH A O   
527 O O   . HOH D .  ? 0.2366 0.2545 0.1859 0.0113  -0.0286 -0.0107 210 HOH A O   
528 O O   . HOH D .  ? 0.2896 0.2679 0.2010 -0.0323 -0.0799 -0.0017 211 HOH A O   
529 O O   . HOH D .  ? 0.1809 0.2950 0.2632 0.0622  -0.0456 -0.0692 212 HOH A O   
530 O O   . HOH D .  ? 0.4818 0.3076 0.3321 -0.0152 -0.0764 0.0759  213 HOH A O   
531 O O   . HOH D .  ? 0.2695 0.3356 0.4332 0.0338  -0.0249 0.0018  214 HOH A O   
532 O O   . HOH D .  ? 0.2026 0.3470 0.2871 0.0543  0.0008  0.0656  215 HOH A O   
533 O O   . HOH D .  ? 0.2097 0.4238 0.3284 -0.0424 -0.0766 0.1243  216 HOH A O   
534 O O   . HOH D .  ? 0.2984 0.3055 0.3390 -0.0395 -0.0252 -0.1634 217 HOH A O   
535 O O   . HOH D .  ? 0.3015 0.2762 0.2022 0.0239  0.0134  0.0462  218 HOH A O   
536 O O   . HOH D .  ? 0.2219 0.3568 0.3786 0.0638  -0.0151 -0.0258 219 HOH A O   
537 O O   . HOH D .  ? 0.5006 0.3203 0.2684 -0.0139 0.0103  -0.0599 220 HOH A O   
538 O O   . HOH D .  ? 0.3129 0.2584 0.2285 -0.0750 0.0268  0.0442  221 HOH A O   
539 O O   . HOH D .  ? 0.3278 0.4145 0.2256 -0.1378 -0.0132 0.0792  222 HOH A O   
540 O O   . HOH D .  ? 0.2334 0.5507 0.2751 -0.0062 0.0103  -0.0789 223 HOH A O   
541 O O   . HOH D .  ? 0.3335 0.2847 0.3995 -0.0229 0.0327  -0.0408 224 HOH A O   
542 O O   . HOH D .  ? 0.3280 0.5575 0.3636 -0.1245 0.0696  0.0293  225 HOH A O   
543 O O   . HOH D .  ? 0.4079 0.2963 0.1319 0.0281  0.0054  -0.0321 226 HOH A O   
544 O O   . HOH D .  ? 0.3439 0.2346 0.1930 0.1169  0.0216  0.0067  227 HOH A O   
545 O O   . HOH D .  ? 0.3023 0.3383 0.3331 0.0493  -0.0442 0.0355  228 HOH A O   
546 O O   . HOH D .  ? 0.3782 0.3567 0.4198 -0.0709 0.0557  -0.2002 229 HOH A O   
547 O O   . HOH D .  ? 0.2736 0.4732 0.2223 0.0915  0.0195  -0.1104 230 HOH A O   
548 O O   . HOH D .  ? 0.4632 0.2941 0.3698 -0.0234 -0.0773 0.0834  231 HOH A O   
549 O O   . HOH D .  ? 0.1969 0.3340 0.2283 -0.1001 -0.0934 0.0473  232 HOH A O   
550 O O   . HOH D .  ? 0.4833 0.3751 0.2726 -0.1230 0.0626  -0.0532 233 HOH A O   
551 O O   . HOH D .  ? 0.6628 0.2736 0.2964 0.0747  -0.0843 -0.0276 234 HOH A O   
552 O O   . HOH D .  ? 0.5318 0.2703 0.5071 -0.1412 0.0177  -0.1672 235 HOH A O   
553 O O   . HOH D .  ? 0.3816 0.3277 0.4255 -0.0686 0.1371  -0.1064 236 HOH A O   
554 O O   . HOH D .  ? 0.3627 0.2200 0.5406 0.0608  0.0691  0.0535  237 HOH A O   
555 O O   . HOH D .  ? 0.3713 0.2065 0.3199 0.0164  -0.1049 -0.0551 238 HOH A O   
556 O O   . HOH D .  ? 0.4622 0.5241 0.6125 -0.1666 -0.0085 -0.1990 239 HOH A O   
557 O O   . HOH D .  ? 0.4858 0.4055 0.3590 -0.0114 0.0848  0.0206  240 HOH A O   
558 O O   . HOH D .  ? 0.4937 0.3149 0.3210 0.0341  -0.1407 0.0442  241 HOH A O   
559 O O   . HOH D .  ? 0.2213 0.3861 0.3307 -0.0294 -0.0801 -0.0746 242 HOH A O   
560 O O   . HOH D .  ? 0.3425 0.4681 0.5432 -0.1165 0.0165  0.1010  243 HOH A O   
561 O O   . HOH D .  ? 0.4526 0.5183 0.2591 -0.0472 0.0273  -0.1277 244 HOH A O   
562 O O   . HOH D .  ? 0.3219 0.6182 0.5995 -0.0613 -0.0159 0.2009  245 HOH A O   
563 O O   . HOH D .  ? 0.3279 0.4586 0.3070 0.0249  0.0668  0.0638  246 HOH A O   
564 O O   . HOH D .  ? 0.5720 0.5497 0.4822 0.0018  0.1379  0.0558  247 HOH A O   
565 O O   . HOH D .  ? 0.5544 0.9354 0.6147 0.0792  0.1588  0.1853  248 HOH A O   
566 O O   . HOH D .  ? 0.4073 0.4235 0.2482 -0.0853 0.0168  -0.1004 249 HOH A O   
567 O O   . HOH D .  ? 0.1914 0.1563 0.1543 0.0249  -0.0308 -0.0066 250 HOH A O   
568 O O   . HOH D .  ? 0.5673 0.4508 0.6695 0.0758  0.0233  -0.0114 251 HOH A O   
569 O O   . HOH D .  ? 0.6227 0.3853 0.4065 -0.0096 -0.1060 0.1238  252 HOH A O   
570 O O   . HOH D .  ? 0.6195 0.3369 0.4821 0.1623  -0.0851 0.0724  253 HOH A O   
571 O O   . HOH D .  ? 0.7172 0.5357 0.3931 -0.0413 0.0436  -0.1532 254 HOH A O   
572 O O   . HOH D .  ? 0.3049 0.5837 0.6048 0.0978  0.0600  -0.0274 255 HOH A O   
573 O O   . HOH D .  ? 0.4190 0.4210 0.2192 0.0147  -0.0071 0.0783  256 HOH A O   
574 O O   . HOH D .  ? 0.7818 0.5791 0.3468 0.1601  0.1325  0.1929  257 HOH A O   
575 O O   . HOH D .  ? 0.6864 0.3337 0.5237 0.0420  -0.1670 -0.0945 258 HOH A O   
576 O O   . HOH D .  ? 0.5760 0.4436 0.4923 0.0694  -0.0510 -0.0257 259 HOH A O   
577 O O   . HOH D .  ? 0.0702 0.1690 0.0944 -0.0621 0.0137  -0.0598 260 HOH A O   
578 O O   . HOH D .  ? 0.7609 0.4664 0.5185 0.1218  -0.0005 -0.1127 261 HOH A O   
579 O O   . HOH D .  ? 0.6262 0.3814 0.6341 0.2189  0.1598  0.0965  262 HOH A O   
580 O O   . HOH D .  ? 0.3220 0.3246 0.3863 -0.0177 -0.0155 -0.0172 263 HOH A O   
581 O O   . HOH D .  ? 0.5443 0.3716 0.6658 -0.0321 0.4274  -0.0738 264 HOH A O   
582 O O   . HOH D .  ? 0.4701 0.3808 0.6454 -0.1212 -0.0447 -0.0506 265 HOH A O   
583 O O   . HOH D .  ? 0.9929 0.6001 0.4700 -0.0076 0.0314  -0.1416 266 HOH A O   
584 O O   . HOH D .  ? 0.6573 0.6451 0.3503 -0.0437 0.0156  0.0684  267 HOH A O   
585 O O   . HOH D .  ? 0.4894 0.3358 0.3016 -0.0015 0.0453  0.1299  268 HOH A O   
586 O O   . HOH D .  ? 0.7270 0.6698 0.8374 0.0026  -0.0079 -0.0996 269 HOH A O   
587 O O   . HOH D .  ? 0.3723 0.7822 0.2446 -0.2437 0.0386  0.0167  270 HOH A O   
588 O O   . HOH D .  ? 0.7179 0.3772 0.3143 0.0782  0.0148  0.1144  271 HOH A O   
589 O O   . HOH D .  ? 0.7069 0.3822 0.3495 0.0810  -0.0465 0.0178  272 HOH A O   
590 O O   . HOH D .  ? 0.2420 0.3031 0.3009 -0.1016 0.0119  -0.0192 273 HOH A O   
591 O O   . HOH D .  ? 0.4937 0.7427 0.6917 -0.0318 -0.1949 0.1858  274 HOH A O   
592 O O   . HOH D .  ? 0.8007 0.5116 0.4184 -0.0025 0.0481  0.0825  275 HOH A O   
593 O O   . HOH D .  ? 0.4173 0.3955 0.5214 -0.0604 0.1539  -0.0878 276 HOH A O   
594 O O   . HOH D .  ? 0.4614 0.4092 0.4005 0.0399  -0.2197 -0.0439 277 HOH A O   
595 O O   . HOH D .  ? 0.2988 0.3682 0.2897 0.0281  -0.0357 0.0270  278 HOH A O   
596 O O   . HOH D .  ? 0.3450 0.3142 0.1163 0.1298  -0.0081 -0.0271 279 HOH A O   
597 O O   . HOH D .  ? 0.3583 0.2932 0.3436 0.0277  0.0499  0.1145  280 HOH A O   
598 O O   . HOH D .  ? 0.5150 0.4220 0.5064 -0.1145 -0.0456 0.2162  281 HOH A O   
599 O O   . HOH D .  ? 0.4506 0.2553 0.4581 -0.1212 -0.0806 -0.0656 282 HOH A O   
600 O O   . HOH D .  ? 0.5722 0.7789 0.8349 -0.1274 -0.1012 -0.0442 283 HOH A O   
601 O O   . HOH D .  ? 0.5295 0.4689 0.5050 0.1810  -0.1032 0.1139  284 HOH A O   
602 O O   . HOH D .  ? 0.5859 0.5335 0.7059 -0.1513 0.0190  -0.0965 285 HOH A O   
603 O O   . HOH D .  ? 0.1952 0.4107 0.2321 -0.1283 -0.0561 0.0914  286 HOH A O   
604 O O   . HOH D .  ? 0.5805 0.5538 0.7841 0.1146  -0.0915 -0.0656 287 HOH A O   
605 O O   . HOH D .  ? 0.2861 0.1524 0.3765 -0.0029 0.0300  -0.0275 288 HOH A O   
606 O O   . HOH D .  ? 0.3797 0.4622 0.3753 -0.1760 0.0990  0.0860  289 HOH A O   
607 O O   . HOH D .  ? 0.1946 0.6093 0.2345 -0.0516 -0.0502 0.1626  290 HOH A O   
608 O O   . HOH D .  ? 0.3605 0.3700 0.3155 0.0602  -0.0049 -0.0294 291 HOH A O   
609 O O   . HOH D .  ? 0.1992 0.2482 0.3389 -0.0162 0.0695  0.0028  292 HOH A O   
610 O O   . HOH D .  ? 0.6889 0.8073 0.7131 0.0545  0.0096  0.1131  293 HOH A O   
611 O O   . HOH D .  ? 0.4149 0.3609 0.3472 -0.0669 0.0102  -0.0951 294 HOH A O   
612 O O   . HOH D .  ? 0.6511 0.6794 0.5894 -0.2226 0.0166  -0.0541 295 HOH A O   
613 O O   . HOH D .  ? 0.6625 0.3615 0.6924 -0.1212 0.1042  -0.0778 296 HOH A O   
614 O O   . HOH D .  ? 0.6701 0.6863 0.4470 0.0780  -0.0965 -0.0947 297 HOH A O   
615 O O   . HOH D .  ? 0.8673 0.8929 0.7651 -0.1164 -0.0042 -0.2075 298 HOH A O   
616 O O   . HOH D .  ? 0.3174 0.3768 0.3300 0.0003  -0.0561 -0.0067 299 HOH A O   
617 O O   . HOH D .  ? 0.5363 0.4089 0.5561 -0.0498 0.1180  -0.2618 300 HOH A O   
618 O O   . HOH D .  ? 0.7569 0.4006 0.6380 -0.2019 -0.2006 -0.1346 301 HOH A O   
619 O O   . HOH D .  ? 0.3358 0.2147 0.2034 -0.0270 0.0078  0.0715  302 HOH A O   
620 O O   . HOH D .  ? 0.3073 0.7654 0.2580 -0.0097 -0.1719 -0.0084 303 HOH A O   
621 O O   . HOH D .  ? 0.4776 0.5265 0.3738 0.0948  0.0359  -0.0769 304 HOH A O   
622 O O   . HOH D .  ? 0.4773 0.8833 0.6877 -0.2047 -0.0845 0.0615  305 HOH A O   
623 O O   . HOH D .  ? 0.0893 0.2819 0.2262 -0.0642 0.0155  0.1170  306 HOH A O   
624 O O   . HOH D .  ? 0.5058 0.8107 0.7444 -0.0360 -0.0264 0.0707  307 HOH A O   
625 O O   . HOH D .  ? 0.4820 0.4134 0.3568 0.0872  0.1165  -0.0652 308 HOH A O   
626 O O   . HOH D .  ? 0.5683 0.6958 0.6226 -0.0913 0.1738  0.1723  309 HOH A O   
627 O O   . HOH D .  ? 0.2884 0.4985 0.3061 -0.1021 -0.0057 -0.1886 310 HOH A O   
628 O O   . HOH D .  ? 0.7643 0.5769 0.6539 -0.0200 -0.0147 0.0396  311 HOH A O   
629 O O   . HOH D .  ? 0.6853 0.8059 0.5988 0.0150  -0.0277 0.1617  312 HOH A O   
630 O O   . HOH D .  ? 0.4181 0.6411 0.5566 -0.0834 0.0135  -0.0079 313 HOH A O   
631 O O   . HOH D .  ? 0.8632 0.9087 0.8206 0.0622  0.1796  0.1330  314 HOH A O   
632 O O   . HOH D .  ? 0.6987 0.8019 0.6671 -0.3366 -0.1938 -0.1936 315 HOH A O   
633 O O   . HOH D .  ? 0.7686 0.8262 0.6832 -0.0299 -0.1126 0.0965  316 HOH A O   
# 
